data_5FIP
#
_entry.id   5FIP
#
_cell.length_a   107.340
_cell.length_b   137.450
_cell.length_c   121.340
_cell.angle_alpha   90.00
_cell.angle_beta   114.44
_cell.angle_gamma   90.00
#
_symmetry.space_group_name_H-M   'C 1 2 1'
#
loop_
_entity.id
_entity.type
_entity.pdbx_description
1 polymer 'GH5 CELLULASE'
2 non-polymer DI(HYDROXYETHYL)ETHER
3 non-polymer 'TRIETHYLENE GLYCOL'
4 non-polymer 1,2-ETHANEDIOL
5 non-polymer 'ISOPROPYL ALCOHOL'
6 non-polymer 'CHLORIDE ION'
7 non-polymer 1-(2-METHOXY-ETHOXY)-2-{2-[2-(2-METHOXY-ETHOXY]-ETHOXY}-ETHANE
8 non-polymer 'TETRAETHYLENE GLYCOL'
9 water water
#
_entity_poly.entity_id   1
_entity_poly.type   'polypeptide(L)'
_entity_poly.pdbx_seq_one_letter_code
;MVKKPSLAGRLKIIEIDGRKTLGDQHGNPIQLRGMSTHGLQWFPQIINNNAFSALSKDWEANVIRLAMYVGEGGYSTDPS
VKEKVIEGINLAIKNDMYVIVDWHILNPGDPNAKIYSGAKEFFKEIASKYPNDLHIIYELANEPNPTESDITNDIAGWEK
VKKYAEPIIKMLRDMGNENIIIVGNPEWSTRPDLAVNDPIDDKNVMYSAHFYTGSASVWENGNKGHIARNIEKALENGLT
VFVTEWGTSEASGDGGPYLNEADEWLEFLNSNNISWVNWSLANKNEASAAFLPTTSLDPGNGKVWAVNQLSLSGEYVRAR
IKGIPYKPISRETM
;
_entity_poly.pdbx_strand_id   A,B,C,D
#
# COMPACT_ATOMS: atom_id res chain seq x y z
N MET A 1 -11.23 -3.02 6.46
CA MET A 1 -12.64 -3.22 6.89
C MET A 1 -13.37 -1.86 6.94
N VAL A 2 -14.45 -1.71 6.18
CA VAL A 2 -15.30 -0.50 6.29
C VAL A 2 -16.14 -0.60 7.57
N LYS A 3 -16.57 0.52 8.14
CA LYS A 3 -17.21 0.51 9.48
C LYS A 3 -18.64 -0.06 9.53
N LYS A 4 -18.85 -0.99 10.47
CA LYS A 4 -20.16 -1.62 10.70
C LYS A 4 -21.06 -0.76 11.61
N PRO A 5 -22.42 -0.96 11.56
CA PRO A 5 -23.33 -0.16 12.38
C PRO A 5 -23.04 -0.20 13.89
N SER A 6 -22.56 -1.34 14.41
CA SER A 6 -22.12 -1.41 15.83
C SER A 6 -21.08 -0.33 16.21
N LEU A 7 -20.26 0.13 15.27
CA LEU A 7 -19.32 1.22 15.57
C LEU A 7 -19.75 2.59 15.04
N ALA A 8 -20.37 2.58 13.86
CA ALA A 8 -20.75 3.84 13.20
C ALA A 8 -22.04 4.48 13.73
N GLY A 9 -22.97 3.65 14.21
CA GLY A 9 -24.30 4.10 14.69
C GLY A 9 -25.13 4.77 13.60
N ARG A 10 -25.80 5.86 13.98
CA ARG A 10 -26.66 6.62 13.05
C ARG A 10 -25.86 7.36 11.97
N LEU A 11 -26.23 7.06 10.72
CA LEU A 11 -25.64 7.74 9.57
C LEU A 11 -26.31 9.10 9.34
N LYS A 12 -25.52 10.06 8.88
CA LYS A 12 -26.03 11.40 8.57
C LYS A 12 -25.13 12.06 7.56
N ILE A 13 -25.72 12.95 6.75
CA ILE A 13 -24.91 13.80 5.90
C ILE A 13 -24.24 14.85 6.79
N ILE A 14 -22.92 15.01 6.61
CA ILE A 14 -22.09 15.97 7.34
C ILE A 14 -21.41 16.88 6.34
N GLU A 15 -20.94 18.03 6.81
CA GLU A 15 -20.14 18.90 6.00
C GLU A 15 -18.77 19.08 6.68
N ILE A 16 -17.70 18.89 5.90
CA ILE A 16 -16.32 19.03 6.41
C ILE A 16 -15.56 19.87 5.41
N ASP A 17 -15.03 20.99 5.88
CA ASP A 17 -14.23 21.89 5.07
C ASP A 17 -14.97 22.32 3.82
N GLY A 18 -16.25 22.60 4.00
CA GLY A 18 -17.15 23.02 2.97
C GLY A 18 -17.65 21.93 2.01
N ARG A 19 -17.34 20.67 2.26
CA ARG A 19 -17.82 19.59 1.40
C ARG A 19 -18.77 18.63 2.16
N LYS A 20 -19.92 18.32 1.56
CA LYS A 20 -20.84 17.35 2.17
C LYS A 20 -20.48 15.91 1.78
N THR A 21 -20.65 15.00 2.72
CA THR A 21 -20.48 13.58 2.44
C THR A 21 -21.24 12.76 3.49
N LEU A 22 -21.36 11.43 3.27
CA LEU A 22 -21.97 10.54 4.25
C LEU A 22 -21.04 10.44 5.43
N GLY A 23 -21.62 10.57 6.62
CA GLY A 23 -20.88 10.48 7.88
C GLY A 23 -21.51 9.57 8.88
N ASP A 24 -20.74 9.20 9.92
CA ASP A 24 -21.28 8.39 11.02
C ASP A 24 -21.76 9.26 12.19
N GLN A 25 -22.24 8.60 13.24
CA GLN A 25 -22.72 9.27 14.45
C GLN A 25 -21.70 10.23 15.12
N HIS A 26 -20.39 9.96 14.99
CA HIS A 26 -19.33 10.87 15.49
C HIS A 26 -19.00 12.04 14.56
N GLY A 27 -19.64 12.14 13.40
CA GLY A 27 -19.33 13.23 12.49
C GLY A 27 -18.10 13.02 11.64
N ASN A 28 -17.67 11.75 11.56
CA ASN A 28 -16.62 11.33 10.63
C ASN A 28 -17.15 10.70 9.32
N PRO A 29 -16.48 10.97 8.20
CA PRO A 29 -16.82 10.34 6.92
C PRO A 29 -16.85 8.82 7.00
N ILE A 30 -17.82 8.21 6.33
CA ILE A 30 -17.92 6.78 6.33
C ILE A 30 -18.26 6.35 4.90
N GLN A 31 -17.73 5.20 4.49
CA GLN A 31 -18.13 4.57 3.23
C GLN A 31 -18.79 3.23 3.47
N LEU A 32 -19.93 3.04 2.81
CA LEU A 32 -20.58 1.76 2.78
C LEU A 32 -20.16 0.96 1.53
N ARG A 33 -19.93 -0.35 1.72
CA ARG A 33 -19.59 -1.30 0.65
C ARG A 33 -20.27 -2.64 0.84
N GLY A 34 -20.95 -3.14 -0.20
CA GLY A 34 -21.63 -4.40 -0.05
C GLY A 34 -22.25 -4.89 -1.32
N MET A 35 -23.38 -5.60 -1.16
CA MET A 35 -23.96 -6.41 -2.21
CA MET A 35 -23.96 -6.42 -2.20
C MET A 35 -25.46 -6.28 -2.24
N SER A 36 -26.01 -6.34 -3.44
CA SER A 36 -27.44 -6.34 -3.59
C SER A 36 -27.90 -7.77 -3.87
N THR A 37 -29.03 -8.16 -3.26
CA THR A 37 -29.78 -9.33 -3.75
C THR A 37 -30.20 -9.06 -5.23
N HIS A 38 -30.43 -10.11 -6.01
CA HIS A 38 -31.17 -9.98 -7.25
C HIS A 38 -32.63 -9.84 -6.85
N GLY A 39 -33.55 -9.91 -7.82
CA GLY A 39 -34.99 -9.85 -7.56
C GLY A 39 -35.42 -10.87 -6.51
N LEU A 40 -36.06 -10.41 -5.45
CA LEU A 40 -36.44 -11.37 -4.38
C LEU A 40 -37.56 -12.36 -4.78
N GLN A 41 -38.31 -12.06 -5.85
CA GLN A 41 -39.24 -13.03 -6.46
C GLN A 41 -38.51 -14.14 -7.23
N TRP A 42 -37.21 -13.96 -7.55
CA TRP A 42 -36.45 -14.88 -8.40
C TRP A 42 -35.31 -15.59 -7.69
N PHE A 43 -34.66 -14.89 -6.77
CA PHE A 43 -33.58 -15.51 -5.98
C PHE A 43 -33.73 -15.38 -4.45
N PRO A 44 -34.94 -15.72 -3.90
CA PRO A 44 -35.15 -15.46 -2.46
C PRO A 44 -34.29 -16.31 -1.53
N GLN A 45 -33.65 -17.35 -2.09
CA GLN A 45 -32.84 -18.28 -1.28
CA GLN A 45 -32.76 -18.31 -1.40
C GLN A 45 -31.62 -17.65 -0.61
N ILE A 46 -31.24 -16.44 -1.05
CA ILE A 46 -30.13 -15.71 -0.42
C ILE A 46 -30.50 -15.21 0.97
N ILE A 47 -31.81 -15.11 1.25
CA ILE A 47 -32.35 -14.64 2.54
C ILE A 47 -32.30 -15.80 3.56
N ASN A 48 -31.10 -16.02 4.08
CA ASN A 48 -30.86 -17.03 5.08
C ASN A 48 -29.71 -16.52 5.91
N ASN A 49 -29.70 -16.87 7.20
CA ASN A 49 -28.64 -16.40 8.10
C ASN A 49 -27.20 -16.72 7.69
N ASN A 50 -26.97 -17.86 7.05
CA ASN A 50 -25.61 -18.31 6.74
C ASN A 50 -24.97 -17.44 5.67
N ALA A 51 -25.75 -17.16 4.62
CA ALA A 51 -25.37 -16.18 3.60
C ALA A 51 -25.07 -14.81 4.22
N PHE A 52 -25.96 -14.30 5.07
CA PHE A 52 -25.78 -12.92 5.62
C PHE A 52 -24.57 -12.85 6.56
N SER A 53 -24.35 -13.93 7.32
CA SER A 53 -23.18 -14.03 8.19
C SER A 53 -21.88 -14.06 7.40
N ALA A 54 -21.85 -14.85 6.31
CA ALA A 54 -20.67 -14.93 5.47
C ALA A 54 -20.35 -13.59 4.81
N LEU A 55 -21.40 -12.94 4.30
CA LEU A 55 -21.24 -11.57 3.74
C LEU A 55 -20.68 -10.56 4.75
N SER A 56 -21.23 -10.56 5.96
CA SER A 56 -20.76 -9.60 6.97
C SER A 56 -19.33 -9.89 7.45
N LYS A 57 -19.06 -11.19 7.70
CA LYS A 57 -17.78 -11.62 8.32
C LYS A 57 -16.66 -11.82 7.31
N ASP A 58 -16.93 -12.63 6.28
CA ASP A 58 -15.91 -13.04 5.33
C ASP A 58 -15.66 -12.00 4.25
N TRP A 59 -16.75 -11.46 3.72
CA TRP A 59 -16.68 -10.42 2.65
C TRP A 59 -16.45 -9.05 3.28
N GLU A 60 -16.70 -8.97 4.59
CA GLU A 60 -16.54 -7.72 5.37
C GLU A 60 -17.44 -6.58 4.81
N ALA A 61 -18.63 -6.94 4.31
CA ALA A 61 -19.60 -5.95 3.84
C ALA A 61 -20.21 -5.21 5.05
N ASN A 62 -20.41 -3.90 4.95
CA ASN A 62 -21.19 -3.24 5.98
C ASN A 62 -22.62 -2.85 5.54
N VAL A 63 -23.03 -3.31 4.35
CA VAL A 63 -24.37 -3.05 3.83
C VAL A 63 -24.81 -4.20 2.94
N ILE A 64 -26.10 -4.47 2.95
CA ILE A 64 -26.67 -5.39 1.99
C ILE A 64 -27.95 -4.70 1.49
N ARG A 65 -28.25 -4.87 0.21
CA ARG A 65 -29.43 -4.29 -0.39
C ARG A 65 -30.44 -5.38 -0.71
N LEU A 66 -31.66 -5.18 -0.27
CA LEU A 66 -32.76 -6.07 -0.58
C LEU A 66 -33.57 -5.53 -1.77
N ALA A 67 -33.39 -6.14 -2.94
CA ALA A 67 -34.09 -5.70 -4.16
C ALA A 67 -35.51 -6.28 -4.29
N MET A 68 -36.51 -5.56 -3.79
CA MET A 68 -37.87 -6.04 -3.92
C MET A 68 -38.53 -5.48 -5.20
N TYR A 69 -38.54 -6.29 -6.26
CA TYR A 69 -39.32 -5.97 -7.44
C TYR A 69 -40.79 -5.82 -7.07
N VAL A 70 -41.44 -4.92 -7.78
CA VAL A 70 -42.86 -4.69 -7.60
C VAL A 70 -43.63 -5.23 -8.82
N GLY A 71 -43.21 -4.82 -10.03
CA GLY A 71 -43.66 -5.49 -11.26
C GLY A 71 -42.93 -6.83 -11.45
N GLU A 72 -43.10 -7.43 -12.63
CA GLU A 72 -42.36 -8.65 -13.04
C GLU A 72 -42.49 -9.81 -12.02
N GLY A 73 -43.71 -9.96 -11.51
CA GLY A 73 -44.10 -11.01 -10.58
C GLY A 73 -43.64 -10.71 -9.18
N GLY A 74 -43.42 -9.42 -8.90
CA GLY A 74 -42.99 -8.95 -7.59
C GLY A 74 -44.17 -8.61 -6.70
N TYR A 75 -43.96 -7.62 -5.85
CA TYR A 75 -44.85 -7.31 -4.75
C TYR A 75 -46.29 -6.97 -5.16
N SER A 76 -46.50 -6.44 -6.36
CA SER A 76 -47.85 -6.03 -6.79
C SER A 76 -48.75 -7.23 -7.11
N THR A 77 -48.14 -8.29 -7.66
CA THR A 77 -48.87 -9.53 -7.94
C THR A 77 -48.75 -10.55 -6.80
N ASP A 78 -47.56 -10.66 -6.19
CA ASP A 78 -47.34 -11.55 -5.03
C ASP A 78 -46.78 -10.79 -3.81
N PRO A 79 -47.67 -10.12 -3.03
CA PRO A 79 -47.25 -9.30 -1.89
C PRO A 79 -46.50 -10.04 -0.76
N SER A 80 -46.54 -11.37 -0.76
CA SER A 80 -45.83 -12.20 0.24
C SER A 80 -44.29 -12.06 0.17
N VAL A 81 -43.79 -11.58 -0.96
CA VAL A 81 -42.37 -11.18 -1.07
C VAL A 81 -41.88 -10.17 0.00
N LYS A 82 -42.81 -9.36 0.53
CA LYS A 82 -42.55 -8.46 1.68
CA LYS A 82 -42.52 -8.46 1.65
C LYS A 82 -41.90 -9.19 2.85
N GLU A 83 -42.33 -10.45 3.10
CA GLU A 83 -41.76 -11.24 4.20
CA GLU A 83 -41.77 -11.30 4.15
C GLU A 83 -40.28 -11.60 4.01
N LYS A 84 -39.84 -11.72 2.76
CA LYS A 84 -38.42 -11.93 2.48
C LYS A 84 -37.62 -10.67 2.81
N VAL A 85 -38.24 -9.52 2.56
CA VAL A 85 -37.68 -8.22 3.01
C VAL A 85 -37.58 -8.18 4.54
N ILE A 86 -38.70 -8.48 5.23
CA ILE A 86 -38.76 -8.40 6.70
C ILE A 86 -37.69 -9.31 7.32
N GLU A 87 -37.59 -10.53 6.80
CA GLU A 87 -36.55 -11.47 7.21
C GLU A 87 -35.13 -10.97 6.90
N GLY A 88 -34.93 -10.42 5.70
CA GLY A 88 -33.62 -9.82 5.36
C GLY A 88 -33.25 -8.66 6.27
N ILE A 89 -34.22 -7.81 6.63
CA ILE A 89 -33.95 -6.77 7.67
C ILE A 89 -33.46 -7.41 8.99
N ASN A 90 -34.18 -8.43 9.48
CA ASN A 90 -33.80 -9.09 10.78
C ASN A 90 -32.40 -9.66 10.70
N LEU A 91 -32.12 -10.31 9.58
CA LEU A 91 -30.84 -10.95 9.34
C LEU A 91 -29.67 -9.98 9.22
N ALA A 92 -29.93 -8.83 8.60
CA ALA A 92 -28.90 -7.79 8.50
C ALA A 92 -28.59 -7.21 9.89
N ILE A 93 -29.65 -6.95 10.68
CA ILE A 93 -29.49 -6.44 12.04
C ILE A 93 -28.70 -7.47 12.85
N LYS A 94 -29.13 -8.73 12.81
CA LYS A 94 -28.42 -9.83 13.51
C LYS A 94 -26.93 -9.89 13.13
N ASN A 95 -26.63 -9.58 11.88
CA ASN A 95 -25.27 -9.72 11.38
C ASN A 95 -24.46 -8.44 11.25
N ASP A 96 -24.96 -7.36 11.85
CA ASP A 96 -24.21 -6.09 11.94
C ASP A 96 -23.90 -5.47 10.56
N MET A 97 -24.94 -5.37 9.72
CA MET A 97 -24.83 -4.62 8.46
CA MET A 97 -24.82 -4.60 8.49
C MET A 97 -25.94 -3.59 8.37
N TYR A 98 -25.66 -2.47 7.68
CA TYR A 98 -26.73 -1.59 7.20
C TYR A 98 -27.55 -2.36 6.18
N VAL A 99 -28.82 -2.01 6.03
CA VAL A 99 -29.69 -2.72 5.12
C VAL A 99 -30.46 -1.70 4.30
N ILE A 100 -30.27 -1.77 2.99
CA ILE A 100 -31.06 -0.96 2.06
C ILE A 100 -32.35 -1.69 1.69
N VAL A 101 -33.46 -1.06 2.01
CA VAL A 101 -34.77 -1.56 1.60
C VAL A 101 -35.09 -0.88 0.27
N ASP A 102 -35.05 -1.67 -0.80
CA ASP A 102 -35.12 -1.14 -2.16
C ASP A 102 -36.48 -1.47 -2.81
N TRP A 103 -37.31 -0.44 -2.96
CA TRP A 103 -38.53 -0.52 -3.78
C TRP A 103 -38.12 -0.48 -5.26
N HIS A 104 -38.00 -1.67 -5.83
CA HIS A 104 -37.17 -1.87 -7.04
C HIS A 104 -38.00 -1.70 -8.32
N ILE A 105 -38.35 -0.46 -8.62
CA ILE A 105 -39.08 -0.17 -9.86
C ILE A 105 -38.14 -0.40 -11.04
N LEU A 106 -38.72 -0.81 -12.15
CA LEU A 106 -37.94 -1.02 -13.37
C LEU A 106 -38.80 -0.95 -14.63
N ASN A 107 -39.84 -1.81 -14.68
CA ASN A 107 -40.80 -1.79 -15.79
CA ASN A 107 -40.77 -1.88 -15.80
C ASN A 107 -42.19 -1.85 -15.19
N PRO A 108 -42.96 -0.77 -15.32
CA PRO A 108 -42.67 0.47 -16.03
C PRO A 108 -41.69 1.40 -15.27
N GLY A 109 -41.13 2.39 -15.95
CA GLY A 109 -40.12 3.29 -15.33
C GLY A 109 -40.63 4.49 -14.53
N ASP A 110 -41.97 4.67 -14.43
CA ASP A 110 -42.53 5.80 -13.65
C ASP A 110 -42.89 5.34 -12.24
N PRO A 111 -42.23 5.92 -11.22
CA PRO A 111 -42.54 5.52 -9.87
C PRO A 111 -43.99 5.88 -9.48
N ASN A 112 -44.61 6.79 -10.22
CA ASN A 112 -46.01 7.18 -10.03
C ASN A 112 -47.02 6.25 -10.70
N ALA A 113 -46.58 5.29 -11.53
CA ALA A 113 -47.51 4.33 -12.17
C ALA A 113 -48.37 3.56 -11.16
N LYS A 114 -49.62 3.27 -11.57
CA LYS A 114 -50.65 2.63 -10.72
CA LYS A 114 -50.59 2.69 -10.65
C LYS A 114 -50.16 1.34 -10.06
N ILE A 115 -49.40 0.55 -10.83
CA ILE A 115 -48.81 -0.72 -10.38
C ILE A 115 -47.95 -0.53 -9.10
N TYR A 116 -47.46 0.70 -8.86
CA TYR A 116 -46.57 0.98 -7.74
C TYR A 116 -47.29 1.71 -6.60
N SER A 117 -48.64 1.70 -6.62
CA SER A 117 -49.38 2.63 -5.77
C SER A 117 -49.31 2.24 -4.28
N GLY A 118 -48.84 1.01 -4.02
CA GLY A 118 -48.56 0.53 -2.66
C GLY A 118 -47.28 1.02 -1.99
N ALA A 119 -46.51 1.87 -2.66
CA ALA A 119 -45.17 2.31 -2.16
C ALA A 119 -45.19 2.93 -0.77
N LYS A 120 -46.01 3.99 -0.60
CA LYS A 120 -46.04 4.74 0.68
C LYS A 120 -46.44 3.83 1.83
N GLU A 121 -47.45 2.99 1.59
CA GLU A 121 -47.94 2.02 2.58
C GLU A 121 -46.85 1.03 2.97
N PHE A 122 -46.13 0.52 1.98
CA PHE A 122 -45.04 -0.42 2.21
C PHE A 122 -43.97 0.16 3.11
N PHE A 123 -43.55 1.39 2.81
CA PHE A 123 -42.54 2.05 3.64
C PHE A 123 -43.03 2.35 5.05
N LYS A 124 -44.31 2.73 5.19
CA LYS A 124 -44.94 2.98 6.49
CA LYS A 124 -44.91 2.99 6.51
C LYS A 124 -44.88 1.73 7.34
N GLU A 125 -45.26 0.59 6.73
CA GLU A 125 -45.24 -0.72 7.40
C GLU A 125 -43.85 -1.12 7.88
N ILE A 126 -42.85 -1.04 7.01
CA ILE A 126 -41.47 -1.33 7.42
C ILE A 126 -41.00 -0.39 8.52
N ALA A 127 -41.25 0.91 8.37
CA ALA A 127 -40.76 1.86 9.37
C ALA A 127 -41.51 1.73 10.71
N SER A 128 -42.82 1.41 10.64
CA SER A 128 -43.63 1.10 11.82
C SER A 128 -43.08 -0.10 12.59
N LYS A 129 -42.65 -1.13 11.87
CA LYS A 129 -42.04 -2.34 12.44
C LYS A 129 -40.66 -2.07 13.00
N TYR A 130 -39.88 -1.23 12.34
CA TYR A 130 -38.52 -0.91 12.80
C TYR A 130 -38.33 0.60 13.02
N PRO A 131 -39.00 1.19 14.04
CA PRO A 131 -39.02 2.67 14.20
C PRO A 131 -37.65 3.31 14.35
N ASN A 132 -37.30 4.23 13.44
CA ASN A 132 -36.00 4.92 13.47
C ASN A 132 -34.79 4.02 13.77
N ASP A 133 -34.85 2.81 13.21
CA ASP A 133 -33.77 1.84 13.36
C ASP A 133 -32.54 2.32 12.57
N LEU A 134 -31.41 2.42 13.26
CA LEU A 134 -30.20 2.95 12.63
C LEU A 134 -29.66 2.07 11.50
N HIS A 135 -30.11 0.81 11.43
CA HIS A 135 -29.63 -0.13 10.40
C HIS A 135 -30.19 0.15 8.99
N ILE A 136 -31.37 0.74 8.94
CA ILE A 136 -32.15 0.77 7.72
C ILE A 136 -31.89 2.04 6.92
N ILE A 137 -31.70 1.82 5.63
CA ILE A 137 -31.61 2.88 4.62
C ILE A 137 -32.75 2.64 3.63
N TYR A 138 -33.55 3.69 3.35
CA TYR A 138 -34.70 3.52 2.46
C TYR A 138 -34.35 3.99 1.07
N GLU A 139 -34.53 3.11 0.08
CA GLU A 139 -34.27 3.49 -1.33
C GLU A 139 -35.64 3.46 -2.02
N LEU A 140 -36.17 4.63 -2.32
CA LEU A 140 -37.59 4.76 -2.69
C LEU A 140 -37.98 4.30 -4.05
N ALA A 141 -37.04 4.37 -4.99
CA ALA A 141 -37.36 3.99 -6.37
C ALA A 141 -36.08 3.66 -7.12
N ASN A 142 -35.79 2.37 -7.21
CA ASN A 142 -34.55 1.90 -7.83
C ASN A 142 -34.10 2.70 -9.05
N GLU A 143 -34.86 2.58 -10.14
CA GLU A 143 -34.48 3.15 -11.42
C GLU A 143 -35.68 3.78 -12.11
N PRO A 144 -36.01 5.05 -11.76
CA PRO A 144 -36.89 5.80 -12.67
C PRO A 144 -36.27 5.80 -14.06
N ASN A 145 -37.08 5.57 -15.09
CA ASN A 145 -36.57 5.44 -16.43
C ASN A 145 -37.65 5.64 -17.51
N PRO A 146 -37.29 5.72 -18.80
CA PRO A 146 -38.35 6.09 -19.76
C PRO A 146 -39.32 4.98 -20.24
N THR A 147 -39.13 3.74 -19.76
CA THR A 147 -39.86 2.56 -20.24
C THR A 147 -41.33 2.67 -19.83
N GLU A 148 -42.21 2.79 -20.82
CA GLU A 148 -43.66 2.93 -20.57
CA GLU A 148 -43.65 2.97 -20.61
C GLU A 148 -43.90 4.07 -19.59
N SER A 149 -43.22 5.20 -19.78
CA SER A 149 -43.33 6.28 -18.78
C SER A 149 -43.07 7.64 -19.36
N ASP A 150 -43.44 8.65 -18.56
CA ASP A 150 -43.17 10.03 -18.91
CA ASP A 150 -43.18 10.03 -18.91
C ASP A 150 -41.99 10.57 -18.09
N ILE A 151 -41.15 9.66 -17.58
CA ILE A 151 -39.90 10.12 -16.92
C ILE A 151 -38.89 10.43 -18.01
N THR A 152 -38.87 11.69 -18.38
CA THR A 152 -38.06 12.14 -19.47
C THR A 152 -36.65 12.45 -18.91
N ASN A 153 -35.68 12.47 -19.79
CA ASN A 153 -34.25 12.62 -19.44
C ASN A 153 -33.89 14.12 -19.26
N ASP A 154 -34.57 14.77 -18.33
CA ASP A 154 -34.46 16.22 -18.19
C ASP A 154 -35.05 16.65 -16.84
N ILE A 155 -35.09 17.97 -16.58
CA ILE A 155 -35.62 18.51 -15.32
CA ILE A 155 -35.63 18.52 -15.32
C ILE A 155 -37.05 18.03 -15.07
N ALA A 156 -37.88 18.01 -16.12
CA ALA A 156 -39.25 17.56 -15.97
C ALA A 156 -39.37 16.11 -15.45
N GLY A 157 -38.49 15.24 -15.92
CA GLY A 157 -38.46 13.85 -15.42
C GLY A 157 -38.02 13.77 -13.95
N TRP A 158 -36.99 14.56 -13.58
CA TRP A 158 -36.62 14.63 -12.15
C TRP A 158 -37.82 15.08 -11.29
N GLU A 159 -38.57 16.07 -11.77
CA GLU A 159 -39.62 16.67 -10.94
C GLU A 159 -40.72 15.62 -10.67
N LYS A 160 -40.92 14.71 -11.62
CA LYS A 160 -41.90 13.65 -11.43
C LYS A 160 -41.44 12.63 -10.40
N VAL A 161 -40.13 12.39 -10.34
CA VAL A 161 -39.56 11.51 -9.32
C VAL A 161 -39.68 12.21 -7.94
N LYS A 162 -39.34 13.50 -7.91
CA LYS A 162 -39.40 14.27 -6.66
C LYS A 162 -40.83 14.33 -6.08
N LYS A 163 -41.81 14.57 -6.96
CA LYS A 163 -43.22 14.57 -6.54
CA LYS A 163 -43.24 14.57 -6.59
C LYS A 163 -43.62 13.22 -5.96
N TYR A 164 -43.10 12.13 -6.52
CA TYR A 164 -43.32 10.79 -5.95
C TYR A 164 -42.69 10.61 -4.55
N ALA A 165 -41.45 11.09 -4.41
CA ALA A 165 -40.65 10.82 -3.20
C ALA A 165 -41.09 11.59 -1.97
N GLU A 166 -41.45 12.86 -2.18
CA GLU A 166 -41.70 13.80 -1.06
C GLU A 166 -42.76 13.39 -0.07
N PRO A 167 -43.95 12.91 -0.54
CA PRO A 167 -44.98 12.43 0.42
C PRO A 167 -44.46 11.27 1.27
N ILE A 168 -43.64 10.39 0.67
CA ILE A 168 -43.03 9.23 1.38
C ILE A 168 -41.99 9.67 2.41
N ILE A 169 -41.08 10.58 2.00
CA ILE A 169 -40.14 11.23 2.92
C ILE A 169 -40.87 11.92 4.10
N LYS A 170 -41.89 12.70 3.77
CA LYS A 170 -42.66 13.47 4.78
C LYS A 170 -43.30 12.52 5.78
N MET A 171 -43.93 11.46 5.29
CA MET A 171 -44.49 10.39 6.14
C MET A 171 -43.40 9.79 7.07
N LEU A 172 -42.25 9.45 6.50
CA LEU A 172 -41.15 8.84 7.27
C LEU A 172 -40.62 9.75 8.35
N ARG A 173 -40.41 11.01 7.99
CA ARG A 173 -39.88 12.00 8.93
C ARG A 173 -40.96 12.31 10.01
N ASP A 174 -42.23 12.33 9.61
CA ASP A 174 -43.32 12.74 10.50
C ASP A 174 -43.52 11.78 11.66
N MET A 175 -43.28 10.48 11.46
CA MET A 175 -43.27 9.54 12.59
C MET A 175 -41.89 9.23 13.19
N GLY A 176 -40.89 10.08 12.93
CA GLY A 176 -39.64 10.06 13.69
C GLY A 176 -38.48 9.29 13.09
N ASN A 177 -38.59 8.88 11.84
CA ASN A 177 -37.48 8.19 11.16
C ASN A 177 -36.43 9.14 10.61
N GLU A 178 -35.22 9.03 11.12
CA GLU A 178 -34.17 9.95 10.70
CA GLU A 178 -34.06 9.89 10.83
C GLU A 178 -33.14 9.26 9.78
N ASN A 179 -33.56 8.12 9.22
CA ASN A 179 -32.73 7.27 8.33
C ASN A 179 -32.25 7.97 7.10
N ILE A 180 -31.12 7.52 6.57
CA ILE A 180 -30.76 7.91 5.23
C ILE A 180 -31.84 7.48 4.25
N ILE A 181 -32.27 8.40 3.37
CA ILE A 181 -33.18 8.03 2.28
C ILE A 181 -32.48 8.30 0.95
N ILE A 182 -32.49 7.31 0.05
CA ILE A 182 -31.80 7.45 -1.24
C ILE A 182 -32.86 7.55 -2.35
N VAL A 183 -32.77 8.60 -3.16
CA VAL A 183 -33.74 8.87 -4.23
C VAL A 183 -33.07 8.70 -5.59
N GLY A 184 -33.72 7.89 -6.42
CA GLY A 184 -33.25 7.63 -7.77
C GLY A 184 -33.61 8.83 -8.63
N ASN A 185 -33.34 8.72 -9.91
CA ASN A 185 -33.44 9.82 -10.78
C ASN A 185 -33.54 9.34 -12.23
N PRO A 186 -33.73 10.27 -13.22
CA PRO A 186 -33.99 9.75 -14.58
C PRO A 186 -32.94 8.89 -15.26
N GLU A 187 -33.39 8.25 -16.34
CA GLU A 187 -32.54 7.47 -17.22
C GLU A 187 -31.82 6.32 -16.47
N TRP A 188 -32.61 5.56 -15.73
CA TRP A 188 -32.16 4.41 -14.91
C TRP A 188 -31.17 4.86 -13.81
N SER A 189 -31.51 5.97 -13.13
CA SER A 189 -30.71 6.53 -12.05
C SER A 189 -29.27 6.81 -12.51
N THR A 190 -29.17 7.43 -13.67
CA THR A 190 -27.87 7.94 -14.17
C THR A 190 -27.77 9.47 -14.18
N ARG A 191 -28.80 10.10 -13.60
CA ARG A 191 -28.94 11.58 -13.62
C ARG A 191 -29.10 12.21 -12.25
N PRO A 192 -28.19 11.91 -11.29
CA PRO A 192 -28.26 12.66 -10.04
C PRO A 192 -28.06 14.18 -10.24
N ASP A 193 -27.38 14.59 -11.34
CA ASP A 193 -27.17 16.01 -11.65
C ASP A 193 -28.47 16.75 -11.92
N LEU A 194 -29.51 16.06 -12.45
CA LEU A 194 -30.81 16.69 -12.69
C LEU A 194 -31.48 17.25 -11.44
N ALA A 195 -31.17 16.70 -10.28
CA ALA A 195 -31.70 17.19 -9.01
C ALA A 195 -31.09 18.52 -8.54
N VAL A 196 -29.94 18.89 -9.10
CA VAL A 196 -29.22 20.14 -8.72
C VAL A 196 -30.18 21.33 -8.88
N ASN A 197 -31.06 21.24 -9.87
CA ASN A 197 -32.00 22.32 -10.22
C ASN A 197 -33.11 22.52 -9.20
N ASP A 198 -33.42 21.46 -8.46
CA ASP A 198 -34.50 21.48 -7.47
C ASP A 198 -34.33 20.33 -6.48
N PRO A 199 -33.31 20.41 -5.56
CA PRO A 199 -33.03 19.30 -4.63
CA PRO A 199 -33.04 19.28 -4.65
C PRO A 199 -34.18 19.12 -3.64
N ILE A 200 -34.24 17.94 -3.04
CA ILE A 200 -35.17 17.68 -1.92
C ILE A 200 -34.62 18.41 -0.67
N ASP A 201 -35.49 19.18 -0.02
CA ASP A 201 -35.15 19.98 1.16
CA ASP A 201 -35.12 19.97 1.14
C ASP A 201 -35.21 19.08 2.40
N ASP A 202 -34.32 18.11 2.48
CA ASP A 202 -34.23 17.19 3.63
C ASP A 202 -32.75 16.89 3.79
N LYS A 203 -32.25 17.04 5.02
CA LYS A 203 -30.81 17.02 5.27
C LYS A 203 -30.21 15.61 5.16
N ASN A 204 -31.06 14.59 5.16
CA ASN A 204 -30.58 13.18 5.09
C ASN A 204 -31.03 12.43 3.84
N VAL A 205 -31.23 13.15 2.74
CA VAL A 205 -31.57 12.54 1.46
C VAL A 205 -30.32 12.56 0.59
N MET A 206 -30.00 11.38 0.05
CA MET A 206 -28.96 11.16 -0.95
C MET A 206 -29.56 10.81 -2.31
N TYR A 207 -28.73 10.87 -3.35
CA TYR A 207 -29.15 10.57 -4.70
C TYR A 207 -28.37 9.42 -5.30
N SER A 208 -29.11 8.56 -6.00
CA SER A 208 -28.60 7.32 -6.59
C SER A 208 -27.78 7.62 -7.83
N ALA A 209 -26.77 6.79 -8.11
CA ALA A 209 -26.20 6.72 -9.43
C ALA A 209 -25.88 5.28 -9.70
N HIS A 210 -26.22 4.80 -10.89
CA HIS A 210 -25.95 3.40 -11.25
C HIS A 210 -25.03 3.36 -12.48
N PHE A 211 -24.19 2.32 -12.59
CA PHE A 211 -23.35 2.14 -13.80
C PHE A 211 -22.97 0.68 -13.95
N TYR A 212 -22.67 0.29 -15.17
CA TYR A 212 -22.21 -1.07 -15.49
C TYR A 212 -20.92 -0.89 -16.26
N THR A 213 -19.86 -1.55 -15.80
CA THR A 213 -18.50 -1.18 -16.25
C THR A 213 -18.20 -1.68 -17.67
N GLY A 214 -19.03 -2.58 -18.19
CA GLY A 214 -19.02 -2.89 -19.63
C GLY A 214 -19.70 -1.88 -20.54
N SER A 215 -20.40 -0.89 -19.97
CA SER A 215 -21.24 0.00 -20.77
C SER A 215 -20.92 1.46 -20.50
N ALA A 216 -20.13 1.73 -19.46
CA ALA A 216 -19.77 3.11 -19.17
C ALA A 216 -18.34 3.16 -18.62
N SER A 217 -17.65 4.23 -18.97
CA SER A 217 -16.26 4.47 -18.55
C SER A 217 -16.17 5.78 -17.80
N VAL A 218 -15.30 5.85 -16.79
CA VAL A 218 -15.01 7.13 -16.12
C VAL A 218 -14.44 8.18 -17.09
N TRP A 219 -13.49 7.76 -17.92
CA TRP A 219 -12.87 8.62 -18.92
C TRP A 219 -12.85 7.89 -20.26
N GLU A 220 -13.12 8.61 -21.34
CA GLU A 220 -13.04 8.05 -22.70
C GLU A 220 -12.62 9.17 -23.68
N ASN A 221 -11.56 8.92 -24.46
CA ASN A 221 -11.06 9.89 -25.46
C ASN A 221 -10.78 11.30 -24.93
N GLY A 222 -10.31 11.36 -23.69
CA GLY A 222 -10.01 12.63 -23.04
C GLY A 222 -11.17 13.23 -22.27
N ASN A 223 -12.38 12.72 -22.47
CA ASN A 223 -13.57 13.27 -21.80
C ASN A 223 -14.05 12.40 -20.65
N LYS A 224 -14.53 13.05 -19.60
CA LYS A 224 -15.20 12.33 -18.54
C LYS A 224 -16.48 11.74 -19.19
N GLY A 225 -16.72 10.45 -18.97
CA GLY A 225 -17.99 9.80 -19.41
C GLY A 225 -19.25 10.49 -18.88
N HIS A 226 -20.39 10.24 -19.53
CA HIS A 226 -21.67 10.85 -19.12
C HIS A 226 -22.01 10.55 -17.67
N ILE A 227 -21.99 9.28 -17.27
CA ILE A 227 -22.44 8.93 -15.91
C ILE A 227 -21.48 9.58 -14.90
N ALA A 228 -20.18 9.46 -15.14
CA ALA A 228 -19.15 10.01 -14.24
C ALA A 228 -19.29 11.52 -14.13
N ARG A 229 -19.50 12.18 -15.27
CA ARG A 229 -19.63 13.65 -15.23
CA ARG A 229 -19.67 13.64 -15.31
C ARG A 229 -20.95 14.07 -14.60
N ASN A 230 -22.01 13.27 -14.76
CA ASN A 230 -23.26 13.56 -14.03
C ASN A 230 -23.06 13.44 -12.54
N ILE A 231 -22.34 12.39 -12.12
CA ILE A 231 -22.02 12.23 -10.70
C ILE A 231 -21.28 13.49 -10.18
N GLU A 232 -20.28 13.89 -10.96
CA GLU A 232 -19.41 15.00 -10.57
C GLU A 232 -20.23 16.28 -10.44
N LYS A 233 -21.14 16.50 -11.39
CA LYS A 233 -21.96 17.72 -11.38
C LYS A 233 -22.88 17.78 -10.14
N ALA A 234 -23.50 16.65 -9.78
CA ALA A 234 -24.27 16.53 -8.52
C ALA A 234 -23.39 16.92 -7.31
N LEU A 235 -22.23 16.26 -7.21
CA LEU A 235 -21.23 16.51 -6.14
C LEU A 235 -20.84 17.97 -6.03
N GLU A 236 -20.56 18.61 -7.17
CA GLU A 236 -20.08 19.99 -7.16
C GLU A 236 -21.14 20.97 -6.73
N ASN A 237 -22.39 20.55 -6.78
CA ASN A 237 -23.48 21.42 -6.42
C ASN A 237 -24.11 21.06 -5.10
N GLY A 238 -23.37 20.33 -4.27
CA GLY A 238 -23.81 20.15 -2.89
C GLY A 238 -24.71 18.97 -2.63
N LEU A 239 -24.89 18.08 -3.61
CA LEU A 239 -25.64 16.83 -3.42
C LEU A 239 -24.65 15.71 -3.05
N THR A 240 -25.15 14.72 -2.34
CA THR A 240 -24.37 13.52 -2.04
C THR A 240 -24.92 12.37 -2.88
N VAL A 241 -24.01 11.54 -3.39
CA VAL A 241 -24.37 10.44 -4.29
C VAL A 241 -24.08 9.10 -3.57
N PHE A 242 -24.96 8.10 -3.74
CA PHE A 242 -24.75 6.76 -3.20
C PHE A 242 -24.96 5.81 -4.38
N VAL A 243 -24.01 4.93 -4.67
CA VAL A 243 -24.21 3.97 -5.78
C VAL A 243 -24.91 2.74 -5.24
N THR A 244 -26.22 2.68 -5.39
CA THR A 244 -26.96 1.60 -4.80
C THR A 244 -26.93 0.39 -5.71
N GLU A 245 -26.39 0.55 -6.92
CA GLU A 245 -26.34 -0.57 -7.90
C GLU A 245 -25.27 -0.31 -8.96
N TRP A 246 -24.28 -1.19 -9.05
CA TRP A 246 -23.34 -1.17 -10.16
C TRP A 246 -22.91 -2.63 -10.49
N GLY A 247 -22.57 -2.89 -11.73
CA GLY A 247 -22.12 -4.25 -12.06
C GLY A 247 -20.86 -4.22 -12.90
N THR A 248 -20.21 -5.37 -12.94
CA THR A 248 -18.99 -5.57 -13.73
C THR A 248 -19.28 -5.98 -15.18
N SER A 249 -20.55 -6.22 -15.48
CA SER A 249 -21.00 -6.57 -16.82
C SER A 249 -21.37 -5.34 -17.65
N GLU A 250 -21.96 -5.61 -18.82
CA GLU A 250 -22.68 -4.63 -19.59
C GLU A 250 -23.98 -4.36 -18.85
N ALA A 251 -24.66 -3.26 -19.22
CA ALA A 251 -25.94 -2.88 -18.61
C ALA A 251 -27.05 -3.95 -18.69
N SER A 252 -26.86 -4.93 -19.56
CA SER A 252 -27.74 -6.11 -19.63
C SER A 252 -27.61 -7.04 -18.39
N GLY A 253 -26.50 -6.94 -17.67
CA GLY A 253 -26.23 -7.85 -16.58
C GLY A 253 -25.35 -9.00 -17.01
N ASP A 254 -25.01 -9.05 -18.29
CA ASP A 254 -24.12 -10.08 -18.84
C ASP A 254 -22.98 -9.45 -19.65
N GLY A 255 -22.00 -10.27 -20.05
CA GLY A 255 -20.82 -9.79 -20.77
C GLY A 255 -19.69 -9.47 -19.82
N GLY A 256 -18.46 -9.62 -20.29
CA GLY A 256 -17.26 -9.43 -19.44
C GLY A 256 -17.07 -10.58 -18.45
N PRO A 257 -16.78 -10.34 -17.16
CA PRO A 257 -16.80 -9.02 -16.53
C PRO A 257 -15.67 -8.12 -16.99
N TYR A 258 -15.86 -6.82 -16.79
CA TYR A 258 -14.90 -5.81 -17.24
C TYR A 258 -14.25 -5.27 -16.01
N LEU A 259 -13.22 -5.98 -15.55
CA LEU A 259 -12.55 -5.70 -14.27
C LEU A 259 -11.58 -4.52 -14.26
N ASN A 260 -10.95 -4.23 -15.39
CA ASN A 260 -10.09 -3.06 -15.50
CA ASN A 260 -10.08 -3.07 -15.54
C ASN A 260 -10.88 -1.76 -15.44
N GLU A 261 -12.03 -1.73 -16.12
CA GLU A 261 -12.92 -0.56 -16.04
CA GLU A 261 -12.93 -0.57 -16.04
C GLU A 261 -13.48 -0.43 -14.63
N ALA A 262 -13.76 -1.57 -13.99
CA ALA A 262 -14.18 -1.63 -12.59
C ALA A 262 -13.18 -1.00 -11.64
N ASP A 263 -11.88 -1.26 -11.85
CA ASP A 263 -10.84 -0.58 -11.05
C ASP A 263 -10.94 0.91 -11.14
N GLU A 264 -11.15 1.43 -12.33
CA GLU A 264 -11.24 2.87 -12.55
C GLU A 264 -12.50 3.51 -11.87
N TRP A 265 -13.66 2.89 -12.06
CA TRP A 265 -14.91 3.27 -11.34
C TRP A 265 -14.72 3.26 -9.82
N LEU A 266 -14.19 2.16 -9.29
CA LEU A 266 -14.00 2.03 -7.85
C LEU A 266 -12.99 3.04 -7.28
N GLU A 267 -11.99 3.41 -8.08
CA GLU A 267 -11.05 4.46 -7.73
CA GLU A 267 -11.05 4.46 -7.70
C GLU A 267 -11.77 5.79 -7.66
N PHE A 268 -12.57 6.10 -8.71
CA PHE A 268 -13.41 7.30 -8.79
C PHE A 268 -14.36 7.40 -7.58
N LEU A 269 -15.04 6.29 -7.22
CA LEU A 269 -15.99 6.31 -6.07
C LEU A 269 -15.27 6.47 -4.73
N ASN A 270 -14.28 5.62 -4.49
CA ASN A 270 -13.50 5.63 -3.23
C ASN A 270 -12.89 6.99 -2.96
N SER A 271 -12.32 7.60 -3.98
CA SER A 271 -11.72 8.90 -3.81
C SER A 271 -12.72 10.04 -3.60
N ASN A 272 -14.01 9.81 -3.92
CA ASN A 272 -15.04 10.81 -3.61
C ASN A 272 -15.85 10.43 -2.39
N ASN A 273 -15.42 9.37 -1.68
CA ASN A 273 -16.19 8.79 -0.58
C ASN A 273 -17.65 8.48 -0.99
N ILE A 274 -17.80 7.89 -2.18
CA ILE A 274 -19.12 7.38 -2.63
C ILE A 274 -19.30 5.93 -2.22
N SER A 275 -20.35 5.71 -1.40
CA SER A 275 -20.75 4.37 -0.99
C SER A 275 -21.23 3.57 -2.21
N TRP A 276 -21.05 2.24 -2.17
CA TRP A 276 -21.41 1.40 -3.31
C TRP A 276 -21.85 -0.02 -3.01
N VAL A 277 -22.70 -0.55 -3.90
CA VAL A 277 -23.37 -1.81 -3.71
C VAL A 277 -23.38 -2.53 -5.06
N ASN A 278 -22.79 -3.73 -5.08
CA ASN A 278 -22.62 -4.50 -6.33
C ASN A 278 -23.80 -5.42 -6.67
N TRP A 279 -24.15 -5.49 -7.96
CA TRP A 279 -25.24 -6.34 -8.46
C TRP A 279 -24.52 -7.58 -9.08
N SER A 280 -24.79 -8.82 -8.62
CA SER A 280 -25.82 -9.17 -7.63
C SER A 280 -25.44 -10.49 -6.97
N LEU A 281 -26.20 -10.88 -5.93
CA LEU A 281 -26.02 -12.12 -5.19
C LEU A 281 -26.80 -13.29 -5.79
N ALA A 282 -26.82 -13.39 -7.11
CA ALA A 282 -27.56 -14.46 -7.78
C ALA A 282 -26.57 -15.52 -8.15
N ASN A 283 -27.09 -16.74 -8.35
CA ASN A 283 -26.36 -17.78 -9.05
C ASN A 283 -26.84 -17.95 -10.52
N LYS A 284 -27.54 -16.94 -11.06
CA LYS A 284 -27.90 -16.91 -12.49
C LYS A 284 -26.64 -17.00 -13.36
N ASN A 285 -26.78 -17.61 -14.54
CA ASN A 285 -25.68 -17.70 -15.50
C ASN A 285 -25.50 -16.43 -16.35
N GLU A 286 -24.98 -15.38 -15.71
CA GLU A 286 -24.63 -14.11 -16.37
C GLU A 286 -23.42 -13.54 -15.66
N ALA A 287 -22.63 -12.74 -16.35
CA ALA A 287 -21.36 -12.31 -15.82
C ALA A 287 -21.46 -11.47 -14.53
N SER A 288 -22.56 -10.76 -14.32
CA SER A 288 -22.62 -9.91 -13.13
C SER A 288 -22.90 -10.72 -11.84
N ALA A 289 -23.42 -11.96 -11.97
CA ALA A 289 -23.86 -12.76 -10.81
C ALA A 289 -22.61 -13.14 -10.01
N ALA A 290 -22.71 -13.04 -8.69
CA ALA A 290 -21.52 -13.22 -7.82
C ALA A 290 -21.09 -14.72 -7.67
N PHE A 291 -22.05 -15.61 -7.90
CA PHE A 291 -21.88 -17.03 -7.65
C PHE A 291 -21.97 -17.84 -8.92
N LEU A 292 -21.18 -18.92 -8.99
CA LEU A 292 -21.23 -19.82 -10.14
C LEU A 292 -22.62 -20.45 -10.20
N PRO A 293 -23.05 -20.89 -11.42
CA PRO A 293 -24.42 -21.44 -11.47
C PRO A 293 -24.61 -22.70 -10.59
N THR A 294 -23.51 -23.32 -10.22
CA THR A 294 -23.56 -24.55 -9.40
C THR A 294 -23.54 -24.28 -7.89
N THR A 295 -23.40 -23.02 -7.51
CA THR A 295 -23.25 -22.62 -6.12
C THR A 295 -24.57 -22.26 -5.49
N SER A 296 -24.80 -22.85 -4.33
CA SER A 296 -25.99 -22.64 -3.54
C SER A 296 -25.90 -21.25 -2.88
N LEU A 297 -27.06 -20.63 -2.69
CA LEU A 297 -27.10 -19.28 -2.04
C LEU A 297 -27.12 -19.38 -0.52
N ASP A 298 -27.17 -20.62 -0.01
CA ASP A 298 -26.94 -20.92 1.40
C ASP A 298 -25.62 -21.69 1.45
N PRO A 299 -24.53 -21.08 2.01
CA PRO A 299 -23.26 -21.82 2.03
C PRO A 299 -23.16 -22.90 3.15
N GLY A 300 -24.19 -23.01 4.01
CA GLY A 300 -24.22 -24.00 5.08
C GLY A 300 -23.94 -23.39 6.44
N ASN A 301 -24.37 -24.08 7.50
CA ASN A 301 -24.23 -23.55 8.85
CA ASN A 301 -24.23 -23.58 8.89
C ASN A 301 -22.78 -23.37 9.31
N GLY A 302 -22.46 -22.15 9.77
CA GLY A 302 -21.10 -21.80 10.17
C GLY A 302 -20.09 -21.78 9.04
N LYS A 303 -20.59 -21.86 7.81
CA LYS A 303 -19.77 -21.92 6.61
C LYS A 303 -19.91 -20.67 5.75
N VAL A 304 -18.86 -20.39 4.98
CA VAL A 304 -18.86 -19.34 3.97
C VAL A 304 -18.65 -20.00 2.59
N TRP A 305 -18.94 -19.27 1.50
CA TRP A 305 -18.55 -19.72 0.14
C TRP A 305 -17.03 -19.70 0.01
N ALA A 306 -16.46 -20.78 -0.54
CA ALA A 306 -15.06 -20.77 -0.95
C ALA A 306 -14.91 -19.86 -2.14
N VAL A 307 -13.73 -19.27 -2.30
CA VAL A 307 -13.43 -18.45 -3.49
C VAL A 307 -13.77 -19.13 -4.83
N ASN A 308 -13.41 -20.40 -4.99
CA ASN A 308 -13.70 -21.11 -6.23
C ASN A 308 -15.17 -21.46 -6.43
N GLN A 309 -16.03 -21.05 -5.50
CA GLN A 309 -17.49 -21.18 -5.70
C GLN A 309 -18.08 -19.88 -6.24
N LEU A 310 -17.23 -18.86 -6.32
CA LEU A 310 -17.63 -17.51 -6.72
C LEU A 310 -17.31 -17.39 -8.17
N SER A 311 -18.16 -16.65 -8.89
CA SER A 311 -17.83 -16.27 -10.25
C SER A 311 -16.59 -15.39 -10.24
N LEU A 312 -16.08 -15.06 -11.41
CA LEU A 312 -14.95 -14.15 -11.53
C LEU A 312 -15.37 -12.74 -10.99
N SER A 313 -16.61 -12.31 -11.26
CA SER A 313 -17.08 -10.99 -10.75
C SER A 313 -17.14 -11.05 -9.22
N GLY A 314 -17.80 -12.08 -8.70
CA GLY A 314 -17.99 -12.27 -7.25
C GLY A 314 -16.68 -12.29 -6.48
N GLU A 315 -15.69 -12.97 -7.05
CA GLU A 315 -14.34 -12.99 -6.51
C GLU A 315 -13.73 -11.60 -6.47
N TYR A 316 -13.76 -10.91 -7.60
CA TYR A 316 -13.21 -9.55 -7.69
C TYR A 316 -13.90 -8.57 -6.72
N VAL A 317 -15.24 -8.62 -6.69
CA VAL A 317 -16.02 -7.74 -5.81
C VAL A 317 -15.80 -8.00 -4.31
N ARG A 318 -15.80 -9.25 -3.91
CA ARG A 318 -15.44 -9.60 -2.55
C ARG A 318 -14.10 -8.99 -2.12
N ALA A 319 -13.11 -9.07 -3.01
CA ALA A 319 -11.79 -8.48 -2.75
C ALA A 319 -11.90 -6.99 -2.49
N ARG A 320 -12.63 -6.30 -3.39
CA ARG A 320 -12.80 -4.85 -3.34
C ARG A 320 -13.63 -4.38 -2.12
N ILE A 321 -14.61 -5.17 -1.70
CA ILE A 321 -15.35 -4.88 -0.44
C ILE A 321 -14.43 -4.96 0.77
N LYS A 322 -13.67 -6.07 0.89
CA LYS A 322 -12.63 -6.22 1.92
C LYS A 322 -11.52 -5.15 1.84
N GLY A 323 -11.26 -4.68 0.63
CA GLY A 323 -10.15 -3.74 0.43
C GLY A 323 -8.80 -4.41 0.33
N ILE A 324 -8.79 -5.70 -0.02
CA ILE A 324 -7.53 -6.48 -0.15
C ILE A 324 -7.05 -6.47 -1.59
N PRO A 325 -5.72 -6.67 -1.83
CA PRO A 325 -5.24 -6.81 -3.22
C PRO A 325 -6.03 -7.89 -3.96
N TYR A 326 -6.35 -7.62 -5.22
CA TYR A 326 -7.05 -8.60 -6.07
C TYR A 326 -6.02 -9.56 -6.63
N LYS A 327 -6.13 -10.84 -6.23
CA LYS A 327 -5.20 -11.91 -6.66
C LYS A 327 -6.08 -13.07 -7.05
N PRO A 328 -6.52 -13.10 -8.32
CA PRO A 328 -7.46 -14.14 -8.72
C PRO A 328 -6.84 -15.54 -8.66
N ILE A 329 -7.58 -16.53 -8.16
CA ILE A 329 -7.16 -17.93 -8.19
C ILE A 329 -7.15 -18.42 -9.64
N SER A 330 -6.40 -19.49 -9.93
CA SER A 330 -6.43 -20.09 -11.27
C SER A 330 -7.70 -20.94 -11.38
N ARG A 331 -8.30 -20.97 -12.56
CA ARG A 331 -9.64 -21.57 -12.76
C ARG A 331 -9.61 -22.76 -13.72
N MET B 1 -7.58 -6.97 9.26
CA MET B 1 -8.62 -7.87 9.83
C MET B 1 -8.03 -9.28 9.83
N VAL B 2 -7.36 -9.62 10.95
CA VAL B 2 -6.90 -11.00 11.23
C VAL B 2 -8.17 -11.81 11.51
N LYS B 3 -8.12 -13.11 11.21
CA LYS B 3 -9.33 -13.93 11.21
CA LYS B 3 -9.35 -13.91 11.21
C LYS B 3 -9.89 -14.26 12.60
N LYS B 4 -11.18 -14.02 12.77
CA LYS B 4 -11.88 -14.37 14.00
C LYS B 4 -12.34 -15.85 14.10
N PRO B 5 -12.55 -16.36 15.34
CA PRO B 5 -12.98 -17.76 15.55
C PRO B 5 -14.22 -18.16 14.75
N SER B 6 -15.13 -17.22 14.50
CA SER B 6 -16.34 -17.50 13.73
C SER B 6 -16.02 -18.00 12.33
N LEU B 7 -14.89 -17.56 11.76
CA LEU B 7 -14.45 -17.99 10.43
C LEU B 7 -13.33 -19.00 10.49
N ALA B 8 -12.42 -18.84 11.45
CA ALA B 8 -11.24 -19.71 11.56
C ALA B 8 -11.50 -21.06 12.25
N GLY B 9 -12.43 -21.08 13.20
CA GLY B 9 -12.79 -22.29 13.98
C GLY B 9 -11.59 -22.82 14.78
N ARG B 10 -11.40 -24.13 14.77
CA ARG B 10 -10.36 -24.74 15.62
C ARG B 10 -8.95 -24.50 15.07
N LEU B 11 -8.07 -24.04 15.95
CA LEU B 11 -6.69 -23.81 15.63
C LEU B 11 -5.91 -25.10 15.84
N LYS B 12 -4.91 -25.31 15.00
CA LYS B 12 -4.00 -26.43 15.19
C LYS B 12 -2.70 -26.08 14.51
N ILE B 13 -1.63 -26.75 14.88
CA ILE B 13 -0.35 -26.57 14.21
CA ILE B 13 -0.35 -26.56 14.20
C ILE B 13 -0.43 -27.35 12.89
N ILE B 14 -0.15 -26.68 11.77
CA ILE B 14 -0.26 -27.31 10.45
C ILE B 14 1.15 -27.31 9.87
N GLU B 15 1.38 -28.13 8.86
CA GLU B 15 2.67 -28.07 8.19
C GLU B 15 2.39 -27.88 6.71
N ILE B 16 2.99 -26.86 6.11
CA ILE B 16 2.76 -26.49 4.71
C ILE B 16 4.13 -26.33 4.08
N ASP B 17 4.40 -27.13 3.05
CA ASP B 17 5.69 -27.11 2.33
C ASP B 17 6.86 -27.25 3.27
N GLY B 18 6.66 -28.17 4.22
CA GLY B 18 7.67 -28.53 5.20
C GLY B 18 7.87 -27.55 6.35
N ARG B 19 7.04 -26.52 6.46
CA ARG B 19 7.15 -25.58 7.61
C ARG B 19 5.88 -25.66 8.47
N LYS B 20 6.06 -25.80 9.80
CA LYS B 20 4.96 -25.82 10.76
C LYS B 20 4.66 -24.37 11.17
N THR B 21 3.39 -24.10 11.35
CA THR B 21 2.91 -22.80 11.80
C THR B 21 1.51 -23.01 12.34
N LEU B 22 1.03 -22.01 13.07
CA LEU B 22 -0.32 -22.02 13.56
C LEU B 22 -1.26 -21.93 12.34
N GLY B 23 -2.29 -22.78 12.32
CA GLY B 23 -3.21 -22.82 11.22
C GLY B 23 -4.63 -22.91 11.74
N ASP B 24 -5.58 -22.65 10.83
CA ASP B 24 -6.99 -22.75 11.18
C ASP B 24 -7.58 -24.09 10.81
N GLN B 25 -8.87 -24.26 11.08
CA GLN B 25 -9.57 -25.50 10.82
C GLN B 25 -9.54 -25.91 9.35
N HIS B 26 -9.48 -24.94 8.44
CA HIS B 26 -9.40 -25.19 7.00
C HIS B 26 -8.00 -25.49 6.53
N GLY B 27 -7.04 -25.54 7.45
CA GLY B 27 -5.65 -25.82 7.08
C GLY B 27 -4.86 -24.67 6.50
N ASN B 28 -5.31 -23.44 6.70
CA ASN B 28 -4.57 -22.28 6.26
C ASN B 28 -3.83 -21.63 7.44
N PRO B 29 -2.65 -21.04 7.18
CA PRO B 29 -1.96 -20.30 8.24
C PRO B 29 -2.82 -19.19 8.81
N ILE B 30 -2.70 -18.97 10.11
CA ILE B 30 -3.44 -17.91 10.75
C ILE B 30 -2.53 -17.19 11.74
N GLN B 31 -2.71 -15.87 11.87
CA GLN B 31 -1.97 -15.10 12.90
C GLN B 31 -2.96 -14.50 13.87
N LEU B 32 -2.65 -14.62 15.16
CA LEU B 32 -3.47 -13.99 16.19
C LEU B 32 -2.78 -12.69 16.60
N ARG B 33 -3.58 -11.62 16.74
CA ARG B 33 -3.06 -10.31 17.24
C ARG B 33 -4.02 -9.77 18.29
N GLY B 34 -3.47 -9.32 19.41
CA GLY B 34 -4.39 -8.89 20.48
C GLY B 34 -3.71 -8.29 21.67
N MET B 35 -4.44 -8.28 22.79
CA MET B 35 -4.02 -7.58 24.00
C MET B 35 -4.07 -8.51 25.19
N SER B 36 -3.20 -8.26 26.16
CA SER B 36 -3.27 -8.94 27.43
C SER B 36 -3.87 -7.98 28.49
N THR B 37 -4.74 -8.50 29.32
CA THR B 37 -5.06 -7.84 30.58
C THR B 37 -3.76 -7.69 31.39
N HIS B 38 -3.72 -6.69 32.25
CA HIS B 38 -2.73 -6.67 33.31
C HIS B 38 -3.25 -7.68 34.36
N GLY B 39 -2.59 -7.79 35.52
CA GLY B 39 -3.06 -8.71 36.57
C GLY B 39 -4.51 -8.51 36.93
N LEU B 40 -5.29 -9.58 36.88
CA LEU B 40 -6.72 -9.45 37.09
C LEU B 40 -7.10 -9.11 38.56
N GLN B 41 -6.15 -9.29 39.48
CA GLN B 41 -6.32 -8.82 40.88
C GLN B 41 -6.13 -7.30 41.01
N TRP B 42 -5.43 -6.70 40.04
CA TRP B 42 -5.12 -5.25 40.05
C TRP B 42 -5.97 -4.41 39.12
N PHE B 43 -6.30 -4.96 37.95
CA PHE B 43 -7.07 -4.21 36.94
C PHE B 43 -8.29 -5.00 36.44
N PRO B 44 -9.13 -5.53 37.35
CA PRO B 44 -10.21 -6.41 36.88
C PRO B 44 -11.31 -5.70 36.11
N GLN B 45 -11.32 -4.36 36.15
CA GLN B 45 -12.36 -3.52 35.52
CA GLN B 45 -12.43 -3.61 35.53
C GLN B 45 -12.45 -3.70 34.01
N ILE B 46 -11.36 -4.21 33.42
CA ILE B 46 -11.29 -4.50 31.97
C ILE B 46 -12.27 -5.62 31.58
N ILE B 47 -12.63 -6.45 32.55
CA ILE B 47 -13.51 -7.60 32.33
C ILE B 47 -14.94 -7.07 32.30
N ASN B 48 -15.30 -6.47 31.16
CA ASN B 48 -16.64 -6.01 30.96
C ASN B 48 -16.94 -6.12 29.48
N ASN B 49 -18.20 -6.35 29.13
CA ASN B 49 -18.59 -6.54 27.75
C ASN B 49 -18.24 -5.40 26.78
N ASN B 50 -18.35 -4.17 27.25
CA ASN B 50 -18.04 -3.01 26.40
C ASN B 50 -16.58 -2.96 25.98
N ALA B 51 -15.67 -3.25 26.92
CA ALA B 51 -14.25 -3.31 26.62
C ALA B 51 -13.96 -4.42 25.59
N PHE B 52 -14.53 -5.60 25.81
CA PHE B 52 -14.24 -6.76 24.95
C PHE B 52 -14.85 -6.54 23.56
N SER B 53 -16.02 -5.91 23.51
CA SER B 53 -16.62 -5.58 22.22
C SER B 53 -15.76 -4.60 21.44
N ALA B 54 -15.24 -3.59 22.14
CA ALA B 54 -14.46 -2.54 21.50
C ALA B 54 -13.15 -3.13 20.94
N LEU B 55 -12.52 -3.97 21.76
CA LEU B 55 -11.28 -4.63 21.33
C LEU B 55 -11.50 -5.48 20.06
N SER B 56 -12.59 -6.26 20.08
CA SER B 56 -12.92 -7.11 18.95
C SER B 56 -13.30 -6.34 17.69
N LYS B 57 -14.14 -5.31 17.86
CA LYS B 57 -14.73 -4.61 16.70
C LYS B 57 -13.86 -3.45 16.24
N ASP B 58 -13.49 -2.59 17.18
CA ASP B 58 -12.71 -1.38 16.83
C ASP B 58 -11.21 -1.63 16.67
N TRP B 59 -10.62 -2.43 17.58
CA TRP B 59 -9.18 -2.74 17.51
C TRP B 59 -8.96 -3.90 16.54
N GLU B 60 -10.05 -4.59 16.21
CA GLU B 60 -10.02 -5.78 15.35
C GLU B 60 -9.09 -6.90 15.89
N ALA B 61 -9.04 -7.02 17.21
CA ALA B 61 -8.27 -8.09 17.86
C ALA B 61 -9.00 -9.43 17.64
N ASN B 62 -8.26 -10.51 17.40
CA ASN B 62 -8.91 -11.83 17.38
C ASN B 62 -8.47 -12.70 18.58
N VAL B 63 -7.73 -12.08 19.52
CA VAL B 63 -7.32 -12.77 20.77
C VAL B 63 -7.26 -11.79 21.95
N ILE B 64 -7.64 -12.26 23.13
CA ILE B 64 -7.38 -11.51 24.35
C ILE B 64 -6.76 -12.50 25.37
N ARG B 65 -5.77 -12.05 26.13
CA ARG B 65 -5.15 -12.89 27.14
C ARG B 65 -5.59 -12.42 28.52
N LEU B 66 -5.90 -13.38 29.37
CA LEU B 66 -6.33 -13.11 30.74
C LEU B 66 -5.23 -13.49 31.68
N ALA B 67 -4.57 -12.46 32.20
CA ALA B 67 -3.41 -12.67 33.04
C ALA B 67 -3.82 -12.86 34.51
N MET B 68 -3.98 -14.12 34.91
CA MET B 68 -4.39 -14.47 36.27
C MET B 68 -3.15 -14.74 37.12
N TYR B 69 -2.72 -13.72 37.84
CA TYR B 69 -1.62 -13.86 38.79
C TYR B 69 -2.03 -14.85 39.86
N VAL B 70 -1.03 -15.57 40.38
CA VAL B 70 -1.25 -16.58 41.40
C VAL B 70 -0.63 -16.11 42.71
N GLY B 71 0.63 -15.69 42.64
CA GLY B 71 1.24 -14.92 43.74
C GLY B 71 0.75 -13.47 43.77
N GLU B 72 1.38 -12.62 44.59
CA GLU B 72 1.15 -11.17 44.60
C GLU B 72 -0.33 -10.73 44.71
N GLY B 73 -1.07 -11.42 45.57
CA GLY B 73 -2.49 -11.12 45.83
C GLY B 73 -3.45 -11.83 44.89
N GLY B 74 -2.92 -12.79 44.12
CA GLY B 74 -3.73 -13.53 43.15
C GLY B 74 -4.39 -14.77 43.70
N TYR B 75 -4.66 -15.71 42.78
CA TYR B 75 -5.36 -16.97 43.00
C TYR B 75 -5.03 -17.76 44.26
N SER B 76 -3.77 -17.80 44.66
CA SER B 76 -3.37 -18.56 45.86
C SER B 76 -3.86 -17.93 47.17
N THR B 77 -3.90 -16.61 47.26
CA THR B 77 -4.44 -15.92 48.45
C THR B 77 -5.93 -15.61 48.30
N ASP B 78 -6.37 -15.29 47.08
CA ASP B 78 -7.77 -14.98 46.83
C ASP B 78 -8.30 -15.66 45.55
N PRO B 79 -8.84 -16.90 45.69
CA PRO B 79 -9.24 -17.74 44.55
C PRO B 79 -10.40 -17.17 43.72
N SER B 80 -11.06 -16.12 44.23
CA SER B 80 -12.24 -15.54 43.59
C SER B 80 -11.92 -14.83 42.27
N VAL B 81 -10.65 -14.46 42.07
CA VAL B 81 -10.12 -14.01 40.78
C VAL B 81 -10.51 -14.97 39.63
N LYS B 82 -10.73 -16.24 39.98
CA LYS B 82 -11.20 -17.29 39.07
C LYS B 82 -12.50 -16.88 38.36
N GLU B 83 -13.41 -16.23 39.09
CA GLU B 83 -14.68 -15.80 38.50
CA GLU B 83 -14.68 -15.74 38.52
C GLU B 83 -14.47 -14.68 37.44
N LYS B 84 -13.40 -13.91 37.57
CA LYS B 84 -13.02 -12.93 36.54
CA LYS B 84 -13.00 -12.93 36.55
C LYS B 84 -12.49 -13.61 35.26
N VAL B 85 -11.77 -14.72 35.42
CA VAL B 85 -11.33 -15.54 34.26
C VAL B 85 -12.53 -16.13 33.53
N ILE B 86 -13.48 -16.70 34.30
CA ILE B 86 -14.70 -17.28 33.75
CA ILE B 86 -14.71 -17.27 33.78
C ILE B 86 -15.50 -16.23 32.97
N GLU B 87 -15.65 -15.02 33.53
CA GLU B 87 -16.35 -13.96 32.80
C GLU B 87 -15.63 -13.50 31.55
N GLY B 88 -14.30 -13.42 31.65
CA GLY B 88 -13.49 -13.07 30.49
C GLY B 88 -13.62 -14.09 29.37
N ILE B 89 -13.64 -15.37 29.70
CA ILE B 89 -13.86 -16.42 28.71
C ILE B 89 -15.24 -16.20 28.09
N ASN B 90 -16.27 -16.01 28.92
CA ASN B 90 -17.64 -15.81 28.41
C ASN B 90 -17.71 -14.62 27.45
N LEU B 91 -17.04 -13.54 27.84
CA LEU B 91 -17.07 -12.29 27.07
C LEU B 91 -16.29 -12.40 25.78
N ALA B 92 -15.16 -13.11 25.82
CA ALA B 92 -14.39 -13.38 24.58
C ALA B 92 -15.21 -14.21 23.58
N ILE B 93 -15.91 -15.23 24.10
CA ILE B 93 -16.78 -16.06 23.23
C ILE B 93 -17.86 -15.19 22.60
N LYS B 94 -18.55 -14.42 23.43
CA LYS B 94 -19.61 -13.52 22.97
CA LYS B 94 -19.60 -13.49 23.00
C LYS B 94 -19.09 -12.53 21.93
N ASN B 95 -17.85 -12.06 22.10
CA ASN B 95 -17.30 -11.05 21.20
C ASN B 95 -16.39 -11.59 20.13
N ASP B 96 -16.36 -12.92 19.96
CA ASP B 96 -15.76 -13.55 18.76
C ASP B 96 -14.23 -13.33 18.73
N MET B 97 -13.61 -13.64 19.87
CA MET B 97 -12.15 -13.65 20.02
C MET B 97 -11.67 -14.98 20.63
N TYR B 98 -10.47 -15.41 20.24
CA TYR B 98 -9.76 -16.44 20.98
C TYR B 98 -9.41 -15.85 22.35
N VAL B 99 -9.23 -16.71 23.33
CA VAL B 99 -8.99 -16.28 24.68
C VAL B 99 -7.89 -17.13 25.27
N ILE B 100 -6.82 -16.46 25.66
CA ILE B 100 -5.72 -17.16 26.32
C ILE B 100 -5.92 -17.15 27.85
N VAL B 101 -5.94 -18.35 28.43
CA VAL B 101 -6.08 -18.48 29.90
C VAL B 101 -4.67 -18.65 30.43
N ASP B 102 -4.16 -17.60 31.05
CA ASP B 102 -2.76 -17.53 31.46
C ASP B 102 -2.61 -17.69 32.99
N TRP B 103 -2.05 -18.83 33.39
CA TRP B 103 -1.55 -19.07 34.77
C TRP B 103 -0.27 -18.26 34.98
N HIS B 104 -0.46 -17.03 35.51
CA HIS B 104 0.52 -15.97 35.37
C HIS B 104 1.61 -16.04 36.43
N ILE B 105 2.50 -17.03 36.34
CA ILE B 105 3.59 -17.12 37.33
C ILE B 105 4.59 -16.00 37.11
N LEU B 106 5.19 -15.50 38.20
CA LEU B 106 6.21 -14.48 38.09
C LEU B 106 7.18 -14.51 39.28
N ASN B 107 6.60 -14.44 40.48
CA ASN B 107 7.37 -14.45 41.72
CA ASN B 107 7.35 -14.40 41.74
C ASN B 107 6.66 -15.36 42.71
N PRO B 108 7.27 -16.52 43.06
CA PRO B 108 8.56 -17.05 42.59
C PRO B 108 8.56 -17.53 41.11
N GLY B 109 9.76 -17.75 40.58
CA GLY B 109 9.92 -18.07 39.16
C GLY B 109 9.80 -19.54 38.80
N ASP B 110 9.65 -20.42 39.79
CA ASP B 110 9.57 -21.86 39.54
C ASP B 110 8.11 -22.32 39.49
N PRO B 111 7.64 -22.77 38.30
CA PRO B 111 6.25 -23.22 38.23
C PRO B 111 5.94 -24.39 39.16
N ASN B 112 6.99 -25.11 39.61
CA ASN B 112 6.86 -26.23 40.57
C ASN B 112 6.75 -25.82 42.05
N ALA B 113 6.94 -24.52 42.35
CA ALA B 113 6.84 -23.99 43.72
C ALA B 113 5.49 -24.25 44.37
N LYS B 114 5.51 -24.48 45.69
CA LYS B 114 4.32 -24.91 46.44
CA LYS B 114 4.33 -24.89 46.47
C LYS B 114 3.14 -23.95 46.27
N ILE B 115 3.43 -22.65 46.19
CA ILE B 115 2.40 -21.61 46.03
C ILE B 115 1.53 -21.81 44.76
N TYR B 116 2.10 -22.52 43.76
CA TYR B 116 1.42 -22.75 42.50
C TYR B 116 0.83 -24.15 42.36
N SER B 117 0.66 -24.82 43.50
CA SER B 117 0.16 -26.19 43.56
CA SER B 117 0.14 -26.19 43.60
C SER B 117 -1.26 -26.39 43.00
N GLY B 118 -2.04 -25.32 42.95
CA GLY B 118 -3.39 -25.41 42.40
C GLY B 118 -3.51 -25.46 40.88
N ALA B 119 -2.38 -25.46 40.16
CA ALA B 119 -2.34 -25.27 38.70
C ALA B 119 -3.17 -26.30 37.91
N LYS B 120 -2.89 -27.58 38.12
CA LYS B 120 -3.54 -28.64 37.37
C LYS B 120 -5.05 -28.66 37.61
N GLU B 121 -5.44 -28.46 38.88
CA GLU B 121 -6.84 -28.43 39.25
C GLU B 121 -7.57 -27.25 38.61
N PHE B 122 -6.91 -26.10 38.58
CA PHE B 122 -7.49 -24.91 37.94
C PHE B 122 -7.76 -25.15 36.44
N PHE B 123 -6.80 -25.73 35.72
CA PHE B 123 -6.97 -26.00 34.28
C PHE B 123 -8.06 -27.06 34.06
N LYS B 124 -8.11 -28.06 34.94
CA LYS B 124 -9.17 -29.08 34.88
CA LYS B 124 -9.17 -29.09 34.90
C LYS B 124 -10.55 -28.44 34.98
N GLU B 125 -10.68 -27.50 35.92
CA GLU B 125 -11.97 -26.83 36.15
C GLU B 125 -12.43 -26.03 34.96
N ILE B 126 -11.54 -25.21 34.42
CA ILE B 126 -11.87 -24.43 33.21
C ILE B 126 -12.21 -25.34 32.03
N ALA B 127 -11.36 -26.33 31.78
CA ALA B 127 -11.62 -27.25 30.67
C ALA B 127 -12.93 -28.05 30.85
N SER B 128 -13.26 -28.37 32.10
CA SER B 128 -14.55 -29.05 32.38
C SER B 128 -15.74 -28.14 32.09
N LYS B 129 -15.59 -26.86 32.40
CA LYS B 129 -16.65 -25.90 32.11
C LYS B 129 -16.78 -25.58 30.61
N TYR B 130 -15.67 -25.63 29.88
CA TYR B 130 -15.69 -25.31 28.43
C TYR B 130 -14.99 -26.43 27.66
N PRO B 131 -15.64 -27.63 27.60
CA PRO B 131 -14.93 -28.82 27.07
C PRO B 131 -14.51 -28.66 25.61
N ASN B 132 -13.19 -28.74 25.32
CA ASN B 132 -12.68 -28.60 23.95
C ASN B 132 -13.28 -27.37 23.20
N ASP B 133 -13.39 -26.25 23.91
CA ASP B 133 -13.99 -25.05 23.30
C ASP B 133 -12.96 -24.45 22.37
N LEU B 134 -13.34 -24.25 21.11
CA LEU B 134 -12.39 -23.74 20.10
C LEU B 134 -11.79 -22.36 20.41
N HIS B 135 -12.42 -21.61 21.33
CA HIS B 135 -12.00 -20.22 21.62
C HIS B 135 -10.79 -20.24 22.52
N ILE B 136 -10.63 -21.30 23.29
CA ILE B 136 -9.68 -21.28 24.42
C ILE B 136 -8.29 -21.76 24.05
N ILE B 137 -7.30 -20.98 24.45
CA ILE B 137 -5.90 -21.33 24.38
C ILE B 137 -5.38 -21.34 25.82
N TYR B 138 -4.66 -22.41 26.20
CA TYR B 138 -4.13 -22.55 27.57
C TYR B 138 -2.68 -22.19 27.65
N GLU B 139 -2.33 -21.30 28.57
CA GLU B 139 -0.94 -20.86 28.76
C GLU B 139 -0.55 -21.25 30.19
N LEU B 140 0.34 -22.24 30.30
CA LEU B 140 0.53 -22.96 31.57
C LEU B 140 1.39 -22.28 32.62
N ALA B 141 2.33 -21.44 32.20
CA ALA B 141 3.22 -20.75 33.14
C ALA B 141 3.80 -19.55 32.45
N ASN B 142 3.17 -18.40 32.64
CA ASN B 142 3.66 -17.15 32.05
C ASN B 142 5.18 -17.02 31.82
N GLU B 143 5.95 -16.92 32.91
CA GLU B 143 7.38 -16.59 32.84
C GLU B 143 8.16 -17.36 33.91
N PRO B 144 8.54 -18.61 33.61
CA PRO B 144 9.56 -19.29 34.43
C PRO B 144 10.84 -18.43 34.41
N ASN B 145 11.48 -18.27 35.56
CA ASN B 145 12.55 -17.30 35.71
C ASN B 145 13.35 -17.59 36.99
N PRO B 146 14.55 -17.00 37.13
CA PRO B 146 15.42 -17.46 38.25
C PRO B 146 15.12 -16.87 39.65
N THR B 147 14.14 -15.98 39.75
CA THR B 147 13.77 -15.33 41.02
C THR B 147 13.21 -16.33 42.00
N GLU B 148 13.94 -16.49 43.11
CA GLU B 148 13.53 -17.39 44.19
C GLU B 148 13.19 -18.81 43.64
N SER B 149 14.07 -19.34 42.80
CA SER B 149 13.75 -20.55 42.07
C SER B 149 15.02 -21.23 41.58
N ASP B 150 14.87 -22.50 41.21
CA ASP B 150 15.98 -23.26 40.65
CA ASP B 150 15.98 -23.23 40.64
C ASP B 150 15.83 -23.31 39.11
N ILE B 151 15.00 -22.45 38.53
CA ILE B 151 14.91 -22.41 37.06
C ILE B 151 16.09 -21.67 36.51
N THR B 152 17.06 -22.42 36.04
CA THR B 152 18.30 -21.86 35.58
C THR B 152 18.14 -21.62 34.08
N ASN B 153 18.99 -20.75 33.57
CA ASN B 153 19.03 -20.37 32.18
C ASN B 153 19.76 -21.40 31.28
N ASP B 154 19.23 -22.62 31.23
CA ASP B 154 19.90 -23.71 30.55
C ASP B 154 18.91 -24.88 30.42
N ILE B 155 19.42 -26.00 29.93
CA ILE B 155 18.56 -27.16 29.65
CA ILE B 155 18.64 -27.25 29.70
C ILE B 155 17.88 -27.67 30.94
N ALA B 156 18.62 -27.68 32.04
CA ALA B 156 18.08 -28.16 33.30
C ALA B 156 16.88 -27.31 33.70
N GLY B 157 16.98 -26.00 33.44
CA GLY B 157 15.87 -25.08 33.70
C GLY B 157 14.66 -25.41 32.81
N TRP B 158 14.89 -25.62 31.52
CA TRP B 158 13.79 -26.04 30.63
C TRP B 158 13.11 -27.34 31.12
N GLU B 159 13.94 -28.30 31.56
CA GLU B 159 13.40 -29.58 31.96
C GLU B 159 12.50 -29.46 33.17
N LYS B 160 12.81 -28.53 34.07
CA LYS B 160 11.90 -28.35 35.23
C LYS B 160 10.54 -27.76 34.80
N VAL B 161 10.55 -26.91 33.77
CA VAL B 161 9.27 -26.36 33.22
C VAL B 161 8.49 -27.48 32.53
N LYS B 162 9.21 -28.34 31.79
CA LYS B 162 8.61 -29.44 31.01
C LYS B 162 7.93 -30.44 31.97
N LYS B 163 8.64 -30.76 33.07
CA LYS B 163 8.13 -31.69 34.08
CA LYS B 163 8.18 -31.65 34.13
C LYS B 163 6.87 -31.13 34.72
N TYR B 164 6.81 -29.82 34.94
CA TYR B 164 5.58 -29.16 35.39
C TYR B 164 4.46 -29.25 34.37
N ALA B 165 4.77 -29.00 33.09
CA ALA B 165 3.76 -28.86 32.04
C ALA B 165 3.12 -30.18 31.64
N GLU B 166 3.94 -31.24 31.56
CA GLU B 166 3.47 -32.52 30.95
C GLU B 166 2.25 -33.16 31.61
N PRO B 167 2.19 -33.18 32.96
CA PRO B 167 0.97 -33.72 33.62
C PRO B 167 -0.31 -32.95 33.29
N ILE B 168 -0.21 -31.62 33.16
CA ILE B 168 -1.37 -30.79 32.85
C ILE B 168 -1.82 -31.01 31.39
N ILE B 169 -0.85 -31.07 30.48
CA ILE B 169 -1.11 -31.37 29.07
C ILE B 169 -1.81 -32.74 28.97
N LYS B 170 -1.28 -33.73 29.70
CA LYS B 170 -1.80 -35.11 29.61
C LYS B 170 -3.25 -35.13 30.08
N MET B 171 -3.51 -34.46 31.19
CA MET B 171 -4.84 -34.30 31.77
CA MET B 171 -4.84 -34.35 31.73
C MET B 171 -5.80 -33.69 30.73
N LEU B 172 -5.38 -32.60 30.09
CA LEU B 172 -6.27 -31.94 29.13
C LEU B 172 -6.58 -32.79 27.91
N ARG B 173 -5.54 -33.38 27.34
CA ARG B 173 -5.71 -34.24 26.17
C ARG B 173 -6.54 -35.49 26.48
N ASP B 174 -6.31 -36.06 27.67
CA ASP B 174 -7.04 -37.26 28.09
C ASP B 174 -8.54 -37.09 28.10
N MET B 175 -9.02 -35.91 28.47
CA MET B 175 -10.46 -35.65 28.42
CA MET B 175 -10.46 -35.65 28.44
C MET B 175 -10.92 -34.92 27.16
N GLY B 176 -10.11 -34.95 26.10
CA GLY B 176 -10.60 -34.49 24.80
C GLY B 176 -10.43 -33.02 24.46
N ASN B 177 -9.62 -32.31 25.24
CA ASN B 177 -9.27 -30.95 24.89
C ASN B 177 -8.12 -30.91 23.88
N GLU B 178 -8.42 -30.49 22.65
CA GLU B 178 -7.47 -30.41 21.54
C GLU B 178 -6.95 -28.97 21.34
N ASN B 179 -7.17 -28.11 22.34
CA ASN B 179 -6.77 -26.70 22.33
C ASN B 179 -5.27 -26.52 22.12
N ILE B 180 -4.91 -25.41 21.53
CA ILE B 180 -3.49 -24.99 21.56
C ILE B 180 -3.11 -24.79 23.01
N ILE B 181 -1.91 -25.25 23.34
CA ILE B 181 -1.35 -25.07 24.68
C ILE B 181 0.01 -24.43 24.49
N ILE B 182 0.26 -23.34 25.22
CA ILE B 182 1.50 -22.58 25.07
C ILE B 182 2.30 -22.75 26.33
N VAL B 183 3.58 -23.08 26.17
CA VAL B 183 4.44 -23.37 27.32
C VAL B 183 5.58 -22.41 27.40
N GLY B 184 5.71 -21.79 28.58
CA GLY B 184 6.79 -20.82 28.83
C GLY B 184 8.14 -21.53 28.97
N ASN B 185 9.17 -20.78 29.28
CA ASN B 185 10.50 -21.32 29.25
C ASN B 185 11.46 -20.42 30.05
N PRO B 186 12.75 -20.84 30.24
CA PRO B 186 13.59 -20.07 31.18
C PRO B 186 13.85 -18.59 30.86
N GLU B 187 14.37 -17.89 31.86
CA GLU B 187 14.81 -16.48 31.75
C GLU B 187 13.64 -15.58 31.31
N TRP B 188 12.49 -15.77 31.95
CA TRP B 188 11.27 -14.99 31.71
C TRP B 188 10.73 -15.23 30.28
N SER B 189 10.69 -16.49 29.90
CA SER B 189 10.22 -16.91 28.59
C SER B 189 10.92 -16.21 27.46
N THR B 190 12.25 -16.17 27.57
CA THR B 190 13.08 -15.69 26.47
C THR B 190 13.93 -16.81 25.81
N ARG B 191 13.66 -18.05 26.19
CA ARG B 191 14.47 -19.21 25.74
C ARG B 191 13.62 -20.32 25.13
N PRO B 192 12.78 -20.03 24.11
CA PRO B 192 12.07 -21.12 23.45
C PRO B 192 13.06 -22.08 22.77
N ASP B 193 14.27 -21.60 22.47
CA ASP B 193 15.31 -22.44 21.83
C ASP B 193 15.78 -23.58 22.75
N LEU B 194 15.68 -23.41 24.06
CA LEU B 194 16.08 -24.48 25.00
C LEU B 194 15.23 -25.73 24.86
N ALA B 195 13.97 -25.56 24.42
CA ALA B 195 13.02 -26.67 24.16
C ALA B 195 13.46 -27.55 23.00
N VAL B 196 14.35 -27.04 22.15
CA VAL B 196 14.82 -27.82 20.97
C VAL B 196 15.51 -29.12 21.42
N ASN B 197 16.21 -29.04 22.54
CA ASN B 197 16.94 -30.16 23.17
C ASN B 197 16.02 -31.28 23.64
N ASP B 198 14.76 -30.95 23.93
CA ASP B 198 13.81 -31.92 24.45
C ASP B 198 12.37 -31.40 24.34
N PRO B 199 11.81 -31.42 23.11
CA PRO B 199 10.48 -30.83 22.94
C PRO B 199 9.41 -31.65 23.58
N ILE B 200 8.28 -31.02 23.84
CA ILE B 200 7.07 -31.74 24.29
C ILE B 200 6.45 -32.51 23.13
N ASP B 201 6.23 -33.81 23.34
CA ASP B 201 5.63 -34.67 22.30
C ASP B 201 4.12 -34.47 22.18
N ASP B 202 3.68 -33.28 21.73
CA ASP B 202 2.25 -33.07 21.54
C ASP B 202 2.16 -32.20 20.32
N LYS B 203 1.26 -32.52 19.41
CA LYS B 203 1.17 -31.84 18.12
C LYS B 203 0.69 -30.37 18.22
N ASN B 204 -0.02 -30.03 19.30
CA ASN B 204 -0.58 -28.68 19.42
C ASN B 204 -0.02 -27.91 20.61
N VAL B 205 1.22 -28.21 20.94
CA VAL B 205 1.95 -27.42 21.93
C VAL B 205 2.86 -26.41 21.21
N MET B 206 2.76 -25.14 21.64
CA MET B 206 3.63 -24.06 21.21
C MET B 206 4.46 -23.53 22.37
N TYR B 207 5.47 -22.74 22.02
CA TYR B 207 6.43 -22.24 22.99
C TYR B 207 6.38 -20.70 23.01
N SER B 208 6.34 -20.16 24.21
CA SER B 208 6.28 -18.67 24.41
C SER B 208 7.61 -18.01 24.10
N ALA B 209 7.54 -16.73 23.71
CA ALA B 209 8.69 -15.86 23.69
C ALA B 209 8.16 -14.49 24.09
N HIS B 210 8.86 -13.85 25.01
CA HIS B 210 8.49 -12.49 25.44
C HIS B 210 9.60 -11.49 25.16
N PHE B 211 9.26 -10.22 24.85
CA PHE B 211 10.28 -9.21 24.65
C PHE B 211 9.66 -7.83 24.92
N TYR B 212 10.52 -6.87 25.24
CA TYR B 212 10.13 -5.46 25.50
C TYR B 212 11.03 -4.64 24.61
N THR B 213 10.43 -3.82 23.75
CA THR B 213 11.18 -3.21 22.64
C THR B 213 12.15 -2.11 23.08
N GLY B 214 12.03 -1.61 24.31
CA GLY B 214 13.08 -0.77 24.90
C GLY B 214 14.23 -1.53 25.51
N SER B 215 14.17 -2.86 25.55
CA SER B 215 15.17 -3.64 26.26
C SER B 215 15.79 -4.72 25.34
N ALA B 216 15.21 -4.96 24.18
CA ALA B 216 15.70 -5.99 23.26
C ALA B 216 15.50 -5.48 21.85
N SER B 217 16.50 -5.70 21.00
CA SER B 217 16.41 -5.35 19.58
CA SER B 217 16.42 -5.34 19.57
C SER B 217 16.50 -6.59 18.68
N VAL B 218 15.85 -6.56 17.51
CA VAL B 218 15.90 -7.70 16.56
C VAL B 218 17.33 -7.81 16.06
N TRP B 219 17.91 -6.66 15.71
CA TRP B 219 19.28 -6.63 15.23
C TRP B 219 20.07 -5.56 15.97
N GLU B 220 21.31 -5.86 16.33
CA GLU B 220 22.19 -4.89 16.96
C GLU B 220 23.62 -5.09 16.55
N ASN B 221 24.22 -4.03 15.98
CA ASN B 221 25.63 -4.04 15.52
C ASN B 221 25.91 -5.13 14.51
N GLY B 222 24.94 -5.41 13.62
CA GLY B 222 25.06 -6.45 12.62
C GLY B 222 24.64 -7.84 13.05
N ASN B 223 24.55 -8.06 14.37
CA ASN B 223 24.13 -9.37 14.88
C ASN B 223 22.67 -9.40 15.24
N LYS B 224 22.04 -10.55 15.01
CA LYS B 224 20.70 -10.80 15.50
C LYS B 224 20.73 -10.74 17.03
N GLY B 225 19.79 -9.98 17.62
CA GLY B 225 19.67 -9.92 19.11
C GLY B 225 19.42 -11.28 19.75
N HIS B 226 19.74 -11.42 21.05
CA HIS B 226 19.58 -12.70 21.80
C HIS B 226 18.18 -13.30 21.70
N ILE B 227 17.17 -12.53 22.05
CA ILE B 227 15.81 -13.05 22.05
C ILE B 227 15.37 -13.45 20.63
N ALA B 228 15.63 -12.58 19.65
CA ALA B 228 15.27 -12.84 18.25
C ALA B 228 15.97 -14.12 17.73
N ARG B 229 17.26 -14.27 18.00
CA ARG B 229 17.96 -15.48 17.59
C ARG B 229 17.49 -16.74 18.30
N ASN B 230 17.04 -16.59 19.54
CA ASN B 230 16.43 -17.70 20.28
C ASN B 230 15.14 -18.13 19.60
N ILE B 231 14.33 -17.16 19.21
CA ILE B 231 13.12 -17.46 18.46
C ILE B 231 13.49 -18.16 17.15
N GLU B 232 14.49 -17.63 16.45
CA GLU B 232 14.85 -18.17 15.11
C GLU B 232 15.31 -19.63 15.28
N LYS B 233 16.05 -19.89 16.35
CA LYS B 233 16.56 -21.24 16.59
C LYS B 233 15.44 -22.22 16.89
N ALA B 234 14.45 -21.82 17.71
CA ALA B 234 13.26 -22.64 17.94
C ALA B 234 12.56 -22.93 16.61
N LEU B 235 12.33 -21.88 15.80
CA LEU B 235 11.64 -22.04 14.52
C LEU B 235 12.39 -22.98 13.57
N GLU B 236 13.69 -22.78 13.43
CA GLU B 236 14.44 -23.53 12.42
C GLU B 236 14.56 -25.02 12.81
N ASN B 237 14.21 -25.32 14.05
CA ASN B 237 14.28 -26.71 14.56
C ASN B 237 12.89 -27.30 14.76
N GLY B 238 11.90 -26.78 14.06
CA GLY B 238 10.59 -27.43 14.07
C GLY B 238 9.64 -27.11 15.21
N LEU B 239 9.97 -26.13 16.06
CA LEU B 239 9.01 -25.67 17.08
C LEU B 239 8.28 -24.40 16.59
N THR B 240 7.10 -24.17 17.13
CA THR B 240 6.35 -22.97 16.79
C THR B 240 6.37 -22.09 18.01
N VAL B 241 6.47 -20.78 17.78
CA VAL B 241 6.57 -19.78 18.85
C VAL B 241 5.29 -18.89 18.83
N PHE B 242 4.77 -18.58 20.02
CA PHE B 242 3.65 -17.65 20.15
C PHE B 242 4.10 -16.57 21.15
N VAL B 243 4.02 -15.29 20.76
CA VAL B 243 4.45 -14.22 21.65
C VAL B 243 3.23 -13.89 22.54
N THR B 244 3.20 -14.48 23.73
CA THR B 244 2.01 -14.29 24.56
C THR B 244 2.14 -12.96 25.36
N GLU B 245 3.32 -12.33 25.31
CA GLU B 245 3.50 -11.05 26.00
C GLU B 245 4.68 -10.31 25.43
N TRP B 246 4.43 -9.07 24.96
CA TRP B 246 5.49 -8.19 24.54
C TRP B 246 5.03 -6.72 24.87
N GLY B 247 5.97 -5.84 25.14
CA GLY B 247 5.64 -4.45 25.44
C GLY B 247 6.45 -3.48 24.64
N THR B 248 5.91 -2.26 24.46
CA THR B 248 6.62 -1.15 23.78
C THR B 248 7.58 -0.40 24.69
N SER B 249 7.58 -0.76 25.97
CA SER B 249 8.44 -0.12 26.96
C SER B 249 9.75 -0.90 27.16
N GLU B 250 10.52 -0.55 28.20
CA GLU B 250 11.59 -1.41 28.74
C GLU B 250 10.96 -2.55 29.52
N ALA B 251 11.77 -3.54 29.92
CA ALA B 251 11.26 -4.73 30.62
C ALA B 251 10.65 -4.41 32.00
N SER B 252 10.92 -3.22 32.54
CA SER B 252 10.24 -2.73 33.74
C SER B 252 8.73 -2.47 33.52
N GLY B 253 8.30 -2.35 32.26
CA GLY B 253 6.92 -1.93 31.97
C GLY B 253 6.84 -0.40 31.71
N ASP B 254 7.94 0.30 31.95
CA ASP B 254 7.98 1.74 31.74
C ASP B 254 9.14 2.18 30.85
N GLY B 255 9.19 3.48 30.51
CA GLY B 255 10.20 4.05 29.63
C GLY B 255 9.72 4.04 28.18
N GLY B 256 10.18 5.01 27.39
CA GLY B 256 9.77 5.16 26.02
C GLY B 256 8.35 5.70 25.91
N PRO B 257 7.47 5.12 25.10
CA PRO B 257 7.65 3.81 24.45
C PRO B 257 8.65 3.86 23.31
N TYR B 258 9.04 2.69 22.80
CA TYR B 258 10.07 2.57 21.76
C TYR B 258 9.47 2.00 20.50
N LEU B 259 8.97 2.87 19.66
CA LEU B 259 8.10 2.50 18.60
C LEU B 259 8.74 2.09 17.30
N ASN B 260 9.92 2.64 17.00
CA ASN B 260 10.73 2.22 15.86
CA ASN B 260 10.68 2.21 15.84
C ASN B 260 11.19 0.78 16.05
N GLU B 261 11.63 0.47 17.27
CA GLU B 261 12.06 -0.90 17.60
C GLU B 261 10.88 -1.84 17.53
N ALA B 262 9.71 -1.35 17.94
CA ALA B 262 8.48 -2.11 17.83
C ALA B 262 8.15 -2.44 16.39
N ASP B 263 8.36 -1.49 15.47
CA ASP B 263 8.16 -1.74 14.04
C ASP B 263 9.02 -2.94 13.57
N GLU B 264 10.28 -2.94 13.98
CA GLU B 264 11.22 -4.03 13.61
C GLU B 264 10.80 -5.38 14.16
N TRP B 265 10.44 -5.41 15.43
CA TRP B 265 9.88 -6.61 16.04
C TRP B 265 8.63 -7.11 15.37
N LEU B 266 7.67 -6.23 15.11
CA LEU B 266 6.45 -6.68 14.47
C LEU B 266 6.67 -7.12 13.02
N GLU B 267 7.67 -6.55 12.33
CA GLU B 267 8.00 -7.01 10.97
C GLU B 267 8.53 -8.46 11.02
N PHE B 268 9.46 -8.67 11.95
CA PHE B 268 10.05 -10.00 12.24
C PHE B 268 8.96 -11.05 12.58
N LEU B 269 8.01 -10.71 13.46
CA LEU B 269 6.95 -11.64 13.85
C LEU B 269 5.98 -11.92 12.70
N ASN B 270 5.56 -10.85 12.04
CA ASN B 270 4.56 -10.98 10.99
C ASN B 270 5.12 -11.80 9.84
N SER B 271 6.40 -11.59 9.52
CA SER B 271 7.00 -12.33 8.44
C SER B 271 7.25 -13.81 8.76
N ASN B 272 7.28 -14.14 10.05
CA ASN B 272 7.33 -15.52 10.52
C ASN B 272 5.99 -16.13 10.93
N ASN B 273 4.90 -15.42 10.62
CA ASN B 273 3.56 -15.81 11.10
C ASN B 273 3.53 -16.17 12.64
N ILE B 274 4.18 -15.33 13.44
CA ILE B 274 4.19 -15.52 14.90
C ILE B 274 3.08 -14.63 15.46
N SER B 275 2.11 -15.29 16.11
CA SER B 275 1.04 -14.59 16.80
C SER B 275 1.60 -13.78 17.97
N TRP B 276 0.92 -12.68 18.34
CA TRP B 276 1.44 -11.78 19.37
C TRP B 276 0.37 -11.07 20.16
N VAL B 277 0.68 -10.77 21.41
CA VAL B 277 -0.26 -10.27 22.41
C VAL B 277 0.50 -9.20 23.18
N ASN B 278 -0.01 -7.97 23.14
CA ASN B 278 0.67 -6.83 23.76
C ASN B 278 0.26 -6.60 25.22
N TRP B 279 1.24 -6.21 26.03
CA TRP B 279 1.09 -5.92 27.45
C TRP B 279 1.06 -4.37 27.59
N SER B 280 -0.03 -3.75 28.07
CA SER B 280 -1.20 -4.40 28.68
C SER B 280 -2.40 -3.47 28.56
N LEU B 281 -3.56 -4.02 28.91
CA LEU B 281 -4.82 -3.28 28.97
C LEU B 281 -5.06 -2.57 30.33
N ALA B 282 -4.00 -2.02 30.91
CA ALA B 282 -4.15 -1.32 32.19
C ALA B 282 -4.22 0.17 31.92
N ASN B 283 -4.74 0.91 32.89
CA ASN B 283 -4.56 2.36 32.91
C ASN B 283 -3.54 2.82 33.95
N LYS B 284 -2.67 1.89 34.37
CA LYS B 284 -1.50 2.21 35.16
C LYS B 284 -0.67 3.29 34.48
N ASN B 285 -0.05 4.17 35.28
CA ASN B 285 0.75 5.27 34.79
C ASN B 285 2.19 4.84 34.44
N GLU B 286 2.32 4.22 33.26
CA GLU B 286 3.58 3.66 32.77
C GLU B 286 3.44 3.49 31.25
N ALA B 287 4.58 3.56 30.56
CA ALA B 287 4.59 3.63 29.10
C ALA B 287 3.91 2.42 28.40
N SER B 288 4.03 1.24 28.98
CA SER B 288 3.41 0.06 28.32
C SER B 288 1.91 -0.02 28.39
N ALA B 289 1.26 0.69 29.35
CA ALA B 289 -0.20 0.59 29.52
C ALA B 289 -0.89 1.15 28.29
N ALA B 290 -1.95 0.49 27.84
CA ALA B 290 -2.63 0.92 26.59
C ALA B 290 -3.50 2.21 26.77
N PHE B 291 -3.86 2.50 28.03
CA PHE B 291 -4.82 3.57 28.31
C PHE B 291 -4.19 4.64 29.20
N LEU B 292 -4.54 5.90 28.97
CA LEU B 292 -4.18 6.98 29.89
C LEU B 292 -4.68 6.72 31.30
N PRO B 293 -3.97 7.26 32.32
CA PRO B 293 -4.42 6.99 33.72
C PRO B 293 -5.85 7.44 34.04
N THR B 294 -6.37 8.37 33.25
CA THR B 294 -7.69 8.92 33.48
C THR B 294 -8.75 8.17 32.69
N THR B 295 -8.35 7.23 31.82
CA THR B 295 -9.32 6.49 31.00
C THR B 295 -9.86 5.27 31.75
N SER B 296 -11.20 5.15 31.77
CA SER B 296 -11.92 4.06 32.37
C SER B 296 -11.70 2.80 31.49
N LEU B 297 -11.59 1.65 32.14
CA LEU B 297 -11.45 0.39 31.42
C LEU B 297 -12.79 -0.13 30.90
N ASP B 298 -13.89 0.54 31.29
CA ASP B 298 -15.22 0.35 30.66
C ASP B 298 -15.54 1.59 29.81
N PRO B 299 -15.54 1.44 28.47
CA PRO B 299 -15.76 2.64 27.63
C PRO B 299 -17.22 3.09 27.49
N GLY B 300 -18.18 2.36 28.08
CA GLY B 300 -19.62 2.70 28.02
C GLY B 300 -20.41 1.84 27.06
N ASN B 301 -21.72 1.70 27.32
CA ASN B 301 -22.60 0.88 26.48
CA ASN B 301 -22.58 0.87 26.48
C ASN B 301 -22.60 1.34 25.03
N GLY B 302 -22.23 0.43 24.14
CA GLY B 302 -22.17 0.68 22.71
C GLY B 302 -21.11 1.66 22.27
N LYS B 303 -20.15 1.94 23.14
CA LYS B 303 -19.09 2.87 22.83
C LYS B 303 -17.70 2.21 22.89
N VAL B 304 -16.75 2.79 22.18
CA VAL B 304 -15.36 2.38 22.23
C VAL B 304 -14.51 3.54 22.74
N TRP B 305 -13.27 3.25 23.14
CA TRP B 305 -12.34 4.29 23.53
C TRP B 305 -11.94 5.12 22.33
N ALA B 306 -12.04 6.44 22.47
CA ALA B 306 -11.46 7.39 21.51
C ALA B 306 -9.96 7.24 21.52
N VAL B 307 -9.33 7.46 20.39
CA VAL B 307 -7.90 7.40 20.31
C VAL B 307 -7.20 8.31 21.34
N ASN B 308 -7.79 9.49 21.61
CA ASN B 308 -7.17 10.42 22.53
C ASN B 308 -7.30 10.00 23.99
N GLN B 309 -8.02 8.91 24.21
CA GLN B 309 -8.05 8.23 25.53
C GLN B 309 -6.96 7.13 25.69
N LEU B 310 -6.24 6.85 24.61
CA LEU B 310 -5.22 5.80 24.58
C LEU B 310 -3.89 6.43 24.82
N SER B 311 -3.01 5.71 25.53
CA SER B 311 -1.61 6.07 25.57
C SER B 311 -0.98 6.08 24.16
N LEU B 312 0.26 6.54 24.04
CA LEU B 312 1.00 6.43 22.78
C LEU B 312 1.19 4.95 22.37
N SER B 313 1.55 4.11 23.34
CA SER B 313 1.59 2.65 23.12
C SER B 313 0.25 2.07 22.64
N GLY B 314 -0.82 2.32 23.39
CA GLY B 314 -2.15 1.80 23.04
C GLY B 314 -2.58 2.21 21.64
N GLU B 315 -2.25 3.45 21.26
CA GLU B 315 -2.64 3.93 19.95
C GLU B 315 -1.86 3.20 18.82
N TYR B 316 -0.54 3.12 19.00
CA TYR B 316 0.34 2.38 18.09
C TYR B 316 -0.08 0.89 17.93
N VAL B 317 -0.29 0.20 19.07
CA VAL B 317 -0.67 -1.24 19.07
C VAL B 317 -2.01 -1.49 18.41
N ARG B 318 -3.00 -0.64 18.72
CA ARG B 318 -4.29 -0.68 18.04
C ARG B 318 -4.13 -0.61 16.53
N ALA B 319 -3.28 0.31 16.05
CA ALA B 319 -3.03 0.45 14.60
C ALA B 319 -2.42 -0.86 14.05
N ARG B 320 -1.46 -1.41 14.78
CA ARG B 320 -0.74 -2.63 14.36
C ARG B 320 -1.61 -3.91 14.37
N ILE B 321 -2.54 -3.97 15.32
CA ILE B 321 -3.46 -5.09 15.41
C ILE B 321 -4.38 -5.03 14.18
N LYS B 322 -4.91 -3.83 13.93
CA LYS B 322 -5.83 -3.59 12.82
C LYS B 322 -5.12 -3.79 11.49
N GLY B 323 -3.81 -3.56 11.47
CA GLY B 323 -3.02 -3.60 10.24
C GLY B 323 -3.17 -2.34 9.37
N ILE B 324 -3.46 -1.21 10.00
CA ILE B 324 -3.61 0.08 9.29
C ILE B 324 -2.30 0.86 9.43
N PRO B 325 -2.04 1.84 8.52
CA PRO B 325 -0.84 2.68 8.76
C PRO B 325 -0.92 3.40 10.10
N TYR B 326 0.23 3.58 10.73
CA TYR B 326 0.29 4.29 11.98
C TYR B 326 0.44 5.79 11.68
N LYS B 327 -0.56 6.55 12.10
CA LYS B 327 -0.65 7.99 11.86
C LYS B 327 -1.08 8.60 13.18
N PRO B 328 -0.13 8.87 14.09
CA PRO B 328 -0.53 9.25 15.43
C PRO B 328 -1.18 10.65 15.44
N ILE B 329 -2.23 10.82 16.22
CA ILE B 329 -2.93 12.10 16.38
C ILE B 329 -2.11 13.15 17.13
N SER B 330 -2.52 14.42 17.06
CA SER B 330 -1.96 15.48 17.91
C SER B 330 -2.42 15.31 19.34
N ARG B 331 -1.50 15.50 20.30
CA ARG B 331 -1.78 15.30 21.73
C ARG B 331 -1.77 16.59 22.59
N GLU B 332 -2.45 17.62 22.10
CA GLU B 332 -2.67 18.87 22.87
C GLU B 332 -4.09 19.40 22.67
N MET C 1 10.40 12.27 -4.07
CA MET C 1 10.81 13.40 -4.96
C MET C 1 10.16 13.31 -6.33
N VAL C 2 9.66 14.44 -6.82
CA VAL C 2 9.13 14.56 -8.20
C VAL C 2 10.28 14.51 -9.21
N LYS C 3 9.98 14.06 -10.43
CA LYS C 3 11.03 13.77 -11.42
C LYS C 3 11.71 14.99 -12.04
N LYS C 4 13.04 15.00 -11.98
CA LYS C 4 13.86 16.03 -12.59
C LYS C 4 14.06 15.74 -14.07
N PRO C 5 14.32 16.80 -14.89
CA PRO C 5 14.55 16.63 -16.34
C PRO C 5 15.64 15.60 -16.69
N SER C 6 16.68 15.50 -15.86
CA SER C 6 17.74 14.50 -16.05
C SER C 6 17.20 13.07 -16.15
N LEU C 7 16.09 12.81 -15.46
CA LEU C 7 15.40 11.52 -15.52
C LEU C 7 14.14 11.55 -16.40
N ALA C 8 13.44 12.69 -16.42
CA ALA C 8 12.16 12.78 -17.14
C ALA C 8 12.26 13.13 -18.63
N GLY C 9 13.24 13.93 -19.01
CA GLY C 9 13.42 14.28 -20.42
C GLY C 9 12.34 15.19 -20.95
N ARG C 10 11.95 14.99 -22.22
CA ARG C 10 10.96 15.83 -22.91
C ARG C 10 9.57 15.57 -22.35
N LEU C 11 8.88 16.64 -22.01
CA LEU C 11 7.55 16.55 -21.43
C LEU C 11 6.55 16.57 -22.56
N LYS C 12 5.48 15.81 -22.45
CA LYS C 12 4.39 15.90 -23.43
C LYS C 12 3.06 15.44 -22.84
N ILE C 13 1.98 15.97 -23.39
CA ILE C 13 0.63 15.51 -23.05
CA ILE C 13 0.62 15.52 -23.06
C ILE C 13 0.43 14.09 -23.54
N ILE C 14 0.13 13.19 -22.61
CA ILE C 14 -0.10 11.76 -22.87
C ILE C 14 -1.58 11.44 -22.57
N GLU C 15 -2.07 10.31 -23.07
CA GLU C 15 -3.40 9.82 -22.69
C GLU C 15 -3.26 8.42 -22.10
N ILE C 16 -3.73 8.24 -20.86
CA ILE C 16 -3.68 6.93 -20.19
C ILE C 16 -5.08 6.54 -19.71
N ASP C 17 -5.50 5.33 -20.08
CA ASP C 17 -6.86 4.81 -19.82
C ASP C 17 -7.95 5.83 -20.10
N GLY C 18 -7.80 6.58 -21.18
CA GLY C 18 -8.82 7.54 -21.62
C GLY C 18 -8.74 8.97 -21.06
N ARG C 19 -7.72 9.23 -20.26
CA ARG C 19 -7.54 10.55 -19.65
C ARG C 19 -6.20 11.20 -20.07
N LYS C 20 -6.30 12.46 -20.53
CA LYS C 20 -5.14 13.27 -20.89
CA LYS C 20 -5.13 13.26 -20.89
C LYS C 20 -4.46 13.87 -19.65
N THR C 21 -3.12 13.82 -19.60
CA THR C 21 -2.36 14.42 -18.49
C THR C 21 -0.94 14.75 -18.95
N LEU C 22 -0.22 15.57 -18.16
CA LEU C 22 1.20 15.85 -18.45
C LEU C 22 2.01 14.59 -18.24
N GLY C 23 2.89 14.27 -19.20
CA GLY C 23 3.72 13.06 -19.10
C GLY C 23 5.18 13.32 -19.46
N ASP C 24 6.04 12.34 -19.16
CA ASP C 24 7.46 12.42 -19.55
C ASP C 24 7.75 11.67 -20.88
N GLN C 25 9.01 11.64 -21.28
CA GLN C 25 9.45 10.95 -22.51
C GLN C 25 9.09 9.47 -22.57
N HIS C 26 9.12 8.81 -21.41
CA HIS C 26 8.84 7.38 -21.26
C HIS C 26 7.34 7.04 -21.33
N GLY C 27 6.50 8.07 -21.40
CA GLY C 27 5.05 7.93 -21.40
C GLY C 27 4.36 7.84 -20.03
N ASN C 28 5.12 8.06 -18.94
CA ASN C 28 4.57 8.05 -17.58
C ASN C 28 4.06 9.42 -17.12
N PRO C 29 2.94 9.46 -16.32
CA PRO C 29 2.42 10.77 -15.89
C PRO C 29 3.49 11.46 -15.02
N ILE C 30 3.62 12.76 -15.17
CA ILE C 30 4.54 13.53 -14.34
C ILE C 30 3.83 14.72 -13.68
N GLN C 31 4.26 15.09 -12.47
CA GLN C 31 3.88 16.35 -11.84
C GLN C 31 5.11 17.24 -11.58
N LEU C 32 4.98 18.50 -11.94
CA LEU C 32 5.94 19.55 -11.62
C LEU C 32 5.45 20.32 -10.41
N ARG C 33 6.37 20.58 -9.47
CA ARG C 33 6.10 21.38 -8.28
C ARG C 33 7.30 22.32 -8.15
N GLY C 34 7.04 23.62 -8.07
CA GLY C 34 8.12 24.58 -7.94
C GLY C 34 7.69 25.93 -7.45
N MET C 35 8.53 26.92 -7.77
CA MET C 35 8.40 28.31 -7.32
C MET C 35 8.49 29.27 -8.47
N SER C 36 7.80 30.40 -8.32
CA SER C 36 7.86 31.48 -9.28
C SER C 36 8.68 32.63 -8.66
N THR C 37 9.43 33.34 -9.48
CA THR C 37 10.05 34.59 -9.03
C THR C 37 8.91 35.59 -8.92
N HIS C 38 9.10 36.65 -8.13
CA HIS C 38 8.26 37.83 -8.21
C HIS C 38 8.72 38.54 -9.50
N GLY C 39 8.19 39.72 -9.82
CA GLY C 39 8.57 40.43 -11.03
C GLY C 39 10.08 40.63 -11.08
N LEU C 40 10.69 40.26 -12.20
CA LEU C 40 12.14 40.37 -12.35
C LEU C 40 12.69 41.79 -12.42
N GLN C 41 11.84 42.77 -12.75
CA GLN C 41 12.20 44.18 -12.58
C GLN C 41 12.21 44.61 -11.08
N TRP C 42 11.59 43.83 -10.20
CA TRP C 42 11.49 44.18 -8.76
C TRP C 42 12.33 43.30 -7.85
N PHE C 43 12.40 42.00 -8.14
CA PHE C 43 13.17 41.07 -7.31
C PHE C 43 14.15 40.21 -8.14
N PRO C 44 15.01 40.83 -8.99
CA PRO C 44 15.96 40.06 -9.83
C PRO C 44 17.05 39.30 -9.06
N GLN C 45 17.28 39.67 -7.79
CA GLN C 45 18.38 39.12 -6.97
C GLN C 45 18.31 37.61 -6.76
N ILE C 46 17.12 37.05 -6.97
CA ILE C 46 16.91 35.62 -6.84
C ILE C 46 17.62 34.83 -7.95
N ILE C 47 17.91 35.51 -9.06
CA ILE C 47 18.62 34.92 -10.20
C ILE C 47 20.11 34.77 -9.85
N ASN C 48 20.40 33.72 -9.10
CA ASN C 48 21.76 33.41 -8.69
C ASN C 48 21.86 31.92 -8.45
N ASN C 49 23.01 31.36 -8.75
CA ASN C 49 23.24 29.91 -8.69
C ASN C 49 22.96 29.29 -7.34
N ASN C 50 23.21 30.04 -6.28
CA ASN C 50 23.07 29.52 -4.94
C ASN C 50 21.59 29.29 -4.61
N ALA C 51 20.75 30.24 -5.00
CA ALA C 51 19.30 30.13 -4.88
C ALA C 51 18.75 28.92 -5.66
N PHE C 52 19.05 28.86 -6.97
CA PHE C 52 18.55 27.81 -7.88
C PHE C 52 19.04 26.45 -7.47
N SER C 53 20.28 26.37 -6.98
CA SER C 53 20.80 25.12 -6.46
C SER C 53 20.03 24.69 -5.22
N ALA C 54 19.73 25.66 -4.34
CA ALA C 54 19.04 25.36 -3.09
C ALA C 54 17.62 24.90 -3.38
N LEU C 55 16.95 25.57 -4.31
CA LEU C 55 15.57 25.24 -4.67
C LEU C 55 15.48 23.81 -5.23
N SER C 56 16.40 23.48 -6.13
CA SER C 56 16.48 22.15 -6.70
C SER C 56 16.84 21.04 -5.72
N LYS C 57 17.90 21.23 -4.93
CA LYS C 57 18.39 20.15 -4.05
C LYS C 57 17.69 20.11 -2.71
N ASP C 58 17.50 21.27 -2.07
CA ASP C 58 16.92 21.27 -0.72
C ASP C 58 15.39 21.25 -0.73
N TRP C 59 14.80 22.05 -1.60
CA TRP C 59 13.33 22.14 -1.69
C TRP C 59 12.80 21.03 -2.59
N GLU C 60 13.72 20.45 -3.37
CA GLU C 60 13.45 19.37 -4.33
C GLU C 60 12.41 19.77 -5.38
N ALA C 61 12.42 21.04 -5.79
CA ALA C 61 11.61 21.51 -6.92
C ALA C 61 12.14 20.97 -8.24
N ASN C 62 11.24 20.73 -9.20
CA ASN C 62 11.67 20.32 -10.55
C ASN C 62 11.28 21.35 -11.55
N VAL C 63 10.76 22.47 -11.07
CA VAL C 63 10.47 23.60 -11.94
C VAL C 63 10.66 24.89 -11.19
N ILE C 64 10.98 25.94 -11.96
CA ILE C 64 11.06 27.32 -11.48
CA ILE C 64 11.09 27.32 -11.49
C ILE C 64 10.55 28.22 -12.59
N ARG C 65 9.81 29.26 -12.22
CA ARG C 65 9.20 30.16 -13.18
C ARG C 65 9.71 31.56 -13.07
N LEU C 66 9.95 32.14 -14.25
CA LEU C 66 10.61 33.39 -14.42
C LEU C 66 9.57 34.34 -14.89
N ALA C 67 9.13 35.19 -13.97
CA ALA C 67 8.05 36.14 -14.23
C ALA C 67 8.56 37.49 -14.70
N MET C 68 8.57 37.67 -16.02
CA MET C 68 9.01 38.90 -16.64
C MET C 68 7.84 39.83 -16.97
N TYR C 69 7.64 40.82 -16.09
CA TYR C 69 6.70 41.92 -16.34
C TYR C 69 7.09 42.70 -17.59
N VAL C 70 6.09 43.33 -18.21
CA VAL C 70 6.30 44.15 -19.40
C VAL C 70 5.87 45.60 -19.09
N GLY C 71 4.64 45.80 -18.62
CA GLY C 71 4.22 47.10 -18.06
C GLY C 71 4.84 47.34 -16.68
N GLU C 72 4.53 48.50 -16.08
CA GLU C 72 4.98 48.88 -14.71
C GLU C 72 6.51 48.80 -14.48
N GLY C 73 7.27 49.40 -15.39
CA GLY C 73 8.73 49.39 -15.29
C GLY C 73 9.37 48.07 -15.68
N GLY C 74 8.63 47.24 -16.43
CA GLY C 74 9.15 45.98 -16.94
C GLY C 74 9.78 46.15 -18.31
N TYR C 75 9.71 45.08 -19.11
CA TYR C 75 10.30 44.98 -20.45
C TYR C 75 10.02 46.14 -21.43
N SER C 76 8.83 46.75 -21.36
CA SER C 76 8.45 47.86 -22.25
C SER C 76 9.25 49.14 -22.02
N THR C 77 9.60 49.44 -20.77
CA THR C 77 10.40 50.62 -20.42
C THR C 77 11.92 50.32 -20.32
N ASP C 78 12.26 49.20 -19.69
CA ASP C 78 13.65 48.74 -19.54
C ASP C 78 13.85 47.32 -20.12
N PRO C 79 14.14 47.22 -21.44
CA PRO C 79 14.30 45.91 -22.13
C PRO C 79 15.44 45.01 -21.60
N SER C 80 16.32 45.56 -20.75
CA SER C 80 17.51 44.84 -20.26
C SER C 80 17.19 43.68 -19.32
N VAL C 81 16.00 43.71 -18.70
CA VAL C 81 15.48 42.64 -17.81
C VAL C 81 15.48 41.26 -18.50
N LYS C 82 15.31 41.28 -19.82
CA LYS C 82 15.50 40.14 -20.72
C LYS C 82 16.75 39.33 -20.42
N GLU C 83 17.82 40.01 -20.00
CA GLU C 83 19.08 39.36 -19.61
C GLU C 83 18.98 38.44 -18.37
N LYS C 84 18.14 38.83 -17.41
CA LYS C 84 17.87 38.00 -16.21
C LYS C 84 17.13 36.69 -16.54
N VAL C 85 16.21 36.76 -17.51
CA VAL C 85 15.49 35.59 -18.06
C VAL C 85 16.52 34.59 -18.63
N ILE C 86 17.47 35.12 -19.43
CA ILE C 86 18.50 34.27 -20.03
C ILE C 86 19.35 33.62 -18.95
N GLU C 87 19.71 34.39 -17.91
CA GLU C 87 20.45 33.86 -16.75
C GLU C 87 19.68 32.79 -15.99
N GLY C 88 18.39 33.04 -15.75
CA GLY C 88 17.52 32.06 -15.07
C GLY C 88 17.42 30.78 -15.86
N ILE C 89 17.26 30.91 -17.19
CA ILE C 89 17.21 29.73 -18.06
C ILE C 89 18.49 28.89 -17.93
N ASN C 90 19.65 29.57 -18.03
CA ASN C 90 20.97 28.93 -17.82
C ASN C 90 21.06 28.29 -16.46
N LEU C 91 20.66 29.03 -15.42
CA LEU C 91 20.77 28.51 -14.05
C LEU C 91 19.83 27.33 -13.78
N ALA C 92 18.68 27.31 -14.45
CA ALA C 92 17.74 26.19 -14.32
C ALA C 92 18.28 24.94 -14.99
N ILE C 93 18.82 25.09 -16.21
CA ILE C 93 19.50 23.96 -16.89
C ILE C 93 20.63 23.41 -16.01
N LYS C 94 21.49 24.29 -15.49
CA LYS C 94 22.62 23.86 -14.62
C LYS C 94 22.16 23.08 -13.39
N ASN C 95 21.03 23.50 -12.83
CA ASN C 95 20.53 22.94 -11.57
C ASN C 95 19.45 21.85 -11.68
N ASP C 96 19.21 21.38 -12.91
CA ASP C 96 18.36 20.22 -13.19
C ASP C 96 16.87 20.48 -12.82
N MET C 97 16.35 21.55 -13.41
CA MET C 97 14.96 21.97 -13.25
C MET C 97 14.39 22.40 -14.59
N TYR C 98 13.10 22.12 -14.80
CA TYR C 98 12.39 22.76 -15.89
C TYR C 98 12.29 24.25 -15.57
N VAL C 99 12.11 25.06 -16.60
CA VAL C 99 12.01 26.49 -16.42
C VAL C 99 10.86 27.01 -17.25
N ILE C 100 9.94 27.69 -16.58
CA ILE C 100 8.85 28.33 -17.27
C ILE C 100 9.25 29.74 -17.63
N VAL C 101 9.13 30.06 -18.93
CA VAL C 101 9.35 31.40 -19.41
C VAL C 101 8.01 32.12 -19.53
N ASP C 102 7.82 33.11 -18.66
CA ASP C 102 6.55 33.80 -18.48
C ASP C 102 6.57 35.27 -18.91
N TRP C 103 5.87 35.56 -20.01
CA TRP C 103 5.52 36.92 -20.46
C TRP C 103 4.40 37.49 -19.56
N HIS C 104 4.80 38.16 -18.49
CA HIS C 104 3.90 38.47 -17.37
C HIS C 104 2.98 39.68 -17.57
N ILE C 105 1.97 39.55 -18.42
CA ILE C 105 0.95 40.62 -18.52
C ILE C 105 0.12 40.72 -17.22
N LEU C 106 -0.27 41.95 -16.86
CA LEU C 106 -1.15 42.23 -15.70
C LEU C 106 -1.89 43.56 -15.86
N ASN C 107 -1.13 44.65 -16.05
CA ASN C 107 -1.69 45.98 -16.29
CA ASN C 107 -1.70 45.97 -16.29
C ASN C 107 -1.05 46.62 -17.53
N PRO C 108 -1.84 46.88 -18.60
CA PRO C 108 -3.29 46.56 -18.70
C PRO C 108 -3.55 45.08 -19.01
N GLY C 109 -4.83 44.68 -18.95
CA GLY C 109 -5.19 43.28 -19.01
C GLY C 109 -5.24 42.63 -20.38
N ASP C 110 -5.14 43.42 -21.45
CA ASP C 110 -5.24 42.90 -22.82
C ASP C 110 -3.86 42.52 -23.40
N PRO C 111 -3.61 41.21 -23.63
CA PRO C 111 -2.32 40.82 -24.21
C PRO C 111 -2.06 41.43 -25.60
N ASN C 112 -3.12 41.93 -26.25
CA ASN C 112 -3.07 42.61 -27.55
C ASN C 112 -2.82 44.14 -27.49
N ALA C 113 -2.74 44.70 -26.27
CA ALA C 113 -2.42 46.13 -26.08
C ALA C 113 -1.05 46.45 -26.69
N LYS C 114 -0.89 47.68 -27.22
CA LYS C 114 0.38 48.12 -27.87
C LYS C 114 1.63 47.96 -27.00
N ILE C 115 1.49 48.28 -25.71
CA ILE C 115 2.53 48.09 -24.68
C ILE C 115 3.17 46.68 -24.68
N TYR C 116 2.45 45.70 -25.22
CA TYR C 116 2.94 44.30 -25.31
C TYR C 116 3.37 43.80 -26.72
N SER C 117 3.59 44.73 -27.67
CA SER C 117 3.88 44.43 -29.09
C SER C 117 5.02 43.45 -29.43
N GLY C 118 6.03 43.41 -28.56
CA GLY C 118 7.26 42.64 -28.77
C GLY C 118 7.24 41.19 -28.34
N ALA C 119 6.05 40.71 -27.94
CA ALA C 119 5.87 39.36 -27.42
C ALA C 119 6.37 38.27 -28.40
N LYS C 120 5.90 38.35 -29.65
CA LYS C 120 6.29 37.38 -30.68
CA LYS C 120 6.27 37.43 -30.73
C LYS C 120 7.80 37.37 -30.87
N GLU C 121 8.40 38.56 -30.95
CA GLU C 121 9.85 38.74 -31.07
C GLU C 121 10.60 38.14 -29.88
N PHE C 122 10.10 38.41 -28.67
CA PHE C 122 10.71 37.91 -27.44
C PHE C 122 10.81 36.37 -27.43
N PHE C 123 9.71 35.72 -27.78
CA PHE C 123 9.71 34.26 -27.78
C PHE C 123 10.60 33.64 -28.86
N LYS C 124 10.63 34.27 -30.03
CA LYS C 124 11.54 33.93 -31.14
C LYS C 124 13.01 33.90 -30.66
N GLU C 125 13.41 34.98 -29.99
CA GLU C 125 14.78 35.13 -29.47
C GLU C 125 15.16 34.02 -28.48
N ILE C 126 14.29 33.80 -27.48
CA ILE C 126 14.50 32.76 -26.48
C ILE C 126 14.55 31.37 -27.15
N ALA C 127 13.59 31.11 -28.03
CA ALA C 127 13.54 29.82 -28.74
C ALA C 127 14.77 29.60 -29.64
N SER C 128 15.24 30.68 -30.27
CA SER C 128 16.44 30.63 -31.14
C SER C 128 17.70 30.24 -30.38
N LYS C 129 17.90 30.85 -29.20
CA LYS C 129 19.08 30.60 -28.36
CA LYS C 129 19.08 30.59 -28.39
C LYS C 129 19.03 29.21 -27.73
N TYR C 130 17.82 28.70 -27.46
CA TYR C 130 17.69 27.35 -26.87
C TYR C 130 16.76 26.45 -27.71
N PRO C 131 17.18 26.07 -28.95
CA PRO C 131 16.26 25.42 -29.93
C PRO C 131 15.71 24.09 -29.42
N ASN C 132 14.38 23.99 -29.32
CA ASN C 132 13.72 22.80 -28.76
C ASN C 132 14.34 22.23 -27.47
N ASP C 133 14.76 23.10 -26.56
CA ASP C 133 15.35 22.63 -25.28
C ASP C 133 14.30 21.97 -24.36
N LEU C 134 14.56 20.73 -23.94
CA LEU C 134 13.64 19.96 -23.09
C LEU C 134 13.32 20.64 -21.74
N HIS C 135 14.18 21.55 -21.32
CA HIS C 135 14.03 22.25 -20.04
C HIS C 135 12.96 23.34 -20.06
N ILE C 136 12.70 23.96 -21.23
CA ILE C 136 11.89 25.18 -21.28
C ILE C 136 10.39 24.92 -21.50
N ILE C 137 9.57 25.61 -20.71
CA ILE C 137 8.13 25.67 -20.93
C ILE C 137 7.84 27.15 -21.21
N TYR C 138 7.13 27.46 -22.28
CA TYR C 138 6.69 28.84 -22.57
C TYR C 138 5.28 29.13 -22.04
N GLU C 139 5.13 30.28 -21.36
CA GLU C 139 3.84 30.81 -20.87
C GLU C 139 3.55 32.20 -21.46
N LEU C 140 2.54 32.27 -22.32
CA LEU C 140 2.41 33.36 -23.31
C LEU C 140 1.82 34.67 -22.82
N ALA C 141 0.87 34.59 -21.90
CA ALA C 141 0.33 35.76 -21.20
C ALA C 141 -0.14 35.36 -19.81
N ASN C 142 0.68 35.69 -18.81
CA ASN C 142 0.34 35.48 -17.41
C ASN C 142 -1.17 35.50 -17.06
N GLU C 143 -1.78 36.70 -17.12
CA GLU C 143 -3.12 36.97 -16.61
C GLU C 143 -3.94 37.94 -17.46
N PRO C 144 -4.54 37.45 -18.57
CA PRO C 144 -5.52 38.28 -19.25
C PRO C 144 -6.64 38.58 -18.26
N ASN C 145 -7.05 39.85 -18.21
CA ASN C 145 -8.03 40.37 -17.25
C ASN C 145 -8.67 41.67 -17.75
N PRO C 146 -9.78 42.16 -17.09
CA PRO C 146 -10.55 43.30 -17.65
C PRO C 146 -10.06 44.73 -17.31
N THR C 147 -9.00 44.87 -16.52
CA THR C 147 -8.40 46.19 -16.17
C THR C 147 -7.95 46.94 -17.42
N GLU C 148 -8.67 48.03 -17.70
CA GLU C 148 -8.50 48.87 -18.89
C GLU C 148 -8.23 48.05 -20.15
N SER C 149 -9.13 47.08 -20.36
CA SER C 149 -9.06 46.15 -21.48
C SER C 149 -10.45 45.67 -21.87
N ASP C 150 -10.53 44.99 -23.01
CA ASP C 150 -11.76 44.38 -23.48
C ASP C 150 -11.70 42.85 -23.38
N ILE C 151 -10.81 42.34 -22.53
CA ILE C 151 -10.84 40.91 -22.13
C ILE C 151 -11.98 40.76 -21.15
N THR C 152 -13.13 40.39 -21.71
CA THR C 152 -14.35 40.26 -20.94
C THR C 152 -14.38 38.85 -20.36
N ASN C 153 -15.19 38.65 -19.32
CA ASN C 153 -15.28 37.37 -18.62
C ASN C 153 -16.23 36.38 -19.29
N ASP C 154 -15.87 35.98 -20.51
CA ASP C 154 -16.71 35.19 -21.41
C ASP C 154 -15.93 34.69 -22.64
N ILE C 155 -16.66 34.04 -23.56
CA ILE C 155 -16.11 33.48 -24.81
C ILE C 155 -15.38 34.54 -25.63
N ALA C 156 -15.97 35.73 -25.77
CA ALA C 156 -15.36 36.86 -26.49
C ALA C 156 -13.96 37.23 -25.95
N GLY C 157 -13.82 37.30 -24.63
CA GLY C 157 -12.52 37.45 -23.97
C GLY C 157 -11.53 36.35 -24.30
N TRP C 158 -11.99 35.08 -24.25
CA TRP C 158 -11.15 33.94 -24.56
C TRP C 158 -10.65 34.01 -25.99
N GLU C 159 -11.55 34.37 -26.91
CA GLU C 159 -11.22 34.46 -28.35
C GLU C 159 -10.09 35.45 -28.62
N LYS C 160 -10.09 36.59 -27.90
CA LYS C 160 -9.00 37.59 -27.97
C LYS C 160 -7.66 37.05 -27.46
N VAL C 161 -7.67 36.29 -26.37
CA VAL C 161 -6.47 35.60 -25.89
C VAL C 161 -5.98 34.59 -26.91
N LYS C 162 -6.91 33.84 -27.50
CA LYS C 162 -6.62 32.85 -28.53
C LYS C 162 -5.97 33.51 -29.77
N LYS C 163 -6.54 34.64 -30.19
CA LYS C 163 -6.02 35.40 -31.34
C LYS C 163 -4.58 35.85 -31.14
N TYR C 164 -4.24 36.23 -29.90
CA TYR C 164 -2.88 36.59 -29.51
C TYR C 164 -1.95 35.37 -29.54
N ALA C 165 -2.42 34.27 -28.95
CA ALA C 165 -1.59 33.10 -28.70
C ALA C 165 -1.19 32.28 -29.94
N GLU C 166 -2.13 32.12 -30.87
CA GLU C 166 -1.91 31.21 -32.02
C GLU C 166 -0.73 31.56 -32.96
N PRO C 167 -0.56 32.86 -33.38
CA PRO C 167 0.63 33.23 -34.20
C PRO C 167 1.96 32.93 -33.51
N ILE C 168 2.04 33.14 -32.18
CA ILE C 168 3.24 32.84 -31.40
C ILE C 168 3.45 31.33 -31.34
N ILE C 169 2.38 30.56 -31.15
CA ILE C 169 2.45 29.09 -31.12
C ILE C 169 2.99 28.53 -32.46
N LYS C 170 2.40 29.00 -33.56
CA LYS C 170 2.71 28.49 -34.91
C LYS C 170 4.18 28.72 -35.24
N MET C 171 4.61 29.96 -35.00
CA MET C 171 6.01 30.38 -35.11
CA MET C 171 6.00 30.37 -35.13
C MET C 171 6.93 29.43 -34.34
N LEU C 172 6.58 29.15 -33.08
CA LEU C 172 7.40 28.26 -32.26
C LEU C 172 7.44 26.85 -32.83
N ARG C 173 6.29 26.38 -33.31
CA ARG C 173 6.16 25.04 -33.86
C ARG C 173 6.87 24.92 -35.20
N ASP C 174 6.75 25.96 -36.03
CA ASP C 174 7.36 25.99 -37.38
C ASP C 174 8.87 25.80 -37.33
N MET C 175 9.51 26.33 -36.30
CA MET C 175 10.96 26.23 -36.17
C MET C 175 11.43 25.13 -35.21
N GLY C 176 10.60 24.10 -35.07
CA GLY C 176 11.01 22.86 -34.42
C GLY C 176 10.89 22.78 -32.91
N ASN C 177 10.23 23.77 -32.29
CA ASN C 177 10.04 23.74 -30.83
C ASN C 177 8.83 22.89 -30.42
N GLU C 178 9.11 21.78 -29.74
CA GLU C 178 8.10 20.83 -29.27
C GLU C 178 7.75 21.04 -27.78
N ASN C 179 8.12 22.21 -27.24
CA ASN C 179 7.95 22.53 -25.82
C ASN C 179 6.47 22.54 -25.39
N ILE C 180 6.20 22.22 -24.13
CA ILE C 180 4.88 22.53 -23.53
C ILE C 180 4.70 24.03 -23.62
N ILE C 181 3.54 24.45 -24.10
CA ILE C 181 3.16 25.85 -24.11
C ILE C 181 1.92 26.00 -23.21
N ILE C 182 1.98 26.96 -22.30
CA ILE C 182 0.89 27.19 -21.34
C ILE C 182 0.22 28.49 -21.72
N VAL C 183 -1.10 28.45 -21.91
CA VAL C 183 -1.83 29.62 -22.32
C VAL C 183 -2.81 30.07 -21.25
N GLY C 184 -2.73 31.37 -20.95
CA GLY C 184 -3.60 32.03 -19.98
C GLY C 184 -5.01 32.18 -20.50
N ASN C 185 -5.87 32.85 -19.74
CA ASN C 185 -7.30 32.89 -20.06
C ASN C 185 -8.00 33.99 -19.26
N PRO C 186 -9.29 34.28 -19.50
CA PRO C 186 -9.85 35.46 -18.87
C PRO C 186 -9.92 35.49 -17.32
N GLU C 187 -10.20 36.70 -16.81
CA GLU C 187 -10.48 36.96 -15.40
C GLU C 187 -9.28 36.53 -14.55
N TRP C 188 -8.10 36.96 -14.97
CA TRP C 188 -6.85 36.65 -14.25
C TRP C 188 -6.50 35.15 -14.28
N SER C 189 -6.67 34.54 -15.45
CA SER C 189 -6.42 33.11 -15.66
C SER C 189 -7.17 32.23 -14.65
N THR C 190 -8.45 32.54 -14.44
CA THR C 190 -9.33 31.70 -13.62
C THR C 190 -10.38 30.96 -14.46
N ARG C 191 -10.26 31.07 -15.78
CA ARG C 191 -11.26 30.57 -16.73
C ARG C 191 -10.70 29.60 -17.76
N PRO C 192 -9.94 28.55 -17.34
CA PRO C 192 -9.54 27.59 -18.37
C PRO C 192 -10.73 26.88 -19.07
N ASP C 193 -11.87 26.82 -18.38
CA ASP C 193 -13.16 26.31 -18.92
C ASP C 193 -13.63 27.04 -20.18
N LEU C 194 -13.36 28.35 -20.29
CA LEU C 194 -13.75 29.13 -21.48
C LEU C 194 -13.14 28.60 -22.76
N ALA C 195 -11.98 27.93 -22.67
CA ALA C 195 -11.32 27.32 -23.81
C ALA C 195 -12.03 26.07 -24.34
N VAL C 196 -12.90 25.44 -23.54
CA VAL C 196 -13.64 24.26 -24.01
C VAL C 196 -14.43 24.58 -25.30
N ASN C 197 -14.99 25.79 -25.35
CA ASN C 197 -15.83 26.27 -26.44
C ASN C 197 -15.08 26.37 -27.76
N ASP C 198 -13.74 26.44 -27.68
CA ASP C 198 -12.89 26.60 -28.86
C ASP C 198 -11.41 26.43 -28.51
N PRO C 199 -10.95 25.18 -28.32
CA PRO C 199 -9.57 24.92 -27.89
C PRO C 199 -8.53 25.21 -28.95
N ILE C 200 -7.26 25.36 -28.56
CA ILE C 200 -6.15 25.52 -29.53
C ILE C 200 -5.79 24.15 -30.08
N ASP C 201 -5.72 24.00 -31.40
CA ASP C 201 -5.42 22.70 -32.00
CA ASP C 201 -5.42 22.70 -32.03
C ASP C 201 -3.92 22.47 -32.05
N ASP C 202 -3.37 22.09 -30.90
CA ASP C 202 -1.97 21.78 -30.75
C ASP C 202 -1.93 20.72 -29.67
N LYS C 203 -1.21 19.65 -29.94
CA LYS C 203 -1.12 18.51 -29.04
C LYS C 203 -0.43 18.77 -27.69
N ASN C 204 0.38 19.83 -27.63
CA ASN C 204 1.17 20.20 -26.42
C ASN C 204 0.89 21.61 -25.84
N VAL C 205 -0.34 22.10 -26.05
CA VAL C 205 -0.80 23.32 -25.38
C VAL C 205 -1.57 23.01 -24.08
N MET C 206 -1.18 23.65 -22.98
CA MET C 206 -1.88 23.52 -21.69
C MET C 206 -2.57 24.81 -21.36
N TYR C 207 -3.42 24.79 -20.33
CA TYR C 207 -4.21 25.97 -19.96
C TYR C 207 -3.95 26.33 -18.50
N SER C 208 -3.72 27.62 -18.24
CA SER C 208 -3.39 28.10 -16.89
CA SER C 208 -3.38 28.01 -16.87
C SER C 208 -4.62 28.15 -15.99
N ALA C 209 -4.42 27.92 -14.70
CA ALA C 209 -5.38 28.34 -13.72
C ALA C 209 -4.56 28.94 -12.58
N HIS C 210 -5.04 30.07 -12.06
CA HIS C 210 -4.46 30.71 -10.87
C HIS C 210 -5.46 30.81 -9.72
N PHE C 211 -4.97 30.70 -8.50
CA PHE C 211 -5.82 30.88 -7.33
C PHE C 211 -4.99 31.35 -6.15
N TYR C 212 -5.64 32.05 -5.23
CA TYR C 212 -5.07 32.47 -3.96
C TYR C 212 -5.96 31.93 -2.85
N THR C 213 -5.37 31.16 -1.94
CA THR C 213 -6.12 30.34 -0.98
C THR C 213 -6.87 31.18 0.06
N GLY C 214 -6.56 32.48 0.08
CA GLY C 214 -7.28 33.43 0.91
C GLY C 214 -8.50 33.99 0.26
N SER C 215 -8.64 33.79 -1.06
CA SER C 215 -9.73 34.40 -1.81
C SER C 215 -10.55 33.36 -2.52
N ALA C 216 -10.11 32.10 -2.52
CA ALA C 216 -10.83 31.02 -3.24
C ALA C 216 -10.71 29.72 -2.50
N SER C 217 -11.82 28.98 -2.38
CA SER C 217 -11.81 27.65 -1.75
C SER C 217 -12.18 26.59 -2.77
N VAL C 218 -11.71 25.38 -2.54
CA VAL C 218 -12.08 24.25 -3.40
C VAL C 218 -13.59 23.97 -3.20
N TRP C 219 -14.01 23.94 -1.92
CA TRP C 219 -15.39 23.64 -1.52
C TRP C 219 -15.87 24.73 -0.54
N GLU C 220 -17.05 25.30 -0.80
CA GLU C 220 -17.67 26.24 0.13
C GLU C 220 -19.19 26.06 0.21
N ASN C 221 -19.69 25.85 1.44
CA ASN C 221 -21.13 25.62 1.69
C ASN C 221 -21.74 24.52 0.85
N GLY C 222 -20.97 23.44 0.69
CA GLY C 222 -21.37 22.31 -0.12
C GLY C 222 -21.09 22.45 -1.60
N ASN C 223 -20.77 23.65 -2.07
CA ASN C 223 -20.53 23.80 -3.51
C ASN C 223 -19.04 23.85 -3.82
N LYS C 224 -18.65 23.32 -4.96
CA LYS C 224 -17.26 23.49 -5.43
C LYS C 224 -17.09 24.97 -5.77
N GLY C 225 -15.99 25.61 -5.36
CA GLY C 225 -15.78 27.02 -5.70
C GLY C 225 -15.61 27.25 -7.20
N HIS C 226 -15.79 28.51 -7.61
CA HIS C 226 -15.77 28.90 -9.00
C HIS C 226 -14.49 28.48 -9.71
N ILE C 227 -13.33 28.82 -9.12
CA ILE C 227 -12.08 28.49 -9.78
C ILE C 227 -11.92 26.99 -9.90
N ALA C 228 -12.16 26.26 -8.82
CA ALA C 228 -12.01 24.80 -8.84
C ALA C 228 -12.97 24.14 -9.87
N ARG C 229 -14.19 24.63 -9.98
CA ARG C 229 -15.14 24.01 -10.92
C ARG C 229 -14.78 24.35 -12.37
N ASN C 230 -14.19 25.53 -12.57
CA ASN C 230 -13.68 25.94 -13.89
C ASN C 230 -12.54 25.05 -14.31
N ILE C 231 -11.63 24.77 -13.36
CA ILE C 231 -10.60 23.76 -13.58
C ILE C 231 -11.21 22.39 -13.94
N GLU C 232 -12.17 21.93 -13.12
CA GLU C 232 -12.80 20.62 -13.32
C GLU C 232 -13.45 20.49 -14.71
N LYS C 233 -14.13 21.55 -15.10
CA LYS C 233 -14.81 21.59 -16.39
C LYS C 233 -13.82 21.50 -17.56
N ALA C 234 -12.71 22.24 -17.47
CA ALA C 234 -11.65 22.13 -18.45
C ALA C 234 -11.18 20.69 -18.54
N LEU C 235 -10.90 20.06 -17.39
CA LEU C 235 -10.39 18.70 -17.34
C LEU C 235 -11.39 17.68 -17.92
N GLU C 236 -12.65 17.76 -17.51
CA GLU C 236 -13.71 16.85 -17.98
C GLU C 236 -13.95 16.86 -19.49
N ASN C 237 -13.64 17.99 -20.11
CA ASN C 237 -13.76 18.20 -21.56
C ASN C 237 -12.44 18.10 -22.30
N GLY C 238 -11.51 17.35 -21.72
CA GLY C 238 -10.30 16.93 -22.42
C GLY C 238 -9.14 17.91 -22.47
N LEU C 239 -9.19 18.99 -21.69
CA LEU C 239 -8.09 19.96 -21.66
C LEU C 239 -7.18 19.68 -20.46
N THR C 240 -5.91 20.11 -20.53
CA THR C 240 -5.06 19.91 -19.36
C THR C 240 -4.74 21.25 -18.71
N VAL C 241 -4.63 21.24 -17.38
CA VAL C 241 -4.46 22.46 -16.60
C VAL C 241 -3.08 22.39 -15.92
N PHE C 242 -2.39 23.53 -15.92
CA PHE C 242 -1.09 23.70 -15.26
C PHE C 242 -1.24 24.92 -14.37
N VAL C 243 -1.02 24.77 -13.07
CA VAL C 243 -1.22 25.95 -12.24
C VAL C 243 0.10 26.75 -12.23
N THR C 244 0.18 27.78 -13.07
CA THR C 244 1.45 28.51 -13.18
C THR C 244 1.66 29.54 -12.07
N GLU C 245 0.63 29.80 -11.26
CA GLU C 245 0.69 30.80 -10.21
C GLU C 245 -0.42 30.55 -9.19
N TRP C 246 -0.04 30.24 -7.96
CA TRP C 246 -0.97 30.26 -6.86
C TRP C 246 -0.25 30.76 -5.61
N GLY C 247 -0.99 31.38 -4.70
CA GLY C 247 -0.45 31.80 -3.39
C GLY C 247 -1.32 31.42 -2.20
N THR C 248 -0.69 31.50 -1.03
CA THR C 248 -1.28 31.15 0.25
C THR C 248 -1.98 32.37 0.89
N SER C 249 -1.87 33.49 0.20
CA SER C 249 -2.44 34.74 0.63
C SER C 249 -3.80 34.98 -0.01
N GLU C 250 -4.34 36.17 0.18
CA GLU C 250 -5.47 36.68 -0.60
C GLU C 250 -4.93 37.05 -1.98
N ALA C 251 -5.82 37.26 -2.94
CA ALA C 251 -5.45 37.66 -4.30
C ALA C 251 -4.60 38.95 -4.39
N SER C 252 -4.60 39.78 -3.34
CA SER C 252 -3.72 40.96 -3.27
C SER C 252 -2.22 40.62 -3.18
N GLY C 253 -1.90 39.39 -2.78
CA GLY C 253 -0.56 38.99 -2.45
C GLY C 253 -0.25 38.97 -0.96
N ASP C 254 -1.21 39.44 -0.15
CA ASP C 254 -1.06 39.57 1.30
C ASP C 254 -2.30 39.05 2.05
N GLY C 255 -2.19 38.95 3.37
CA GLY C 255 -3.24 38.40 4.22
C GLY C 255 -2.96 36.94 4.46
N GLY C 256 -3.27 36.44 5.65
CA GLY C 256 -2.94 35.04 5.95
C GLY C 256 -1.50 34.84 6.35
N PRO C 257 -0.80 33.76 5.91
CA PRO C 257 -1.27 32.79 4.90
C PRO C 257 -2.43 31.90 5.36
N TYR C 258 -3.09 31.25 4.41
CA TYR C 258 -4.31 30.46 4.66
C TYR C 258 -3.94 29.06 4.32
N LEU C 259 -3.41 28.35 5.30
CA LEU C 259 -2.73 27.11 5.03
C LEU C 259 -3.62 25.86 4.99
N ASN C 260 -4.73 25.87 5.72
CA ASN C 260 -5.68 24.77 5.68
CA ASN C 260 -5.69 24.76 5.68
C ASN C 260 -6.33 24.74 4.30
N GLU C 261 -6.69 25.94 3.82
CA GLU C 261 -7.26 26.07 2.50
CA GLU C 261 -7.26 26.08 2.50
C GLU C 261 -6.24 25.67 1.43
N ALA C 262 -4.95 25.90 1.73
CA ALA C 262 -3.90 25.48 0.83
C ALA C 262 -3.80 23.97 0.76
N ASP C 263 -3.88 23.29 1.90
CA ASP C 263 -3.94 21.83 1.93
C ASP C 263 -5.04 21.26 1.01
N GLU C 264 -6.24 21.83 1.06
CA GLU C 264 -7.36 21.38 0.22
CA GLU C 264 -7.38 21.42 0.22
C GLU C 264 -7.09 21.59 -1.27
N TRP C 265 -6.60 22.79 -1.62
CA TRP C 265 -6.19 23.07 -2.99
C TRP C 265 -5.12 22.10 -3.48
N LEU C 266 -4.09 21.85 -2.66
CA LEU C 266 -3.03 20.94 -3.10
C LEU C 266 -3.50 19.48 -3.21
N GLU C 267 -4.38 19.04 -2.31
CA GLU C 267 -5.00 17.72 -2.43
CA GLU C 267 -4.98 17.71 -2.45
C GLU C 267 -5.75 17.61 -3.77
N PHE C 268 -6.52 18.63 -4.08
CA PHE C 268 -7.26 18.72 -5.37
C PHE C 268 -6.34 18.66 -6.59
N LEU C 269 -5.26 19.44 -6.59
CA LEU C 269 -4.26 19.40 -7.69
C LEU C 269 -3.53 18.08 -7.81
N ASN C 270 -2.99 17.59 -6.69
CA ASN C 270 -2.23 16.36 -6.69
C ASN C 270 -3.08 15.18 -7.16
N SER C 271 -4.33 15.12 -6.71
CA SER C 271 -5.20 14.03 -7.13
C SER C 271 -5.62 14.10 -8.61
N ASN C 272 -5.42 15.24 -9.25
CA ASN C 272 -5.68 15.40 -10.67
C ASN C 272 -4.44 15.51 -11.52
N ASN C 273 -3.30 15.20 -10.91
CA ASN C 273 -1.97 15.34 -11.51
C ASN C 273 -1.78 16.71 -12.18
N ILE C 274 -2.20 17.75 -11.47
CA ILE C 274 -2.04 19.12 -11.96
C ILE C 274 -0.73 19.70 -11.36
N SER C 275 0.21 20.04 -12.27
CA SER C 275 1.48 20.71 -11.89
C SER C 275 1.19 22.06 -11.26
N TRP C 276 2.05 22.47 -10.31
CA TRP C 276 1.87 23.75 -9.69
C TRP C 276 3.16 24.55 -9.36
N VAL C 277 3.02 25.87 -9.35
CA VAL C 277 4.11 26.80 -9.09
C VAL C 277 3.58 27.86 -8.15
N ASN C 278 4.19 27.94 -6.96
CA ASN C 278 3.84 28.92 -5.95
C ASN C 278 4.46 30.33 -6.13
N TRP C 279 3.64 31.35 -5.92
CA TRP C 279 4.05 32.76 -5.87
C TRP C 279 4.31 33.19 -4.40
N SER C 280 5.51 33.70 -4.02
CA SER C 280 6.65 34.02 -4.89
C SER C 280 7.96 33.94 -4.10
N LEU C 281 9.06 33.96 -4.86
CA LEU C 281 10.44 34.01 -4.32
C LEU C 281 10.90 35.45 -4.02
N ALA C 282 10.02 36.27 -3.47
CA ALA C 282 10.37 37.61 -3.04
C ALA C 282 10.60 37.62 -1.53
N ASN C 283 11.22 38.71 -1.04
CA ASN C 283 11.29 39.00 0.38
C ASN C 283 10.51 40.25 0.72
N LYS C 284 9.54 40.59 -0.16
CA LYS C 284 8.55 41.60 0.08
C LYS C 284 7.81 41.29 1.39
N ASN C 285 7.39 42.34 2.09
CA ASN C 285 6.64 42.20 3.30
C ASN C 285 5.14 41.98 2.99
N GLU C 286 4.83 40.83 2.42
CA GLU C 286 3.45 40.40 2.11
C GLU C 286 3.37 38.91 2.38
N ALA C 287 2.20 38.40 2.78
CA ALA C 287 2.10 37.00 3.23
C ALA C 287 2.50 35.94 2.19
N SER C 288 2.32 36.23 0.91
CA SER C 288 2.65 35.23 -0.13
C SER C 288 4.16 35.04 -0.38
N ALA C 289 4.98 36.02 0.00
CA ALA C 289 6.43 35.93 -0.19
C ALA C 289 7.04 34.78 0.60
N ALA C 290 7.88 33.99 -0.06
CA ALA C 290 8.50 32.80 0.52
C ALA C 290 9.58 33.11 1.63
N PHE C 291 10.10 34.32 1.63
CA PHE C 291 11.21 34.70 2.52
C PHE C 291 10.80 35.86 3.39
N LEU C 292 11.23 35.80 4.65
CA LEU C 292 11.17 36.91 5.58
C LEU C 292 11.77 38.20 5.00
N PRO C 293 11.26 39.38 5.41
CA PRO C 293 11.82 40.62 4.83
C PRO C 293 13.34 40.80 5.03
N THR C 294 13.85 40.15 6.05
CA THR C 294 15.25 40.24 6.40
C THR C 294 16.08 39.19 5.68
N THR C 295 15.42 38.30 4.93
CA THR C 295 16.14 37.17 4.34
C THR C 295 16.64 37.51 2.93
N SER C 296 17.91 37.18 2.68
CA SER C 296 18.50 37.46 1.38
C SER C 296 18.00 36.49 0.30
N LEU C 297 17.88 36.98 -0.94
CA LEU C 297 17.54 36.13 -2.08
C LEU C 297 18.73 35.32 -2.56
N ASP C 298 19.91 35.60 -2.01
CA ASP C 298 21.09 34.76 -2.24
C ASP C 298 21.49 34.20 -0.87
N PRO C 299 21.31 32.87 -0.65
CA PRO C 299 21.59 32.28 0.67
C PRO C 299 23.08 32.13 0.96
N GLY C 300 23.90 32.37 -0.06
CA GLY C 300 25.34 32.24 0.07
C GLY C 300 25.89 30.99 -0.56
N ASN C 301 27.20 31.05 -0.83
CA ASN C 301 27.92 29.95 -1.49
CA ASN C 301 27.96 29.97 -1.48
C ASN C 301 27.89 28.64 -0.73
N GLY C 302 27.46 27.59 -1.45
CA GLY C 302 27.27 26.26 -0.86
C GLY C 302 26.24 26.16 0.24
N LYS C 303 25.41 27.20 0.40
CA LYS C 303 24.38 27.25 1.45
C LYS C 303 22.94 27.15 0.89
N VAL C 304 22.06 26.57 1.69
CA VAL C 304 20.60 26.64 1.50
C VAL C 304 20.02 27.67 2.47
N TRP C 305 18.79 28.14 2.25
CA TRP C 305 18.09 28.90 3.28
C TRP C 305 17.71 27.97 4.43
N ALA C 306 17.93 28.42 5.66
CA ALA C 306 17.45 27.71 6.85
C ALA C 306 15.96 27.91 6.91
N VAL C 307 15.24 27.01 7.57
CA VAL C 307 13.78 27.10 7.67
C VAL C 307 13.39 28.42 8.35
N ASN C 308 14.16 28.83 9.37
CA ASN C 308 13.90 30.12 10.05
C ASN C 308 14.14 31.41 9.26
N GLN C 309 14.69 31.28 8.07
CA GLN C 309 14.78 32.39 7.11
C GLN C 309 13.55 32.45 6.19
N LEU C 310 12.70 31.43 6.26
CA LEU C 310 11.52 31.36 5.40
C LEU C 310 10.32 31.93 6.11
N SER C 311 9.45 32.62 5.38
CA SER C 311 8.15 33.02 5.90
C SER C 311 7.33 31.77 6.27
N LEU C 312 6.20 31.99 6.91
CA LEU C 312 5.20 30.93 7.13
C LEU C 312 4.78 30.24 5.79
N SER C 313 4.52 31.05 4.77
CA SER C 313 4.17 30.53 3.46
C SER C 313 5.31 29.72 2.86
N GLY C 314 6.50 30.31 2.84
CA GLY C 314 7.68 29.65 2.31
C GLY C 314 8.02 28.34 2.94
N GLU C 315 7.93 28.27 4.26
CA GLU C 315 8.18 27.03 4.98
C GLU C 315 7.16 25.94 4.58
N TYR C 316 5.88 26.31 4.58
CA TYR C 316 4.80 25.41 4.14
C TYR C 316 4.99 24.91 2.70
N VAL C 317 5.22 25.82 1.76
CA VAL C 317 5.39 25.45 0.35
C VAL C 317 6.57 24.50 0.11
N ARG C 318 7.68 24.77 0.81
CA ARG C 318 8.86 23.92 0.70
C ARG C 318 8.52 22.50 1.13
N ALA C 319 7.82 22.36 2.25
CA ALA C 319 7.42 21.03 2.74
C ALA C 319 6.55 20.28 1.69
N ARG C 320 5.60 21.01 1.10
CA ARG C 320 4.69 20.50 0.07
C ARG C 320 5.38 20.17 -1.26
N ILE C 321 6.39 20.96 -1.66
CA ILE C 321 7.19 20.63 -2.85
C ILE C 321 7.95 19.32 -2.61
N LYS C 322 8.59 19.26 -1.44
CA LYS C 322 9.36 18.09 -1.02
C LYS C 322 8.50 16.84 -0.83
N GLY C 323 7.22 17.02 -0.47
CA GLY C 323 6.33 15.89 -0.14
C GLY C 323 6.58 15.28 1.22
N ILE C 324 7.13 16.08 2.15
CA ILE C 324 7.43 15.66 3.52
C ILE C 324 6.31 16.13 4.46
N PRO C 325 6.15 15.52 5.66
CA PRO C 325 5.16 16.06 6.61
C PRO C 325 5.40 17.54 6.92
N TYR C 326 4.33 18.29 7.12
CA TYR C 326 4.45 19.70 7.47
C TYR C 326 4.51 19.80 8.99
N LYS C 327 5.73 20.04 9.48
CA LYS C 327 5.99 20.20 10.89
C LYS C 327 6.70 21.55 11.06
N PRO C 328 5.92 22.63 11.28
CA PRO C 328 6.49 23.99 11.36
C PRO C 328 7.42 24.19 12.56
N ILE C 329 8.49 24.97 12.39
CA ILE C 329 9.34 25.46 13.50
C ILE C 329 8.55 26.48 14.34
N SER C 330 9.02 26.83 15.53
CA SER C 330 8.31 27.83 16.33
C SER C 330 8.69 29.27 15.95
N ARG C 331 7.75 30.19 16.21
CA ARG C 331 7.89 31.61 15.91
C ARG C 331 7.48 32.40 17.14
N MET D 1 10.73 -2.56 -10.63
CA MET D 1 12.04 -2.76 -11.29
C MET D 1 13.19 -2.50 -10.32
N VAL D 2 14.08 -3.48 -10.20
CA VAL D 2 15.31 -3.36 -9.41
C VAL D 2 16.28 -2.36 -10.08
N LYS D 3 17.02 -1.61 -9.26
CA LYS D 3 17.83 -0.45 -9.71
C LYS D 3 19.08 -0.76 -10.56
N LYS D 4 19.22 -0.02 -11.67
CA LYS D 4 20.39 -0.15 -12.58
C LYS D 4 21.61 0.68 -12.12
N PRO D 5 22.84 0.30 -12.57
CA PRO D 5 24.06 1.05 -12.17
C PRO D 5 23.99 2.56 -12.45
N SER D 6 23.30 2.94 -13.53
CA SER D 6 23.05 4.35 -13.86
C SER D 6 22.36 5.14 -12.75
N LEU D 7 21.47 4.50 -12.00
CA LEU D 7 20.82 5.12 -10.83
C LEU D 7 21.37 4.69 -9.45
N ALA D 8 21.99 3.51 -9.36
CA ALA D 8 22.50 3.03 -8.06
C ALA D 8 23.93 3.46 -7.74
N GLY D 9 24.74 3.61 -8.78
CA GLY D 9 26.15 3.98 -8.59
C GLY D 9 26.93 2.85 -7.96
N ARG D 10 27.89 3.23 -7.13
CA ARG D 10 28.77 2.25 -6.46
CA ARG D 10 28.75 2.24 -6.46
C ARG D 10 27.99 1.48 -5.38
N LEU D 11 28.10 0.16 -5.41
CA LEU D 11 27.49 -0.70 -4.39
C LEU D 11 28.40 -0.82 -3.19
N LYS D 12 27.83 -0.76 -1.99
CA LYS D 12 28.58 -1.00 -0.76
C LYS D 12 27.69 -1.66 0.32
N ILE D 13 28.30 -2.45 1.20
CA ILE D 13 27.60 -2.99 2.38
C ILE D 13 27.32 -1.82 3.33
N ILE D 14 26.03 -1.60 3.61
CA ILE D 14 25.55 -0.57 4.53
C ILE D 14 24.95 -1.21 5.81
N GLU D 15 24.87 -0.45 6.90
CA GLU D 15 24.14 -0.93 8.10
C GLU D 15 22.98 -0.03 8.47
N ILE D 16 21.78 -0.61 8.61
CA ILE D 16 20.57 0.09 8.97
C ILE D 16 19.87 -0.62 10.13
N ASP D 17 19.67 0.12 11.22
CA ASP D 17 19.09 -0.35 12.48
C ASP D 17 19.65 -1.69 12.94
N GLY D 18 20.98 -1.76 12.92
CA GLY D 18 21.70 -2.90 13.44
C GLY D 18 21.89 -4.04 12.45
N ARG D 19 21.35 -3.91 11.24
CA ARG D 19 21.48 -4.96 10.21
C ARG D 19 22.23 -4.53 8.92
N LYS D 20 23.20 -5.35 8.54
CA LYS D 20 23.99 -5.12 7.33
C LYS D 20 23.28 -5.69 6.12
N THR D 21 23.39 -4.97 5.01
CA THR D 21 22.82 -5.42 3.75
C THR D 21 23.52 -4.73 2.58
N LEU D 22 23.40 -5.29 1.37
CA LEU D 22 23.90 -4.64 0.15
C LEU D 22 23.15 -3.33 -0.07
N GLY D 23 23.90 -2.25 -0.21
CA GLY D 23 23.32 -0.93 -0.47
C GLY D 23 23.93 -0.22 -1.68
N ASP D 24 23.28 0.86 -2.10
CA ASP D 24 23.85 1.67 -3.18
C ASP D 24 24.70 2.88 -2.68
N GLN D 25 25.20 3.68 -3.62
CA GLN D 25 25.92 4.93 -3.33
C GLN D 25 25.14 5.92 -2.46
N HIS D 26 23.81 5.98 -2.62
CA HIS D 26 22.92 6.82 -1.79
C HIS D 26 22.68 6.29 -0.36
N GLY D 27 23.21 5.10 -0.06
CA GLY D 27 23.00 4.47 1.25
C GLY D 27 21.65 3.79 1.42
N ASN D 28 20.98 3.45 0.32
CA ASN D 28 19.71 2.71 0.38
C ASN D 28 19.92 1.22 0.11
N PRO D 29 19.14 0.33 0.80
CA PRO D 29 19.22 -1.09 0.44
C PRO D 29 18.86 -1.30 -1.04
N ILE D 30 19.61 -2.16 -1.73
CA ILE D 30 19.34 -2.55 -3.12
C ILE D 30 19.37 -4.08 -3.28
N GLN D 31 18.54 -4.61 -4.17
CA GLN D 31 18.64 -6.01 -4.61
C GLN D 31 19.05 -6.13 -6.09
N LEU D 32 20.06 -6.96 -6.36
CA LEU D 32 20.43 -7.33 -7.74
C LEU D 32 19.77 -8.64 -8.13
N ARG D 33 19.16 -8.67 -9.33
CA ARG D 33 18.48 -9.84 -9.89
C ARG D 33 18.87 -10.00 -11.36
N GLY D 34 19.41 -11.16 -11.73
CA GLY D 34 19.84 -11.37 -13.10
C GLY D 34 20.00 -12.81 -13.50
N MET D 35 20.88 -13.03 -14.48
CA MET D 35 21.13 -14.34 -15.08
CA MET D 35 21.12 -14.34 -15.06
C MET D 35 22.61 -14.62 -15.18
N SER D 36 22.97 -15.89 -15.10
CA SER D 36 24.34 -16.31 -15.34
C SER D 36 24.40 -16.93 -16.72
N THR D 37 25.49 -16.65 -17.42
CA THR D 37 25.81 -17.41 -18.63
C THR D 37 26.10 -18.86 -18.19
N HIS D 38 25.93 -19.82 -19.10
CA HIS D 38 26.52 -21.16 -18.96
C HIS D 38 28.04 -20.98 -19.19
N GLY D 39 28.82 -22.06 -19.14
CA GLY D 39 30.26 -21.99 -19.37
C GLY D 39 30.55 -21.29 -20.69
N LEU D 40 31.40 -20.26 -20.64
CA LEU D 40 31.67 -19.42 -21.80
C LEU D 40 32.48 -20.11 -22.92
N GLN D 41 33.19 -21.19 -22.60
CA GLN D 41 33.65 -22.14 -23.61
C GLN D 41 32.48 -22.84 -24.36
N TRP D 42 31.55 -23.46 -23.64
CA TRP D 42 30.41 -24.17 -24.27
C TRP D 42 29.29 -23.33 -24.90
N PHE D 43 29.03 -22.14 -24.38
CA PHE D 43 27.90 -21.31 -24.85
C PHE D 43 28.26 -19.83 -25.11
N PRO D 44 29.40 -19.54 -25.80
CA PRO D 44 29.88 -18.14 -25.90
C PRO D 44 28.97 -17.22 -26.73
N GLN D 45 28.07 -17.78 -27.51
CA GLN D 45 27.22 -16.97 -28.40
C GLN D 45 26.23 -16.06 -27.69
N ILE D 46 26.03 -16.28 -26.38
CA ILE D 46 25.23 -15.34 -25.55
C ILE D 46 25.91 -13.97 -25.42
N ILE D 47 27.23 -13.94 -25.59
CA ILE D 47 28.02 -12.70 -25.50
C ILE D 47 27.81 -11.93 -26.81
N ASN D 48 26.62 -11.36 -26.93
CA ASN D 48 26.23 -10.55 -28.07
C ASN D 48 25.38 -9.40 -27.59
N ASN D 49 25.44 -8.26 -28.26
CA ASN D 49 24.72 -7.06 -27.81
C ASN D 49 23.19 -7.17 -27.71
N ASN D 50 22.60 -7.90 -28.64
CA ASN D 50 21.14 -8.05 -28.69
C ASN D 50 20.61 -8.81 -27.49
N ALA D 51 21.34 -9.84 -27.07
CA ALA D 51 21.05 -10.64 -25.88
C ALA D 51 21.11 -9.80 -24.59
N PHE D 52 22.29 -9.21 -24.31
CA PHE D 52 22.47 -8.34 -23.14
C PHE D 52 21.50 -7.16 -23.12
N SER D 53 21.15 -6.65 -24.30
CA SER D 53 20.14 -5.59 -24.41
C SER D 53 18.77 -6.09 -23.96
N ALA D 54 18.42 -7.31 -24.41
CA ALA D 54 17.11 -7.91 -24.08
C ALA D 54 16.98 -8.20 -22.58
N LEU D 55 18.02 -8.77 -21.97
CA LEU D 55 18.04 -9.11 -20.52
C LEU D 55 17.90 -7.86 -19.63
N SER D 56 18.72 -6.85 -19.91
CA SER D 56 18.61 -5.53 -19.29
C SER D 56 17.27 -4.85 -19.51
N LYS D 57 16.78 -4.85 -20.75
CA LYS D 57 15.57 -4.08 -21.08
C LYS D 57 14.27 -4.82 -20.83
N ASP D 58 14.19 -6.05 -21.33
CA ASP D 58 12.92 -6.76 -21.30
C ASP D 58 12.75 -7.60 -20.04
N TRP D 59 13.81 -8.31 -19.65
CA TRP D 59 13.83 -9.12 -18.44
C TRP D 59 14.08 -8.25 -17.22
N GLU D 60 14.64 -7.05 -17.44
CA GLU D 60 14.84 -6.04 -16.38
C GLU D 60 15.89 -6.51 -15.36
N ALA D 61 16.86 -7.27 -15.84
CA ALA D 61 18.02 -7.65 -15.06
C ALA D 61 18.87 -6.41 -14.77
N ASN D 62 19.38 -6.33 -13.54
CA ASN D 62 20.41 -5.34 -13.26
C ASN D 62 21.76 -6.00 -13.05
N VAL D 63 21.86 -7.29 -13.34
CA VAL D 63 23.13 -8.00 -13.24
C VAL D 63 23.21 -9.16 -14.24
N ILE D 64 24.44 -9.47 -14.66
CA ILE D 64 24.68 -10.67 -15.44
C ILE D 64 26.01 -11.23 -15.00
N ARG D 65 26.11 -12.55 -15.01
CA ARG D 65 27.29 -13.18 -14.47
C ARG D 65 27.91 -13.93 -15.62
N LEU D 66 29.22 -13.75 -15.73
CA LEU D 66 29.98 -14.34 -16.79
C LEU D 66 30.76 -15.48 -16.23
N ALA D 67 30.22 -16.67 -16.45
CA ALA D 67 30.81 -17.92 -15.97
C ALA D 67 31.98 -18.41 -16.85
N MET D 68 33.19 -17.96 -16.54
CA MET D 68 34.36 -18.43 -17.25
C MET D 68 34.94 -19.69 -16.59
N TYR D 69 34.63 -20.86 -17.13
CA TYR D 69 35.21 -22.12 -16.66
C TYR D 69 36.72 -22.10 -16.81
N VAL D 70 37.42 -22.76 -15.87
CA VAL D 70 38.88 -22.91 -15.92
C VAL D 70 39.29 -24.32 -15.48
N THR D 77 40.33 -25.68 -21.24
CA THR D 77 40.04 -25.12 -22.56
C THR D 77 41.13 -24.09 -22.95
N ASP D 78 40.72 -23.05 -23.67
CA ASP D 78 41.64 -22.06 -24.22
C ASP D 78 41.73 -20.83 -23.31
N PRO D 79 42.93 -20.20 -23.20
CA PRO D 79 43.03 -18.85 -22.65
C PRO D 79 42.27 -17.78 -23.45
N SER D 80 41.88 -18.10 -24.69
CA SER D 80 41.07 -17.21 -25.55
C SER D 80 39.67 -16.91 -24.99
N VAL D 81 39.21 -17.77 -24.06
CA VAL D 81 37.94 -17.56 -23.31
C VAL D 81 37.93 -16.22 -22.56
N LYS D 82 39.12 -15.81 -22.12
CA LYS D 82 39.37 -14.52 -21.48
C LYS D 82 38.82 -13.35 -22.29
N GLU D 83 38.85 -13.48 -23.63
CA GLU D 83 38.36 -12.43 -24.56
C GLU D 83 36.84 -12.21 -24.53
N LYS D 84 36.08 -13.31 -24.40
CA LYS D 84 34.62 -13.23 -24.32
C LYS D 84 34.15 -12.57 -23.01
N VAL D 85 34.94 -12.78 -21.94
CA VAL D 85 34.74 -12.10 -20.64
C VAL D 85 34.86 -10.59 -20.83
N ILE D 86 35.94 -10.16 -21.50
CA ILE D 86 36.21 -8.74 -21.75
C ILE D 86 35.05 -8.08 -22.52
N GLU D 87 34.63 -8.74 -23.61
CA GLU D 87 33.52 -8.24 -24.42
CA GLU D 87 33.50 -8.34 -24.46
C GLU D 87 32.21 -8.26 -23.64
N GLY D 88 32.00 -9.29 -22.80
CA GLY D 88 30.86 -9.39 -21.89
C GLY D 88 30.82 -8.26 -20.87
N ILE D 89 31.97 -8.00 -20.23
CA ILE D 89 32.13 -6.81 -19.36
C ILE D 89 31.73 -5.54 -20.11
N ASN D 90 32.26 -5.40 -21.34
CA ASN D 90 31.94 -4.26 -22.22
C ASN D 90 30.47 -4.13 -22.55
N LEU D 91 29.87 -5.23 -23.03
CA LEU D 91 28.42 -5.30 -23.34
C LEU D 91 27.50 -5.03 -22.13
N ALA D 92 27.90 -5.50 -20.94
CA ALA D 92 27.18 -5.21 -19.70
C ALA D 92 27.19 -3.72 -19.30
N ILE D 93 28.38 -3.10 -19.34
CA ILE D 93 28.51 -1.66 -19.03
C ILE D 93 27.66 -0.90 -20.05
N LYS D 94 27.84 -1.23 -21.33
CA LYS D 94 27.09 -0.56 -22.37
C LYS D 94 25.57 -0.77 -22.26
N ASN D 95 25.14 -1.92 -21.72
CA ASN D 95 23.71 -2.16 -21.47
C ASN D 95 23.14 -1.88 -20.06
N ASP D 96 23.94 -1.18 -19.24
CA ASP D 96 23.48 -0.65 -17.92
C ASP D 96 23.12 -1.77 -16.91
N MET D 97 24.07 -2.66 -16.70
CA MET D 97 23.92 -3.81 -15.83
C MET D 97 25.20 -3.99 -15.05
N TYR D 98 25.07 -4.47 -13.81
CA TYR D 98 26.23 -4.92 -13.06
C TYR D 98 26.71 -6.21 -13.71
N VAL D 99 27.95 -6.57 -13.45
CA VAL D 99 28.53 -7.70 -14.11
C VAL D 99 29.42 -8.44 -13.15
N ILE D 100 29.14 -9.72 -13.02
CA ILE D 100 29.94 -10.54 -12.16
C ILE D 100 30.99 -11.27 -12.99
N VAL D 101 32.24 -11.08 -12.61
CA VAL D 101 33.34 -11.73 -13.27
C VAL D 101 33.63 -12.95 -12.42
N ASP D 102 33.23 -14.09 -12.95
CA ASP D 102 33.23 -15.34 -12.23
C ASP D 102 34.36 -16.24 -12.73
N TRP D 103 35.47 -16.25 -11.97
CA TRP D 103 36.46 -17.34 -12.04
C TRP D 103 35.74 -18.64 -11.61
N HIS D 104 35.24 -19.37 -12.61
CA HIS D 104 34.25 -20.47 -12.45
C HIS D 104 34.92 -21.82 -12.21
N ILE D 105 35.52 -21.93 -11.03
CA ILE D 105 36.08 -23.19 -10.57
C ILE D 105 34.94 -24.22 -10.39
N LEU D 106 35.23 -25.49 -10.72
CA LEU D 106 34.29 -26.60 -10.53
C LEU D 106 35.02 -27.94 -10.43
N ASN D 107 35.88 -28.23 -11.41
CA ASN D 107 36.77 -29.40 -11.40
C ASN D 107 38.18 -28.98 -11.86
N PRO D 108 39.20 -29.03 -10.99
CA PRO D 108 39.10 -29.53 -9.61
C PRO D 108 38.37 -28.57 -8.66
N GLY D 109 38.05 -29.07 -7.47
CA GLY D 109 37.28 -28.31 -6.48
C GLY D 109 38.05 -27.30 -5.66
N ASP D 110 39.38 -27.40 -5.71
CA ASP D 110 40.26 -26.52 -4.92
C ASP D 110 40.67 -25.27 -5.71
N PRO D 111 40.23 -24.06 -5.26
CA PRO D 111 40.61 -22.82 -5.98
C PRO D 111 42.13 -22.60 -6.06
N ASN D 112 42.91 -23.28 -5.20
CA ASN D 112 44.39 -23.28 -5.22
C ASN D 112 45.03 -24.26 -6.23
N ALA D 113 44.59 -25.54 -6.18
CA ALA D 113 45.22 -26.71 -6.86
C ALA D 113 45.74 -26.47 -8.27
N LYS D 114 47.06 -26.70 -8.43
CA LYS D 114 47.86 -26.39 -9.63
C LYS D 114 47.14 -25.80 -10.86
N ILE D 115 46.19 -26.56 -11.43
CA ILE D 115 45.38 -26.17 -12.61
C ILE D 115 44.73 -24.75 -12.57
N TYR D 116 44.44 -24.24 -11.37
CA TYR D 116 44.09 -22.82 -11.18
C TYR D 116 45.28 -21.99 -10.69
N SER D 117 46.23 -21.74 -11.59
CA SER D 117 47.38 -20.92 -11.27
C SER D 117 47.15 -19.42 -11.49
N GLY D 118 46.48 -19.06 -12.58
CA GLY D 118 46.47 -17.69 -13.06
C GLY D 118 45.33 -16.79 -12.63
N ALA D 119 44.64 -17.16 -11.54
CA ALA D 119 43.53 -16.34 -11.01
C ALA D 119 43.91 -14.90 -10.64
N LYS D 120 44.91 -14.71 -9.76
CA LYS D 120 45.30 -13.38 -9.26
C LYS D 120 45.75 -12.52 -10.42
N GLU D 121 46.56 -13.17 -11.28
CA GLU D 121 46.99 -12.71 -12.58
C GLU D 121 45.80 -12.29 -13.46
N PHE D 122 44.80 -13.18 -13.58
CA PHE D 122 43.58 -12.89 -14.33
C PHE D 122 42.83 -11.69 -13.77
N PHE D 123 42.62 -11.70 -12.44
CA PHE D 123 41.91 -10.61 -11.77
C PHE D 123 42.65 -9.27 -11.86
N LYS D 124 43.97 -9.31 -11.69
CA LYS D 124 44.86 -8.16 -11.96
C LYS D 124 44.60 -7.51 -13.34
N GLU D 125 44.55 -8.35 -14.39
CA GLU D 125 44.30 -7.90 -15.77
C GLU D 125 42.99 -7.17 -15.94
N ILE D 126 41.90 -7.81 -15.50
CA ILE D 126 40.56 -7.25 -15.61
C ILE D 126 40.46 -5.91 -14.85
N ALA D 127 40.96 -5.92 -13.61
CA ALA D 127 41.00 -4.73 -12.76
C ALA D 127 41.81 -3.59 -13.38
N SER D 128 42.96 -3.91 -14.00
CA SER D 128 43.78 -2.89 -14.67
C SER D 128 43.06 -2.28 -15.88
N LYS D 129 42.40 -3.13 -16.66
CA LYS D 129 41.62 -2.71 -17.83
C LYS D 129 40.41 -1.86 -17.44
N TYR D 130 39.87 -2.09 -16.24
CA TYR D 130 38.70 -1.36 -15.76
C TYR D 130 38.89 -0.87 -14.30
N PRO D 131 39.85 0.06 -14.06
CA PRO D 131 40.21 0.49 -12.70
C PRO D 131 39.03 1.08 -11.91
N ASN D 132 38.79 0.46 -10.75
CA ASN D 132 37.66 0.77 -9.86
C ASN D 132 36.33 1.04 -10.56
N ASP D 133 36.00 0.20 -11.53
CA ASP D 133 34.78 0.40 -12.32
C ASP D 133 33.59 -0.04 -11.48
N LEU D 134 32.58 0.83 -11.38
CA LEU D 134 31.45 0.58 -10.51
C LEU D 134 30.59 -0.62 -10.94
N HIS D 135 30.78 -1.04 -12.18
CA HIS D 135 29.94 -2.06 -12.80
C HIS D 135 30.33 -3.47 -12.40
N ILE D 136 31.60 -3.65 -12.10
CA ILE D 136 32.18 -4.98 -11.92
C ILE D 136 32.08 -5.44 -10.47
N ILE D 137 31.66 -6.70 -10.34
CA ILE D 137 31.70 -7.46 -9.11
C ILE D 137 32.63 -8.64 -9.36
N TYR D 138 33.60 -8.83 -8.48
CA TYR D 138 34.53 -9.95 -8.58
C TYR D 138 34.07 -11.12 -7.75
N GLU D 139 33.95 -12.30 -8.40
CA GLU D 139 33.64 -13.55 -7.73
C GLU D 139 34.82 -14.52 -7.89
N LEU D 140 35.51 -14.78 -6.79
CA LEU D 140 36.87 -15.31 -6.83
C LEU D 140 36.97 -16.81 -7.09
N ALA D 141 35.95 -17.54 -6.64
CA ALA D 141 35.90 -18.98 -6.84
C ALA D 141 34.43 -19.37 -6.79
N ASN D 142 33.86 -19.62 -7.98
CA ASN D 142 32.47 -20.13 -8.13
C ASN D 142 32.03 -21.09 -7.01
N GLU D 143 32.60 -22.30 -7.05
CA GLU D 143 32.19 -23.39 -6.18
C GLU D 143 33.38 -24.22 -5.70
N PRO D 144 34.09 -23.74 -4.65
CA PRO D 144 34.99 -24.63 -3.93
C PRO D 144 34.21 -25.87 -3.48
N ASN D 145 34.82 -27.05 -3.68
CA ASN D 145 34.14 -28.34 -3.47
C ASN D 145 35.15 -29.50 -3.34
N PRO D 146 34.72 -30.70 -2.84
CA PRO D 146 35.71 -31.77 -2.63
C PRO D 146 36.20 -32.56 -3.87
N THR D 147 35.67 -32.29 -5.06
CA THR D 147 36.06 -33.03 -6.28
C THR D 147 37.51 -32.75 -6.64
N GLU D 148 38.34 -33.80 -6.53
CA GLU D 148 39.80 -33.74 -6.80
C GLU D 148 40.47 -32.58 -6.04
N SER D 149 40.26 -32.56 -4.73
CA SER D 149 40.73 -31.47 -3.86
C SER D 149 40.64 -31.82 -2.38
N ASP D 150 41.24 -30.99 -1.53
CA ASP D 150 41.09 -31.12 -0.07
C ASP D 150 40.34 -29.95 0.58
N ILE D 151 39.45 -29.30 -0.19
CA ILE D 151 38.40 -28.40 0.33
C ILE D 151 37.37 -29.28 1.02
N THR D 152 37.55 -29.48 2.31
CA THR D 152 36.68 -30.31 3.11
C THR D 152 35.51 -29.44 3.58
N ASN D 153 34.43 -30.12 3.96
CA ASN D 153 33.19 -29.48 4.41
C ASN D 153 33.27 -29.06 5.88
N ASP D 154 34.18 -28.13 6.19
CA ASP D 154 34.48 -27.74 7.58
C ASP D 154 35.33 -26.49 7.60
N ILE D 155 35.73 -26.06 8.80
CA ILE D 155 36.56 -24.84 8.97
C ILE D 155 37.85 -24.89 8.16
N ALA D 156 38.50 -26.06 8.17
CA ALA D 156 39.78 -26.27 7.46
C ALA D 156 39.61 -26.02 5.96
N GLY D 157 38.51 -26.50 5.42
CA GLY D 157 38.13 -26.19 4.04
C GLY D 157 37.86 -24.71 3.80
N TRP D 158 37.13 -24.06 4.70
CA TRP D 158 36.95 -22.62 4.61
C TRP D 158 38.31 -21.88 4.66
N GLU D 159 39.23 -22.33 5.51
CA GLU D 159 40.52 -21.64 5.67
C GLU D 159 41.38 -21.65 4.39
N LYS D 160 41.37 -22.78 3.66
CA LYS D 160 42.05 -22.90 2.33
C LYS D 160 41.47 -21.93 1.32
N VAL D 161 40.15 -21.76 1.37
CA VAL D 161 39.46 -20.84 0.48
C VAL D 161 39.86 -19.42 0.81
N LYS D 162 39.93 -19.13 2.11
CA LYS D 162 40.29 -17.82 2.65
C LYS D 162 41.74 -17.47 2.27
N LYS D 163 42.69 -18.41 2.45
CA LYS D 163 44.10 -18.19 2.05
CA LYS D 163 44.08 -18.12 2.05
C LYS D 163 44.22 -17.87 0.55
N TYR D 164 43.38 -18.52 -0.27
CA TYR D 164 43.32 -18.25 -1.73
C TYR D 164 42.79 -16.83 -2.03
N ALA D 165 41.71 -16.46 -1.35
CA ALA D 165 40.98 -15.22 -1.63
C ALA D 165 41.71 -13.93 -1.19
N GLU D 166 42.39 -14.00 -0.06
CA GLU D 166 42.98 -12.82 0.57
C GLU D 166 44.06 -12.11 -0.26
N PRO D 167 45.04 -12.88 -0.82
CA PRO D 167 46.05 -12.29 -1.72
C PRO D 167 45.43 -11.58 -2.92
N ILE D 168 44.34 -12.15 -3.44
CA ILE D 168 43.62 -11.55 -4.54
C ILE D 168 42.88 -10.29 -4.09
N ILE D 169 42.26 -10.34 -2.90
CA ILE D 169 41.50 -9.21 -2.38
C ILE D 169 42.44 -8.01 -2.09
N LYS D 170 43.55 -8.27 -1.37
CA LYS D 170 44.52 -7.25 -0.99
CA LYS D 170 44.51 -7.23 -0.99
C LYS D 170 45.03 -6.52 -2.23
N MET D 171 45.48 -7.32 -3.21
CA MET D 171 45.96 -6.84 -4.49
C MET D 171 44.93 -5.92 -5.17
N LEU D 172 43.67 -6.35 -5.21
CA LEU D 172 42.59 -5.55 -5.81
C LEU D 172 42.39 -4.24 -5.07
N ARG D 173 42.41 -4.30 -3.74
CA ARG D 173 42.20 -3.12 -2.88
C ARG D 173 43.35 -2.13 -3.00
N ASP D 174 44.58 -2.64 -3.05
CA ASP D 174 45.81 -1.83 -3.19
C ASP D 174 45.82 -0.85 -4.39
N MET D 175 45.32 -1.31 -5.55
CA MET D 175 45.24 -0.52 -6.78
C MET D 175 43.99 0.35 -6.82
N GLY D 176 43.30 0.43 -5.68
CA GLY D 176 42.15 1.33 -5.53
C GLY D 176 40.80 0.78 -5.93
N ASN D 177 40.72 -0.54 -6.12
CA ASN D 177 39.47 -1.20 -6.50
C ASN D 177 38.57 -1.45 -5.29
N GLU D 178 37.48 -0.69 -5.24
CA GLU D 178 36.55 -0.74 -4.10
C GLU D 178 35.31 -1.57 -4.41
N ASN D 179 35.41 -2.44 -5.43
CA ASN D 179 34.29 -3.28 -5.90
C ASN D 179 33.76 -4.25 -4.80
N ILE D 180 32.48 -4.61 -4.88
CA ILE D 180 32.00 -5.80 -4.14
C ILE D 180 32.84 -7.00 -4.58
N ILE D 181 33.38 -7.74 -3.62
CA ILE D 181 34.00 -9.03 -3.89
C ILE D 181 33.17 -10.14 -3.19
N ILE D 182 32.74 -11.13 -3.98
CA ILE D 182 32.01 -12.30 -3.49
C ILE D 182 32.92 -13.54 -3.38
N VAL D 183 33.00 -14.13 -2.18
CA VAL D 183 33.84 -15.30 -1.97
C VAL D 183 33.00 -16.55 -1.78
N GLY D 184 33.32 -17.58 -2.55
CA GLY D 184 32.66 -18.88 -2.47
C GLY D 184 33.07 -19.58 -1.20
N ASN D 185 32.60 -20.80 -1.02
CA ASN D 185 32.83 -21.46 0.25
C ASN D 185 32.63 -22.95 0.05
N PRO D 186 32.94 -23.77 1.06
CA PRO D 186 32.92 -25.20 0.83
C PRO D 186 31.57 -25.84 0.40
N GLU D 187 31.67 -27.06 -0.10
CA GLU D 187 30.52 -27.88 -0.49
C GLU D 187 29.70 -27.18 -1.59
N TRP D 188 30.41 -26.67 -2.59
CA TRP D 188 29.80 -26.01 -3.77
C TRP D 188 29.08 -24.72 -3.37
N SER D 189 29.74 -23.94 -2.50
CA SER D 189 29.23 -22.65 -2.05
C SER D 189 27.86 -22.79 -1.37
N THR D 190 27.77 -23.79 -0.50
CA THR D 190 26.55 -24.01 0.31
C THR D 190 26.84 -23.72 1.80
N ARG D 191 28.05 -23.20 2.09
CA ARG D 191 28.54 -23.00 3.44
C ARG D 191 28.96 -21.56 3.76
N PRO D 192 28.11 -20.55 3.45
CA PRO D 192 28.51 -19.20 3.92
C PRO D 192 28.63 -19.09 5.48
N ASP D 193 28.02 -20.03 6.20
CA ASP D 193 28.10 -20.06 7.66
C ASP D 193 29.50 -20.35 8.18
N LEU D 194 30.30 -21.11 7.41
CA LEU D 194 31.68 -21.44 7.82
C LEU D 194 32.56 -20.21 8.00
N ALA D 195 32.27 -19.15 7.24
CA ALA D 195 32.98 -17.88 7.34
C ALA D 195 32.70 -17.11 8.63
N VAL D 196 31.59 -17.39 9.29
CA VAL D 196 31.32 -16.79 10.60
C VAL D 196 32.48 -17.02 11.59
N ASN D 197 33.08 -18.20 11.50
CA ASN D 197 34.18 -18.64 12.33
C ASN D 197 35.45 -17.79 12.17
N ASP D 198 35.59 -17.16 10.99
CA ASP D 198 36.76 -16.41 10.65
C ASP D 198 36.53 -15.62 9.37
N PRO D 199 35.78 -14.49 9.44
CA PRO D 199 35.40 -13.70 8.27
C PRO D 199 36.59 -12.99 7.66
N ILE D 200 36.46 -12.57 6.40
CA ILE D 200 37.44 -11.72 5.74
C ILE D 200 37.29 -10.28 6.29
N ASP D 201 38.41 -9.71 6.76
CA ASP D 201 38.41 -8.32 7.25
CA ASP D 201 38.44 -8.32 7.26
C ASP D 201 38.44 -7.32 6.09
N ASP D 202 37.29 -7.19 5.44
CA ASP D 202 37.09 -6.27 4.34
C ASP D 202 35.64 -5.85 4.39
N LYS D 203 35.40 -4.54 4.39
CA LYS D 203 34.05 -4.01 4.53
CA LYS D 203 34.06 -3.98 4.50
C LYS D 203 33.16 -4.27 3.29
N ASN D 204 33.75 -4.69 2.16
CA ASN D 204 32.97 -4.95 0.95
C ASN D 204 33.09 -6.39 0.39
N VAL D 205 33.37 -7.34 1.28
CA VAL D 205 33.37 -8.74 0.91
C VAL D 205 32.02 -9.36 1.29
N MET D 206 31.44 -10.10 0.34
CA MET D 206 30.21 -10.88 0.54
C MET D 206 30.50 -12.37 0.39
N TYR D 207 29.53 -13.19 0.77
CA TYR D 207 29.72 -14.62 0.75
C TYR D 207 28.65 -15.25 -0.15
N SER D 208 29.07 -16.17 -1.03
CA SER D 208 28.17 -16.83 -1.98
C SER D 208 27.27 -17.85 -1.25
N ALA D 209 26.05 -18.04 -1.75
CA ALA D 209 25.30 -19.28 -1.51
C ALA D 209 24.66 -19.76 -2.81
N HIS D 210 24.74 -21.06 -3.05
CA HIS D 210 24.10 -21.65 -4.23
C HIS D 210 23.03 -22.67 -3.84
N PHE D 211 21.96 -22.77 -4.62
CA PHE D 211 20.94 -23.82 -4.43
C PHE D 211 20.25 -24.19 -5.72
N TYR D 212 19.70 -25.40 -5.78
CA TYR D 212 18.88 -25.86 -6.88
C TYR D 212 17.57 -26.34 -6.29
N THR D 213 16.47 -25.77 -6.77
CA THR D 213 15.17 -25.94 -6.08
C THR D 213 14.57 -27.35 -6.17
N GLY D 214 15.14 -28.17 -7.04
CA GLY D 214 14.76 -29.57 -7.13
C GLY D 214 15.59 -30.47 -6.23
N SER D 215 16.61 -29.90 -5.59
CA SER D 215 17.54 -30.64 -4.72
C SER D 215 17.64 -30.04 -3.32
N ALA D 216 16.97 -28.91 -3.09
CA ALA D 216 17.07 -28.20 -1.80
C ALA D 216 15.77 -27.46 -1.52
N SER D 217 15.24 -27.62 -0.31
CA SER D 217 14.04 -26.89 0.13
C SER D 217 14.38 -25.91 1.26
N VAL D 218 13.65 -24.80 1.33
CA VAL D 218 13.86 -23.82 2.45
C VAL D 218 13.50 -24.54 3.75
N TRP D 219 12.38 -25.28 3.72
CA TRP D 219 11.89 -26.05 4.88
C TRP D 219 11.61 -27.51 4.49
N GLU D 220 11.99 -28.45 5.36
CA GLU D 220 11.57 -29.87 5.19
C GLU D 220 11.30 -30.56 6.48
N ASN D 221 10.13 -31.20 6.54
CA ASN D 221 9.69 -31.94 7.74
C ASN D 221 9.74 -31.13 9.01
N GLY D 222 9.51 -29.82 8.92
CA GLY D 222 9.47 -28.95 10.08
C GLY D 222 10.76 -28.22 10.31
N ASN D 223 11.84 -28.67 9.67
CA ASN D 223 13.16 -28.07 9.90
C ASN D 223 13.54 -27.16 8.75
N LYS D 224 14.28 -26.09 9.04
CA LYS D 224 14.89 -25.30 8.02
C LYS D 224 15.89 -26.20 7.26
N GLY D 225 15.88 -26.19 5.93
CA GLY D 225 16.88 -27.03 5.19
C GLY D 225 18.32 -26.59 5.43
N HIS D 226 19.28 -27.45 5.11
CA HIS D 226 20.71 -27.17 5.38
CA HIS D 226 20.68 -27.14 5.43
C HIS D 226 21.16 -25.87 4.75
N ILE D 227 20.90 -25.71 3.44
CA ILE D 227 21.40 -24.50 2.77
C ILE D 227 20.75 -23.24 3.33
N ALA D 228 19.43 -23.25 3.48
CA ALA D 228 18.73 -22.07 3.99
C ALA D 228 19.19 -21.74 5.40
N ARG D 229 19.41 -22.75 6.24
CA ARG D 229 19.87 -22.44 7.59
C ARG D 229 21.33 -21.95 7.63
N ASN D 230 22.15 -22.46 6.73
CA ASN D 230 23.55 -21.96 6.60
C ASN D 230 23.56 -20.49 6.18
N ILE D 231 22.67 -20.15 5.24
CA ILE D 231 22.42 -18.74 4.90
C ILE D 231 22.00 -17.93 6.15
N GLU D 232 20.99 -18.42 6.87
CA GLU D 232 20.51 -17.73 8.07
C GLU D 232 21.63 -17.50 9.09
N LYS D 233 22.45 -18.53 9.34
CA LYS D 233 23.56 -18.45 10.29
CA LYS D 233 23.55 -18.44 10.31
C LYS D 233 24.56 -17.35 9.91
N ALA D 234 24.90 -17.27 8.63
CA ALA D 234 25.82 -16.24 8.18
C ALA D 234 25.14 -14.86 8.42
N LEU D 235 23.84 -14.76 8.10
CA LEU D 235 23.12 -13.49 8.22
C LEU D 235 23.03 -13.05 9.67
N GLU D 236 22.73 -13.98 10.56
CA GLU D 236 22.52 -13.63 12.00
C GLU D 236 23.80 -13.20 12.66
N ASN D 237 24.91 -13.55 12.03
CA ASN D 237 26.21 -13.29 12.61
C ASN D 237 26.94 -12.17 11.90
N GLY D 238 26.20 -11.35 11.18
CA GLY D 238 26.74 -10.12 10.64
C GLY D 238 27.45 -10.22 9.30
N LEU D 239 27.29 -11.35 8.61
CA LEU D 239 27.78 -11.48 7.23
C LEU D 239 26.66 -11.14 6.23
N THR D 240 27.02 -10.81 5.00
CA THR D 240 26.03 -10.67 3.93
C THR D 240 26.22 -11.75 2.84
N VAL D 241 25.09 -12.17 2.26
CA VAL D 241 25.04 -13.29 1.32
C VAL D 241 24.53 -12.79 -0.04
N PHE D 242 25.16 -13.27 -1.10
CA PHE D 242 24.77 -12.98 -2.48
C PHE D 242 24.62 -14.34 -3.19
N VAL D 243 23.46 -14.60 -3.77
CA VAL D 243 23.22 -15.90 -4.41
C VAL D 243 23.72 -15.73 -5.88
N THR D 244 24.96 -16.12 -6.12
CA THR D 244 25.55 -15.93 -7.45
C THR D 244 25.11 -17.02 -8.42
N GLU D 245 24.48 -18.09 -7.93
CA GLU D 245 24.00 -19.18 -8.81
C GLU D 245 22.92 -19.98 -8.11
N TRP D 246 21.72 -19.95 -8.67
CA TRP D 246 20.68 -20.92 -8.30
C TRP D 246 19.91 -21.41 -9.53
N GLY D 247 19.40 -22.64 -9.47
CA GLY D 247 18.53 -23.16 -10.52
C GLY D 247 17.17 -23.67 -10.07
N THR D 248 16.25 -23.78 -11.03
CA THR D 248 14.90 -24.30 -10.84
C THR D 248 14.87 -25.82 -11.01
N SER D 249 16.03 -26.37 -11.39
CA SER D 249 16.17 -27.77 -11.69
C SER D 249 16.75 -28.46 -10.45
N GLU D 250 17.10 -29.73 -10.61
CA GLU D 250 17.93 -30.43 -9.62
C GLU D 250 19.38 -29.93 -9.77
N ALA D 251 20.23 -30.32 -8.82
CA ALA D 251 21.64 -29.97 -8.81
C ALA D 251 22.41 -30.47 -10.04
N SER D 252 21.86 -31.39 -10.82
CA SER D 252 22.46 -31.78 -12.12
C SER D 252 22.37 -30.67 -13.18
N GLY D 253 21.44 -29.71 -12.99
CA GLY D 253 21.11 -28.76 -14.03
C GLY D 253 19.87 -29.20 -14.82
N ASP D 254 19.32 -30.38 -14.49
CA ASP D 254 18.14 -30.87 -15.21
C ASP D 254 17.08 -31.37 -14.21
N GLY D 255 15.90 -31.71 -14.70
CA GLY D 255 14.79 -32.18 -13.85
C GLY D 255 13.87 -31.02 -13.53
N GLY D 256 12.58 -31.31 -13.41
CA GLY D 256 11.56 -30.30 -13.19
C GLY D 256 11.24 -29.46 -14.42
N PRO D 257 11.10 -28.13 -14.30
CA PRO D 257 11.52 -27.34 -13.12
C PRO D 257 10.65 -27.49 -11.89
N TYR D 258 11.15 -26.98 -10.78
CA TYR D 258 10.49 -27.14 -9.48
C TYR D 258 10.10 -25.76 -9.03
N LEU D 259 8.95 -25.30 -9.51
CA LEU D 259 8.60 -23.88 -9.46
C LEU D 259 7.94 -23.42 -8.16
N ASN D 260 7.18 -24.32 -7.51
CA ASN D 260 6.62 -24.08 -6.19
CA ASN D 260 6.62 -24.07 -6.18
C ASN D 260 7.74 -23.91 -5.16
N GLU D 261 8.74 -24.80 -5.22
CA GLU D 261 9.94 -24.66 -4.38
C GLU D 261 10.71 -23.35 -4.69
N ALA D 262 10.79 -22.96 -5.96
CA ALA D 262 11.41 -21.69 -6.37
C ALA D 262 10.71 -20.51 -5.72
N ASP D 263 9.38 -20.58 -5.61
CA ASP D 263 8.61 -19.50 -5.00
C ASP D 263 9.06 -19.29 -3.57
N GLU D 264 9.22 -20.40 -2.86
CA GLU D 264 9.62 -20.37 -1.45
C GLU D 264 11.03 -19.87 -1.26
N TRP D 265 11.96 -20.33 -2.09
CA TRP D 265 13.32 -19.79 -2.09
C TRP D 265 13.35 -18.30 -2.34
N LEU D 266 12.59 -17.85 -3.34
CA LEU D 266 12.63 -16.44 -3.73
C LEU D 266 12.00 -15.51 -2.70
N GLU D 267 10.93 -15.99 -2.04
CA GLU D 267 10.37 -15.29 -0.88
C GLU D 267 11.40 -15.14 0.24
N PHE D 268 12.08 -16.24 0.55
CA PHE D 268 13.14 -16.26 1.55
C PHE D 268 14.27 -15.28 1.19
N LEU D 269 14.68 -15.26 -0.07
CA LEU D 269 15.76 -14.34 -0.49
C LEU D 269 15.31 -12.86 -0.48
N ASN D 270 14.14 -12.59 -1.08
CA ASN D 270 13.61 -11.20 -1.13
C ASN D 270 13.36 -10.64 0.24
N SER D 271 12.79 -11.45 1.15
CA SER D 271 12.55 -10.97 2.51
C SER D 271 13.83 -10.67 3.31
N ASN D 272 14.96 -11.21 2.87
CA ASN D 272 16.26 -10.92 3.50
C ASN D 272 17.13 -10.00 2.67
N ASN D 273 16.59 -9.48 1.57
CA ASN D 273 17.36 -8.63 0.64
C ASN D 273 18.63 -9.29 0.11
N ILE D 274 18.48 -10.54 -0.31
CA ILE D 274 19.57 -11.28 -0.86
C ILE D 274 19.40 -11.17 -2.39
N SER D 275 20.46 -10.67 -3.02
CA SER D 275 20.55 -10.59 -4.47
C SER D 275 20.72 -11.99 -5.06
N TRP D 276 20.28 -12.18 -6.32
CA TRP D 276 20.26 -13.50 -6.91
C TRP D 276 20.41 -13.53 -8.43
N VAL D 277 21.06 -14.58 -8.91
CA VAL D 277 21.42 -14.75 -10.30
C VAL D 277 21.03 -16.18 -10.66
N ASN D 278 20.16 -16.32 -11.66
CA ASN D 278 19.67 -17.65 -12.08
C ASN D 278 20.56 -18.34 -13.12
N TRP D 279 20.75 -19.65 -12.95
CA TRP D 279 21.44 -20.50 -13.91
C TRP D 279 20.43 -21.24 -14.82
N SER D 280 20.52 -21.12 -16.15
CA SER D 280 21.58 -20.41 -16.92
C SER D 280 21.03 -19.88 -18.25
N LEU D 281 21.86 -19.10 -18.95
CA LEU D 281 21.53 -18.50 -20.28
C LEU D 281 21.86 -19.40 -21.48
N ALA D 282 21.68 -20.71 -21.31
CA ALA D 282 21.94 -21.69 -22.34
C ALA D 282 20.67 -22.09 -23.07
N ASN D 283 20.82 -22.76 -24.21
CA ASN D 283 19.71 -23.44 -24.88
C ASN D 283 19.97 -24.95 -24.90
N LYS D 284 20.79 -25.38 -23.95
CA LYS D 284 21.02 -26.81 -23.70
C LYS D 284 19.68 -27.48 -23.41
N ASN D 285 19.56 -28.74 -23.77
CA ASN D 285 18.33 -29.48 -23.48
C ASN D 285 18.34 -30.00 -22.04
N GLU D 286 18.16 -29.08 -21.09
CA GLU D 286 18.13 -29.37 -19.66
C GLU D 286 17.18 -28.37 -19.01
N ALA D 287 16.41 -28.82 -18.02
CA ALA D 287 15.41 -27.97 -17.35
C ALA D 287 15.88 -26.59 -16.84
N SER D 288 17.12 -26.46 -16.37
CA SER D 288 17.62 -25.16 -15.88
C SER D 288 17.89 -24.10 -16.95
N ALA D 289 18.18 -24.55 -18.18
CA ALA D 289 18.45 -23.64 -19.30
C ALA D 289 17.24 -22.73 -19.57
N ALA D 290 17.48 -21.43 -19.64
CA ALA D 290 16.39 -20.46 -19.86
C ALA D 290 15.68 -20.50 -21.26
N PHE D 291 16.37 -21.07 -22.25
CA PHE D 291 15.88 -21.05 -23.65
C PHE D 291 15.62 -22.43 -24.18
N LEU D 292 14.57 -22.56 -25.01
CA LEU D 292 14.30 -23.81 -25.72
C LEU D 292 15.48 -24.24 -26.62
N PRO D 293 15.66 -25.57 -26.85
CA PRO D 293 16.80 -26.01 -27.66
C PRO D 293 16.84 -25.42 -29.11
N THR D 294 15.71 -24.93 -29.59
CA THR D 294 15.60 -24.39 -30.93
C THR D 294 15.67 -22.85 -30.90
N THR D 295 15.85 -22.29 -29.70
CA THR D 295 15.97 -20.84 -29.54
C THR D 295 17.44 -20.37 -29.72
N SER D 296 17.63 -19.38 -30.58
CA SER D 296 18.94 -18.76 -30.78
C SER D 296 19.30 -17.90 -29.56
N LEU D 297 20.58 -17.90 -29.18
CA LEU D 297 21.04 -17.06 -28.06
C LEU D 297 21.33 -15.62 -28.47
N ASP D 298 21.11 -15.32 -29.75
CA ASP D 298 21.06 -13.96 -30.28
C ASP D 298 19.64 -13.78 -30.79
N PRO D 299 18.83 -12.93 -30.11
CA PRO D 299 17.41 -12.80 -30.49
C PRO D 299 17.16 -11.93 -31.72
N GLY D 300 18.21 -11.34 -32.29
CA GLY D 300 18.10 -10.46 -33.46
C GLY D 300 18.20 -9.00 -33.08
N ASN D 301 18.59 -8.17 -34.05
CA ASN D 301 18.73 -6.71 -33.88
C ASN D 301 17.41 -6.04 -33.53
N GLY D 302 17.40 -5.23 -32.47
CA GLY D 302 16.18 -4.65 -31.90
C GLY D 302 15.12 -5.62 -31.42
N LYS D 303 15.50 -6.88 -31.25
CA LYS D 303 14.55 -7.94 -30.88
C LYS D 303 14.85 -8.57 -29.51
N VAL D 304 13.79 -9.05 -28.88
CA VAL D 304 13.84 -9.83 -27.65
C VAL D 304 13.43 -11.27 -27.97
N TRP D 305 13.72 -12.22 -27.08
CA TRP D 305 13.12 -13.56 -27.22
C TRP D 305 11.65 -13.46 -26.81
N ALA D 306 10.77 -14.08 -27.59
CA ALA D 306 9.36 -14.20 -27.23
C ALA D 306 9.26 -15.16 -26.05
N VAL D 307 8.24 -14.99 -25.21
CA VAL D 307 7.99 -15.90 -24.09
C VAL D 307 7.97 -17.38 -24.52
N ASN D 308 7.34 -17.71 -25.66
CA ASN D 308 7.29 -19.10 -26.15
C ASN D 308 8.63 -19.66 -26.69
N GLN D 309 9.63 -18.79 -26.83
CA GLN D 309 11.00 -19.23 -27.10
C GLN D 309 11.75 -19.64 -25.81
N LEU D 310 11.17 -19.30 -24.66
CA LEU D 310 11.76 -19.59 -23.34
C LEU D 310 11.26 -20.93 -22.79
N SER D 311 12.15 -21.67 -22.10
CA SER D 311 11.75 -22.88 -21.35
C SER D 311 10.75 -22.47 -20.27
N LEU D 312 10.12 -23.45 -19.61
CA LEU D 312 9.29 -23.19 -18.43
C LEU D 312 10.09 -22.44 -17.33
N SER D 313 11.33 -22.85 -17.11
CA SER D 313 12.22 -22.16 -16.15
C SER D 313 12.49 -20.71 -16.57
N GLY D 314 12.96 -20.52 -17.81
CA GLY D 314 13.29 -19.19 -18.36
C GLY D 314 12.17 -18.19 -18.26
N GLU D 315 10.97 -18.65 -18.59
CA GLU D 315 9.77 -17.85 -18.46
C GLU D 315 9.50 -17.45 -17.01
N TYR D 316 9.55 -18.42 -16.11
CA TYR D 316 9.39 -18.19 -14.67
C TYR D 316 10.41 -17.17 -14.12
N VAL D 317 11.70 -17.40 -14.39
CA VAL D 317 12.77 -16.52 -13.86
C VAL D 317 12.63 -15.09 -14.41
N ARG D 318 12.26 -14.97 -15.69
CA ARG D 318 12.02 -13.67 -16.31
C ARG D 318 10.95 -12.89 -15.55
N ALA D 319 9.81 -13.52 -15.27
CA ALA D 319 8.74 -12.86 -14.50
C ALA D 319 9.24 -12.41 -13.11
N ARG D 320 10.01 -13.27 -12.45
CA ARG D 320 10.55 -12.98 -11.11
C ARG D 320 11.63 -11.90 -11.11
N ILE D 321 12.48 -11.86 -12.15
CA ILE D 321 13.49 -10.79 -12.29
C ILE D 321 12.75 -9.45 -12.43
N LYS D 322 11.72 -9.44 -13.29
CA LYS D 322 10.84 -8.27 -13.51
C LYS D 322 10.03 -7.90 -12.28
N GLY D 323 9.63 -8.91 -11.52
CA GLY D 323 8.76 -8.71 -10.37
C GLY D 323 7.30 -8.61 -10.74
N ILE D 324 6.92 -9.24 -11.84
CA ILE D 324 5.53 -9.27 -12.29
C ILE D 324 4.86 -10.59 -11.84
N PRO D 325 3.52 -10.64 -11.74
CA PRO D 325 2.97 -11.97 -11.37
C PRO D 325 3.29 -13.04 -12.41
N TYR D 326 3.46 -14.28 -11.95
CA TYR D 326 3.75 -15.39 -12.85
C TYR D 326 2.47 -16.04 -13.35
N LYS D 327 2.19 -15.83 -14.63
CA LYS D 327 1.02 -16.40 -15.30
C LYS D 327 1.58 -17.11 -16.52
N PRO D 328 1.80 -18.44 -16.39
CA PRO D 328 2.44 -19.16 -17.50
C PRO D 328 1.50 -19.24 -18.71
N ILE D 329 2.07 -19.15 -19.92
CA ILE D 329 1.33 -19.30 -21.19
C ILE D 329 0.81 -20.73 -21.34
N SER D 330 -0.21 -20.90 -22.18
CA SER D 330 -0.64 -22.22 -22.62
C SER D 330 0.45 -22.81 -23.49
N ARG D 331 0.82 -24.06 -23.23
CA ARG D 331 1.86 -24.73 -24.00
C ARG D 331 1.31 -25.69 -25.07
N GLU D 332 -0.01 -25.75 -25.20
CA GLU D 332 -0.71 -26.53 -26.22
C GLU D 332 -1.64 -25.61 -27.00
N THR D 333 -1.67 -25.81 -28.32
CA THR D 333 -2.61 -25.11 -29.24
C THR D 333 -2.89 -25.97 -30.48
N MET D 334 -4.17 -25.99 -30.89
CA MET D 334 -4.62 -26.73 -32.07
C MET D 334 -5.61 -25.93 -32.91
#